data_5B1I
#
_entry.id   5B1I
#
_cell.length_a   165.940
_cell.length_b   165.940
_cell.length_c   259.490
_cell.angle_alpha   90.00
_cell.angle_beta   90.00
_cell.angle_gamma   90.00
#
_symmetry.space_group_name_H-M   'P 43 21 2'
#
loop_
_entity.id
_entity.type
_entity.pdbx_description
1 polymer 'Cystathionine beta-synthase'
2 non-polymer N-[(3-HYDROXY-2-METHYL-5-{[(TRIHYDROXYPHOSPHORANYL)OXY]METHYL}PYRIDIN-4-YL)METHYLENE]METHIONINE
3 non-polymer 'SULFATE ION'
#
_entity_poly.entity_id   1
_entity_poly.type   'polypeptide(L)'
_entity_poly.pdbx_seq_one_letter_code
;MLIQHVQELIGHTPLMALPIEVPNHSHIYAKLEMFNPGGSIADRLGAYLIEDGLQRGRVNAKTTIIEPTAGNTGIGLALA
TQAHHLRTILVVPEKFSMEKQVLMQALGAEIVHTPSEEGIKGAIRKAEALAATISNSYVPMQFKNPANPAAYYHTLAPEI
LADMPAPITAFVAGAGSGGTFAGVAAYLQAQDSATKAVVVEPEGSILNGGPAHAHRTEGIGVEFIPPFFDQVRIDQTLTI
ADNDAFAQVRHLARDHGLLIGSSSGAALAASLQLATNLPANSHIVTIFPDSSERYLSQKIYTKLEHHHHHH
;
_entity_poly.pdbx_strand_id   A,B,C,D,E,F,G,H
#
# COMPACT_ATOMS: atom_id res chain seq x y z
N MET A 1 3.59 5.14 -15.60
CA MET A 1 3.83 6.45 -14.93
C MET A 1 5.13 7.10 -15.43
N LEU A 2 5.09 8.38 -15.75
CA LEU A 2 6.29 9.09 -16.21
C LEU A 2 6.80 10.07 -15.18
N ILE A 3 8.05 9.89 -14.74
CA ILE A 3 8.61 10.79 -13.75
C ILE A 3 9.84 11.53 -14.26
N GLN A 4 10.08 12.70 -13.67
CA GLN A 4 11.20 13.57 -14.03
C GLN A 4 12.35 13.43 -13.06
N HIS A 5 12.02 13.33 -11.78
CA HIS A 5 12.98 13.18 -10.70
C HIS A 5 12.62 12.01 -9.81
N VAL A 6 13.60 11.46 -9.13
CA VAL A 6 13.37 10.32 -8.27
C VAL A 6 12.48 10.64 -7.07
N GLN A 7 12.45 11.90 -6.65
CA GLN A 7 11.64 12.31 -5.50
C GLN A 7 10.15 12.01 -5.68
N GLU A 8 9.71 11.92 -6.93
CA GLU A 8 8.32 11.64 -7.25
C GLU A 8 7.84 10.26 -6.76
N LEU A 9 8.77 9.32 -6.65
CA LEU A 9 8.44 7.96 -6.24
C LEU A 9 8.33 7.76 -4.71
N ILE A 10 8.57 8.82 -3.94
CA ILE A 10 8.48 8.74 -2.48
C ILE A 10 7.02 8.63 -2.05
N GLY A 11 6.71 7.66 -1.20
CA GLY A 11 5.36 7.48 -0.74
C GLY A 11 4.47 6.80 -1.76
N HIS A 12 3.21 6.59 -1.41
CA HIS A 12 2.26 5.94 -2.30
C HIS A 12 2.71 4.51 -2.49
N THR A 13 3.17 3.96 -1.36
CA THR A 13 3.66 2.59 -1.25
C THR A 13 2.48 1.64 -1.11
N PRO A 14 2.64 0.40 -1.59
CA PRO A 14 1.56 -0.58 -1.50
C PRO A 14 1.23 -1.06 -0.08
N LEU A 15 -0.03 -1.43 0.13
CA LEU A 15 -0.53 -1.96 1.40
C LEU A 15 -0.91 -3.39 1.03
N MET A 16 -0.26 -4.35 1.68
CA MET A 16 -0.49 -5.75 1.36
C MET A 16 -1.16 -6.55 2.44
N ALA A 17 -2.17 -7.30 2.02
CA ALA A 17 -2.91 -8.14 2.94
C ALA A 17 -2.16 -9.47 3.01
N LEU A 18 -1.15 -9.51 3.88
CA LEU A 18 -0.32 -10.68 4.07
C LEU A 18 -1.12 -11.98 4.02
N PRO A 19 -0.89 -12.82 3.00
CA PRO A 19 -1.57 -14.11 2.84
C PRO A 19 -1.06 -15.14 3.83
N ILE A 20 -1.10 -14.79 5.11
CA ILE A 20 -0.61 -15.68 6.16
C ILE A 20 -1.65 -16.09 7.21
N GLU A 21 -1.28 -17.07 8.03
CA GLU A 21 -2.14 -17.55 9.10
C GLU A 21 -2.14 -16.56 10.27
N VAL A 22 -3.31 -16.01 10.55
CA VAL A 22 -3.46 -15.06 11.64
C VAL A 22 -4.43 -15.63 12.69
N PRO A 23 -4.06 -15.55 13.99
CA PRO A 23 -4.92 -16.07 15.05
C PRO A 23 -6.33 -15.45 15.02
N ASN A 24 -7.29 -16.17 15.59
CA ASN A 24 -8.67 -15.71 15.64
C ASN A 24 -9.17 -15.28 14.27
N HIS A 25 -8.43 -15.72 13.25
CA HIS A 25 -8.78 -15.46 11.86
C HIS A 25 -9.11 -14.02 11.54
N SER A 26 -8.15 -13.15 11.88
CA SER A 26 -8.21 -11.72 11.64
C SER A 26 -7.21 -11.45 10.50
N HIS A 27 -7.05 -10.18 10.11
CA HIS A 27 -6.14 -9.84 9.02
C HIS A 27 -5.12 -8.74 9.31
N ILE A 28 -3.84 -9.01 9.00
CA ILE A 28 -2.79 -8.02 9.20
C ILE A 28 -2.38 -7.37 7.89
N TYR A 29 -2.36 -6.05 7.86
CA TYR A 29 -2.01 -5.32 6.67
C TYR A 29 -0.70 -4.60 6.86
N ALA A 30 0.23 -4.80 5.94
CA ALA A 30 1.51 -4.14 6.06
C ALA A 30 1.79 -3.18 4.88
N LYS A 31 2.40 -2.05 5.21
CA LYS A 31 2.77 -1.04 4.23
C LYS A 31 4.24 -1.33 3.85
N LEU A 32 4.45 -1.72 2.59
CA LEU A 32 5.79 -2.04 2.11
C LEU A 32 6.58 -0.79 1.75
N GLU A 33 7.08 -0.12 2.77
CA GLU A 33 7.86 1.11 2.62
C GLU A 33 9.19 0.95 1.90
N MET A 34 9.63 -0.29 1.73
CA MET A 34 10.89 -0.53 1.06
C MET A 34 10.84 -0.16 -0.42
N PHE A 35 9.64 0.12 -0.92
CA PHE A 35 9.50 0.50 -2.32
C PHE A 35 9.76 1.97 -2.60
N ASN A 36 10.25 2.68 -1.59
CA ASN A 36 10.59 4.09 -1.74
C ASN A 36 11.87 4.13 -2.53
N PRO A 37 12.17 5.29 -3.14
CA PRO A 37 13.40 5.43 -3.94
C PRO A 37 14.65 5.01 -3.16
N GLY A 38 14.74 5.44 -1.90
CA GLY A 38 15.86 5.11 -1.05
C GLY A 38 15.73 3.76 -0.38
N GLY A 39 14.61 3.08 -0.62
CA GLY A 39 14.40 1.77 -0.04
C GLY A 39 13.95 1.67 1.41
N SER A 40 13.49 2.79 1.96
CA SER A 40 13.02 2.82 3.35
C SER A 40 11.95 3.87 3.58
N ILE A 41 11.12 3.63 4.59
CA ILE A 41 10.07 4.57 4.95
C ILE A 41 10.72 5.93 5.24
N ALA A 42 11.99 5.93 5.62
CA ALA A 42 12.73 7.14 5.95
C ALA A 42 12.81 8.19 4.83
N ASP A 43 12.59 7.76 3.59
CA ASP A 43 12.64 8.71 2.47
C ASP A 43 11.68 9.86 2.72
N ARG A 44 10.48 9.52 3.18
CA ARG A 44 9.43 10.49 3.49
C ARG A 44 9.96 11.48 4.49
N LEU A 45 10.37 10.97 5.65
CA LEU A 45 10.91 11.80 6.73
C LEU A 45 11.95 12.78 6.19
N GLY A 46 12.93 12.24 5.48
CA GLY A 46 13.99 13.06 4.94
C GLY A 46 13.55 14.28 4.17
N ALA A 47 12.71 14.06 3.16
CA ALA A 47 12.23 15.15 2.33
C ALA A 47 11.53 16.17 3.19
N TYR A 48 10.66 15.67 4.07
CA TYR A 48 9.88 16.51 4.97
C TYR A 48 10.75 17.38 5.89
N LEU A 49 11.74 16.75 6.52
CA LEU A 49 12.62 17.49 7.42
C LEU A 49 13.27 18.66 6.70
N ILE A 50 13.80 18.41 5.52
CA ILE A 50 14.47 19.45 4.74
C ILE A 50 13.46 20.51 4.34
N GLU A 51 12.24 20.09 4.02
CA GLU A 51 11.21 21.04 3.63
C GLU A 51 10.93 21.93 4.81
N ASP A 52 10.69 21.31 5.97
CA ASP A 52 10.41 22.05 7.20
C ASP A 52 11.58 22.97 7.49
N GLY A 53 12.79 22.45 7.33
CA GLY A 53 13.97 23.26 7.57
C GLY A 53 14.02 24.50 6.71
N LEU A 54 13.51 24.40 5.48
CA LEU A 54 13.50 25.52 4.57
C LEU A 54 12.42 26.53 4.93
N GLN A 55 11.19 26.04 5.09
CA GLN A 55 10.06 26.88 5.43
C GLN A 55 10.26 27.64 6.73
N ARG A 56 10.98 27.05 7.68
CA ARG A 56 11.22 27.72 8.96
C ARG A 56 12.44 28.65 8.87
N GLY A 57 12.89 28.91 7.65
CA GLY A 57 14.04 29.78 7.43
C GLY A 57 15.31 29.40 8.18
N ARG A 58 15.44 28.12 8.54
CA ARG A 58 16.61 27.63 9.27
C ARG A 58 17.67 27.00 8.38
N VAL A 59 17.41 26.97 7.07
CA VAL A 59 18.35 26.39 6.11
C VAL A 59 18.43 27.24 4.86
N ASN A 60 19.64 27.45 4.37
CA ASN A 60 19.84 28.22 3.15
C ASN A 60 20.81 27.52 2.21
N ALA A 61 21.02 28.11 1.04
CA ALA A 61 21.89 27.53 0.00
C ALA A 61 23.19 26.90 0.47
N LYS A 62 23.94 27.61 1.32
CA LYS A 62 25.22 27.11 1.80
C LYS A 62 25.19 26.42 3.18
N THR A 63 24.00 26.22 3.73
CA THR A 63 23.87 25.56 5.03
C THR A 63 24.44 24.13 4.99
N THR A 64 24.90 23.66 6.14
CA THR A 64 25.45 22.31 6.24
C THR A 64 24.56 21.48 7.15
N ILE A 65 23.76 20.61 6.56
CA ILE A 65 22.87 19.75 7.31
C ILE A 65 23.67 18.69 8.05
N ILE A 66 23.42 18.59 9.35
CA ILE A 66 24.10 17.62 10.18
C ILE A 66 23.03 16.87 10.92
N GLU A 67 23.10 15.54 10.92
CA GLU A 67 22.08 14.76 11.59
C GLU A 67 22.51 13.39 12.03
N PRO A 68 22.08 13.00 13.22
CA PRO A 68 22.46 11.67 13.70
C PRO A 68 21.45 10.65 13.13
N THR A 69 21.93 9.57 12.54
CA THR A 69 21.03 8.57 11.97
C THR A 69 21.65 7.20 12.05
N ALA A 70 20.84 6.18 11.92
CA ALA A 70 21.34 4.82 11.95
C ALA A 70 21.58 4.40 10.51
N GLY A 71 21.18 5.27 9.57
CA GLY A 71 21.37 4.95 8.17
C GLY A 71 20.22 5.20 7.21
N ASN A 72 19.05 4.66 7.50
CA ASN A 72 17.90 4.84 6.61
C ASN A 72 17.48 6.30 6.50
N THR A 73 17.42 7.00 7.63
CA THR A 73 17.06 8.41 7.62
C THR A 73 18.20 9.16 6.89
N GLY A 74 19.44 8.74 7.17
CA GLY A 74 20.58 9.36 6.51
C GLY A 74 20.38 9.26 5.01
N ILE A 75 19.85 8.14 4.54
CA ILE A 75 19.62 7.95 3.11
C ILE A 75 18.51 8.89 2.63
N GLY A 76 17.37 8.84 3.31
CA GLY A 76 16.26 9.70 2.94
C GLY A 76 16.64 11.17 2.98
N LEU A 77 17.49 11.52 3.94
CA LEU A 77 17.95 12.89 4.09
C LEU A 77 18.90 13.31 2.98
N ALA A 78 19.85 12.42 2.65
CA ALA A 78 20.85 12.65 1.62
C ALA A 78 20.21 12.82 0.26
N LEU A 79 19.08 12.14 0.07
CA LEU A 79 18.32 12.20 -1.17
C LEU A 79 17.71 13.57 -1.31
N ALA A 80 17.12 14.04 -0.23
CA ALA A 80 16.49 15.34 -0.19
C ALA A 80 17.53 16.44 -0.37
N THR A 81 18.53 16.43 0.50
CA THR A 81 19.59 17.42 0.47
C THR A 81 20.26 17.45 -0.90
N GLN A 82 20.39 16.27 -1.49
CA GLN A 82 21.02 16.16 -2.79
C GLN A 82 20.23 16.96 -3.81
N ALA A 83 18.91 16.93 -3.66
CA ALA A 83 18.00 17.63 -4.56
C ALA A 83 18.14 19.15 -4.46
N HIS A 84 18.51 19.62 -3.27
CA HIS A 84 18.67 21.06 -3.04
C HIS A 84 20.12 21.52 -2.99
N HIS A 85 21.05 20.65 -3.38
CA HIS A 85 22.46 21.01 -3.37
C HIS A 85 22.85 21.52 -1.98
N LEU A 86 22.53 20.73 -0.97
CA LEU A 86 22.84 21.08 0.42
C LEU A 86 23.90 20.13 0.97
N ARG A 87 24.98 20.70 1.50
CA ARG A 87 26.04 19.87 2.05
C ARG A 87 25.48 19.04 3.19
N THR A 88 25.76 17.75 3.19
CA THR A 88 25.24 16.88 4.24
C THR A 88 26.28 16.11 5.05
N ILE A 89 26.19 16.17 6.37
CA ILE A 89 27.10 15.41 7.23
C ILE A 89 26.23 14.53 8.11
N LEU A 90 26.35 13.22 7.97
CA LEU A 90 25.54 12.30 8.76
C LEU A 90 26.39 11.60 9.81
N VAL A 91 25.94 11.67 11.07
CA VAL A 91 26.65 11.06 12.19
C VAL A 91 26.00 9.71 12.52
N VAL A 92 26.67 8.62 12.17
CA VAL A 92 26.13 7.28 12.44
C VAL A 92 27.01 6.36 13.29
N PRO A 93 26.40 5.69 14.29
CA PRO A 93 27.06 4.76 15.21
C PRO A 93 27.70 3.55 14.51
N GLU A 94 28.98 3.37 14.79
CA GLU A 94 29.80 2.32 14.22
C GLU A 94 29.25 0.96 13.76
N LYS A 95 28.43 0.29 14.56
CA LYS A 95 28.01 -1.05 14.13
C LYS A 95 26.82 -1.25 13.16
N PHE A 96 26.22 -0.18 12.64
CA PHE A 96 25.07 -0.32 11.75
C PHE A 96 25.43 -0.76 10.35
N SER A 97 24.49 -1.45 9.71
CA SER A 97 24.60 -2.00 8.35
C SER A 97 25.55 -1.28 7.40
N MET A 98 26.52 -2.02 6.86
CA MET A 98 27.50 -1.44 5.94
C MET A 98 26.80 -0.77 4.76
N GLU A 99 25.90 -1.50 4.11
CA GLU A 99 25.21 -0.96 2.94
C GLU A 99 24.58 0.41 3.17
N LYS A 100 23.96 0.64 4.31
CA LYS A 100 23.36 1.95 4.56
C LYS A 100 24.43 3.03 4.39
N GLN A 101 25.60 2.80 5.00
CA GLN A 101 26.71 3.75 4.94
C GLN A 101 27.19 3.96 3.52
N VAL A 102 27.50 2.87 2.83
CA VAL A 102 27.94 2.96 1.44
C VAL A 102 26.95 3.77 0.62
N LEU A 103 25.66 3.53 0.83
CA LEU A 103 24.57 4.20 0.13
C LEU A 103 24.53 5.69 0.49
N MET A 104 24.67 5.96 1.79
CA MET A 104 24.70 7.32 2.28
C MET A 104 25.82 8.03 1.54
N GLN A 105 27.02 7.48 1.60
CA GLN A 105 28.16 8.06 0.91
C GLN A 105 27.88 8.24 -0.56
N ALA A 106 27.43 7.16 -1.20
CA ALA A 106 27.13 7.19 -2.63
C ALA A 106 26.20 8.33 -3.02
N LEU A 107 25.26 8.66 -2.14
CA LEU A 107 24.30 9.73 -2.38
C LEU A 107 24.88 11.11 -2.14
N GLY A 108 26.17 11.17 -1.82
CA GLY A 108 26.84 12.44 -1.59
C GLY A 108 27.13 12.90 -0.16
N ALA A 109 26.65 12.15 0.84
CA ALA A 109 26.86 12.53 2.24
C ALA A 109 28.23 12.17 2.79
N GLU A 110 28.58 12.84 3.89
CA GLU A 110 29.84 12.63 4.57
C GLU A 110 29.52 12.05 5.95
N ILE A 111 30.01 10.84 6.20
CA ILE A 111 29.73 10.19 7.46
C ILE A 111 30.73 10.41 8.57
N VAL A 112 30.22 10.62 9.78
CA VAL A 112 31.07 10.79 10.94
C VAL A 112 30.69 9.61 11.84
N HIS A 113 31.70 8.82 12.21
CA HIS A 113 31.49 7.61 12.99
C HIS A 113 31.74 7.67 14.50
N THR A 114 30.66 7.50 15.26
CA THR A 114 30.73 7.51 16.71
C THR A 114 30.77 6.04 17.19
N PRO A 115 31.33 5.82 18.39
CA PRO A 115 31.46 4.50 19.02
C PRO A 115 30.16 3.70 19.10
N SER A 116 30.23 2.46 18.63
CA SER A 116 29.08 1.57 18.64
C SER A 116 28.32 1.59 19.98
N GLU A 117 29.07 1.50 21.07
CA GLU A 117 28.49 1.46 22.42
C GLU A 117 27.73 2.70 22.84
N GLU A 118 28.14 3.86 22.33
CA GLU A 118 27.46 5.11 22.67
C GLU A 118 26.09 5.22 22.01
N GLY A 119 25.83 4.32 21.06
CA GLY A 119 24.56 4.30 20.36
C GLY A 119 24.12 5.63 19.78
N ILE A 120 22.80 5.75 19.60
CA ILE A 120 22.20 6.95 19.04
C ILE A 120 22.53 8.14 19.92
N LYS A 121 22.59 7.90 21.23
CA LYS A 121 22.90 8.97 22.16
C LYS A 121 24.22 9.63 21.79
N GLY A 122 25.25 8.83 21.56
CA GLY A 122 26.55 9.37 21.19
C GLY A 122 26.52 10.08 19.85
N ALA A 123 25.75 9.54 18.92
CA ALA A 123 25.62 10.10 17.58
C ALA A 123 24.97 11.46 17.70
N ILE A 124 23.95 11.58 18.56
CA ILE A 124 23.25 12.85 18.77
C ILE A 124 24.19 13.86 19.42
N ARG A 125 24.91 13.42 20.45
CA ARG A 125 25.85 14.31 21.12
C ARG A 125 26.81 14.81 20.06
N LYS A 126 27.38 13.89 19.29
CA LYS A 126 28.35 14.25 18.27
C LYS A 126 27.83 15.18 17.19
N ALA A 127 26.59 14.98 16.76
CA ALA A 127 26.00 15.82 15.72
C ALA A 127 25.91 17.25 16.22
N GLU A 128 25.36 17.45 17.40
CA GLU A 128 25.22 18.78 17.98
C GLU A 128 26.58 19.45 18.21
N ALA A 129 27.55 18.65 18.65
CA ALA A 129 28.89 19.15 18.88
C ALA A 129 29.45 19.72 17.58
N LEU A 130 29.32 18.96 16.50
CA LEU A 130 29.80 19.43 15.22
C LEU A 130 28.99 20.63 14.77
N ALA A 131 27.68 20.60 15.02
CA ALA A 131 26.79 21.69 14.64
C ALA A 131 27.24 22.99 15.26
N ALA A 132 27.81 22.90 16.45
CA ALA A 132 28.29 24.08 17.18
C ALA A 132 29.61 24.63 16.65
N THR A 133 30.29 23.86 15.81
CA THR A 133 31.56 24.31 15.29
C THR A 133 31.39 24.82 13.86
N ILE A 134 30.24 24.51 13.28
CA ILE A 134 29.94 24.94 11.91
C ILE A 134 28.90 26.06 11.99
N SER A 135 29.32 27.30 11.76
CA SER A 135 28.39 28.41 11.83
C SER A 135 27.07 28.16 11.09
N ASN A 136 27.13 28.13 9.76
CA ASN A 136 25.94 27.91 8.93
C ASN A 136 25.50 26.45 8.94
N SER A 137 24.82 26.02 9.98
CA SER A 137 24.40 24.62 10.06
C SER A 137 23.03 24.38 10.69
N TYR A 138 22.36 23.34 10.21
CA TYR A 138 21.07 22.99 10.74
C TYR A 138 21.03 21.50 11.06
N VAL A 139 20.59 21.18 12.28
CA VAL A 139 20.46 19.80 12.71
C VAL A 139 18.97 19.44 12.85
N PRO A 140 18.39 18.82 11.82
CA PRO A 140 16.98 18.44 11.86
C PRO A 140 16.56 17.76 13.17
N MET A 141 17.47 16.95 13.73
CA MET A 141 17.19 16.25 14.98
C MET A 141 15.88 15.47 14.90
N GLN A 142 15.90 14.35 14.16
CA GLN A 142 14.73 13.50 13.97
C GLN A 142 14.19 12.84 15.24
N PHE A 143 14.94 12.93 16.34
CA PHE A 143 14.51 12.32 17.60
C PHE A 143 13.76 13.28 18.50
N LYS A 144 13.68 14.54 18.08
CA LYS A 144 12.98 15.54 18.87
C LYS A 144 12.03 16.35 17.99
N ASN A 145 12.53 16.82 16.85
CA ASN A 145 11.72 17.63 15.95
C ASN A 145 10.31 17.08 15.74
N PRO A 146 9.30 17.94 15.93
CA PRO A 146 7.90 17.55 15.76
C PRO A 146 7.52 17.36 14.30
N ALA A 147 8.34 17.89 13.40
CA ALA A 147 8.10 17.76 11.97
C ALA A 147 8.17 16.28 11.62
N ASN A 148 8.90 15.53 12.45
CA ASN A 148 9.06 14.10 12.26
C ASN A 148 7.71 13.39 12.14
N PRO A 149 6.92 13.32 13.23
CA PRO A 149 5.62 12.65 13.16
C PRO A 149 4.68 13.35 12.18
N ALA A 150 4.83 14.66 12.09
CA ALA A 150 4.03 15.46 11.20
C ALA A 150 4.17 14.91 9.79
N ALA A 151 5.38 14.47 9.47
CA ALA A 151 5.69 13.94 8.16
C ALA A 151 4.79 12.77 7.78
N TYR A 152 4.73 11.75 8.63
CA TYR A 152 3.91 10.57 8.35
C TYR A 152 2.42 10.84 8.51
N TYR A 153 2.11 11.85 9.31
CA TYR A 153 0.73 12.26 9.58
C TYR A 153 -0.08 12.57 8.33
N HIS A 154 0.49 13.36 7.43
CA HIS A 154 -0.21 13.76 6.21
C HIS A 154 0.04 12.89 4.97
N THR A 155 1.02 12.00 5.04
CA THR A 155 1.33 11.12 3.90
C THR A 155 0.96 9.66 4.18
N LEU A 156 1.72 9.03 5.06
CA LEU A 156 1.48 7.65 5.40
C LEU A 156 0.04 7.39 5.88
N ALA A 157 -0.31 7.95 7.03
CA ALA A 157 -1.63 7.80 7.62
C ALA A 157 -2.76 7.83 6.59
N PRO A 158 -2.96 8.97 5.91
CA PRO A 158 -4.03 9.04 4.91
C PRO A 158 -3.99 7.89 3.91
N GLU A 159 -2.78 7.56 3.47
CA GLU A 159 -2.54 6.49 2.50
C GLU A 159 -3.02 5.11 2.99
N ILE A 160 -2.86 4.86 4.29
CA ILE A 160 -3.27 3.59 4.89
C ILE A 160 -4.79 3.48 4.87
N LEU A 161 -5.47 4.56 5.24
CA LEU A 161 -6.92 4.59 5.25
C LEU A 161 -7.49 4.38 3.86
N ALA A 162 -6.93 5.09 2.89
CA ALA A 162 -7.37 5.02 1.52
C ALA A 162 -7.39 3.60 0.94
N ASP A 163 -6.46 2.75 1.40
CA ASP A 163 -6.36 1.37 0.92
C ASP A 163 -7.12 0.36 1.76
N MET A 164 -7.24 0.64 3.05
CA MET A 164 -7.96 -0.24 3.97
C MET A 164 -9.40 -0.53 3.54
N PRO A 165 -9.76 -1.81 3.45
CA PRO A 165 -11.12 -2.20 3.05
C PRO A 165 -12.08 -2.33 4.23
N ALA A 166 -11.66 -1.85 5.40
CA ALA A 166 -12.47 -1.94 6.59
C ALA A 166 -11.87 -1.13 7.75
N PRO A 167 -12.61 -1.00 8.87
CA PRO A 167 -12.10 -0.23 10.02
C PRO A 167 -10.88 -0.85 10.68
N ILE A 168 -9.86 -0.02 10.84
CA ILE A 168 -8.60 -0.45 11.45
C ILE A 168 -8.75 -0.75 12.94
N THR A 169 -8.86 -2.02 13.30
CA THR A 169 -8.98 -2.41 14.69
C THR A 169 -7.78 -1.91 15.53
N ALA A 170 -6.59 -2.25 15.07
CA ALA A 170 -5.35 -1.88 15.75
C ALA A 170 -4.24 -1.49 14.76
N PHE A 171 -3.26 -0.73 15.23
CA PHE A 171 -2.14 -0.30 14.41
C PHE A 171 -0.82 -0.54 15.14
N VAL A 172 -0.12 -1.61 14.76
CA VAL A 172 1.17 -1.95 15.37
C VAL A 172 2.26 -1.31 14.51
N ALA A 173 3.34 -0.85 15.14
CA ALA A 173 4.42 -0.24 14.38
C ALA A 173 5.69 -0.26 15.19
N GLY A 174 6.83 -0.25 14.50
CA GLY A 174 8.11 -0.28 15.17
C GLY A 174 8.51 1.14 15.49
N ALA A 175 9.32 1.33 16.52
CA ALA A 175 9.73 2.68 16.89
C ALA A 175 11.25 2.81 17.06
N GLY A 176 11.84 3.77 16.35
CA GLY A 176 13.27 4.00 16.45
C GLY A 176 13.43 5.38 17.03
N SER A 177 12.75 6.33 16.41
CA SER A 177 12.76 7.70 16.83
C SER A 177 11.37 7.86 17.41
N GLY A 178 10.48 7.00 16.94
CA GLY A 178 9.10 7.04 17.38
C GLY A 178 8.24 7.72 16.34
N GLY A 179 8.83 8.70 15.65
CA GLY A 179 8.12 9.43 14.61
C GLY A 179 7.02 8.72 13.84
N THR A 180 7.37 7.59 13.21
CA THR A 180 6.41 6.80 12.41
C THR A 180 5.18 6.38 13.20
N PHE A 181 5.40 5.68 14.29
CA PHE A 181 4.29 5.25 15.13
C PHE A 181 3.42 6.44 15.52
N ALA A 182 4.01 7.37 16.26
CA ALA A 182 3.33 8.56 16.73
C ALA A 182 2.52 9.23 15.62
N GLY A 183 3.22 9.85 14.67
CA GLY A 183 2.54 10.54 13.59
C GLY A 183 1.40 9.80 12.93
N VAL A 184 1.48 8.48 12.81
CA VAL A 184 0.41 7.72 12.17
C VAL A 184 -0.67 7.39 13.17
N ALA A 185 -0.26 6.86 14.33
CA ALA A 185 -1.21 6.53 15.39
C ALA A 185 -2.03 7.78 15.66
N ALA A 186 -1.34 8.91 15.81
CA ALA A 186 -2.00 10.18 16.05
C ALA A 186 -3.15 10.33 15.05
N TYR A 187 -2.83 10.39 13.77
CA TYR A 187 -3.84 10.55 12.74
C TYR A 187 -4.95 9.51 12.77
N LEU A 188 -4.60 8.25 12.96
CA LEU A 188 -5.60 7.18 12.97
C LEU A 188 -6.58 7.20 14.16
N GLN A 189 -6.06 7.47 15.35
CA GLN A 189 -6.90 7.54 16.55
C GLN A 189 -7.82 8.77 16.48
N ALA A 190 -7.38 9.80 15.76
CA ALA A 190 -8.16 11.02 15.62
C ALA A 190 -9.17 10.92 14.48
N GLN A 191 -9.38 9.70 13.98
CA GLN A 191 -10.33 9.46 12.90
C GLN A 191 -11.21 8.31 13.35
N ASP A 192 -10.85 7.75 14.50
CA ASP A 192 -11.56 6.63 15.08
C ASP A 192 -10.89 6.32 16.41
N SER A 193 -11.49 6.80 17.50
CA SER A 193 -10.93 6.58 18.83
C SER A 193 -10.69 5.11 19.13
N ALA A 194 -11.42 4.24 18.43
CA ALA A 194 -11.34 2.79 18.61
C ALA A 194 -10.00 2.16 18.21
N THR A 195 -9.40 2.66 17.15
CA THR A 195 -8.13 2.13 16.68
C THR A 195 -7.13 2.11 17.82
N LYS A 196 -6.75 0.91 18.23
CA LYS A 196 -5.78 0.78 19.30
C LYS A 196 -4.40 1.00 18.68
N ALA A 197 -3.51 1.66 19.39
CA ALA A 197 -2.16 1.91 18.90
C ALA A 197 -1.25 0.99 19.70
N VAL A 198 -0.29 0.38 19.01
CA VAL A 198 0.64 -0.52 19.69
C VAL A 198 2.06 -0.29 19.19
N VAL A 199 2.97 0.01 20.11
CA VAL A 199 4.37 0.22 19.75
C VAL A 199 5.14 -1.08 19.90
N VAL A 200 6.16 -1.26 19.08
CA VAL A 200 6.98 -2.46 19.13
C VAL A 200 8.45 -2.10 19.27
N GLU A 201 9.16 -2.88 20.06
CA GLU A 201 10.57 -2.63 20.28
C GLU A 201 11.30 -3.96 20.46
N PRO A 202 12.57 -4.00 20.12
CA PRO A 202 13.36 -5.23 20.26
C PRO A 202 13.82 -5.41 21.71
N GLU A 203 14.16 -6.64 22.08
CA GLU A 203 14.65 -6.91 23.43
C GLU A 203 15.95 -6.12 23.54
N GLY A 204 16.09 -5.31 24.57
CA GLY A 204 17.31 -4.53 24.71
C GLY A 204 16.97 -3.06 24.60
N SER A 205 15.67 -2.81 24.42
CA SER A 205 15.18 -1.46 24.31
C SER A 205 14.60 -1.06 25.67
N ILE A 206 14.50 0.24 25.91
CA ILE A 206 14.01 0.77 27.17
C ILE A 206 12.50 0.97 27.31
N LEU A 207 11.78 1.07 26.18
CA LEU A 207 10.33 1.30 26.23
C LEU A 207 9.54 0.47 27.24
N ASN A 208 10.10 -0.66 27.68
CA ASN A 208 9.43 -1.54 28.66
C ASN A 208 10.24 -1.74 29.94
N GLY A 209 11.06 -0.76 30.29
CA GLY A 209 11.85 -0.85 31.50
C GLY A 209 12.98 -1.86 31.45
N GLY A 210 12.95 -2.77 30.49
CA GLY A 210 14.00 -3.78 30.40
C GLY A 210 15.41 -3.22 30.48
N PRO A 211 16.43 -4.08 30.58
CA PRO A 211 17.80 -3.55 30.67
C PRO A 211 18.21 -3.03 29.28
N ALA A 212 19.11 -2.06 29.23
CA ALA A 212 19.55 -1.51 27.94
C ALA A 212 20.79 -2.22 27.38
N HIS A 213 20.60 -2.94 26.28
CA HIS A 213 21.71 -3.63 25.62
C HIS A 213 21.52 -3.62 24.11
N ALA A 214 22.53 -4.08 23.39
CA ALA A 214 22.51 -4.11 21.93
C ALA A 214 21.68 -5.26 21.36
N HIS A 215 20.86 -4.95 20.35
CA HIS A 215 20.00 -5.96 19.72
C HIS A 215 20.37 -6.24 18.26
N ARG A 216 20.00 -7.42 17.79
CA ARG A 216 20.27 -7.83 16.42
C ARG A 216 19.23 -7.26 15.46
N THR A 217 18.03 -6.99 15.95
CA THR A 217 16.99 -6.40 15.10
C THR A 217 17.52 -4.99 14.88
N GLU A 218 17.50 -4.52 13.64
CA GLU A 218 18.03 -3.17 13.36
C GLU A 218 17.00 -2.20 12.78
N GLY A 219 17.06 -0.96 13.26
CA GLY A 219 16.15 0.05 12.77
C GLY A 219 15.26 0.56 13.88
N ILE A 220 14.84 -0.34 14.75
CA ILE A 220 13.99 0.04 15.86
C ILE A 220 14.79 -0.12 17.16
N GLY A 221 14.23 0.32 18.27
CA GLY A 221 14.94 0.24 19.54
C GLY A 221 15.13 1.67 19.99
N VAL A 222 14.93 1.90 21.29
CA VAL A 222 15.07 3.25 21.82
C VAL A 222 16.02 3.29 23.04
N GLU A 223 16.69 4.44 23.22
CA GLU A 223 17.62 4.61 24.33
C GLU A 223 17.11 5.66 25.34
N PHE A 224 15.94 6.21 25.03
CA PHE A 224 15.24 7.20 25.85
C PHE A 224 13.80 7.26 25.31
N ILE A 225 12.83 7.41 26.19
CA ILE A 225 11.45 7.45 25.73
C ILE A 225 11.19 8.65 24.80
N PRO A 226 10.81 8.37 23.53
CA PRO A 226 10.52 9.35 22.48
C PRO A 226 9.47 10.41 22.82
N PRO A 227 9.85 11.69 22.73
CA PRO A 227 8.92 12.78 23.03
C PRO A 227 7.62 12.84 22.21
N PHE A 228 7.60 12.25 21.01
CA PHE A 228 6.39 12.31 20.18
C PHE A 228 5.23 11.45 20.65
N PHE A 229 5.40 10.78 21.79
CA PHE A 229 4.37 9.89 22.31
C PHE A 229 3.16 10.49 23.04
N ASP A 230 3.19 11.78 23.37
CA ASP A 230 2.04 12.39 24.07
C ASP A 230 0.92 12.79 23.11
N GLN A 231 1.09 12.45 21.84
CA GLN A 231 0.07 12.76 20.85
C GLN A 231 -0.70 11.47 20.54
N VAL A 232 -0.30 10.38 21.18
CA VAL A 232 -0.94 9.09 20.95
C VAL A 232 -1.28 8.31 22.22
N ARG A 233 -2.45 7.70 22.19
CA ARG A 233 -2.95 6.90 23.30
C ARG A 233 -2.35 5.50 23.11
N ILE A 234 -1.15 5.32 23.67
CA ILE A 234 -0.48 4.03 23.55
C ILE A 234 -1.24 2.93 24.30
N ASP A 235 -1.95 2.10 23.54
CA ASP A 235 -2.74 1.00 24.10
C ASP A 235 -1.95 -0.22 24.60
N GLN A 236 -0.69 -0.34 24.18
CA GLN A 236 0.16 -1.46 24.60
C GLN A 236 1.57 -1.32 24.04
N THR A 237 2.57 -1.69 24.84
CA THR A 237 3.97 -1.62 24.41
C THR A 237 4.60 -3.01 24.45
N LEU A 238 4.74 -3.61 23.27
CA LEU A 238 5.30 -4.96 23.13
C LEU A 238 6.79 -5.02 22.81
N THR A 239 7.50 -5.90 23.51
CA THR A 239 8.93 -6.04 23.27
C THR A 239 9.21 -7.38 22.58
N ILE A 240 9.47 -7.35 21.27
CA ILE A 240 9.70 -8.59 20.53
C ILE A 240 11.14 -9.10 20.57
N ALA A 241 11.24 -10.42 20.75
CA ALA A 241 12.52 -11.11 20.84
C ALA A 241 13.21 -11.11 19.48
N ASP A 242 14.54 -11.13 19.50
CA ASP A 242 15.32 -11.12 18.28
C ASP A 242 14.99 -12.28 17.37
N ASN A 243 15.17 -13.49 17.88
CA ASN A 243 14.88 -14.69 17.11
C ASN A 243 13.50 -14.65 16.48
N ASP A 244 12.56 -14.04 17.18
CA ASP A 244 11.18 -13.92 16.71
C ASP A 244 11.10 -13.06 15.44
N ALA A 245 11.76 -11.90 15.48
CA ALA A 245 11.77 -10.98 14.37
C ALA A 245 12.41 -11.63 13.14
N PHE A 246 13.61 -12.17 13.33
CA PHE A 246 14.37 -12.82 12.27
C PHE A 246 13.65 -14.06 11.70
N ALA A 247 13.03 -14.82 12.58
CA ALA A 247 12.32 -16.01 12.16
C ALA A 247 11.27 -15.61 11.13
N GLN A 248 10.64 -14.47 11.35
CA GLN A 248 9.60 -13.97 10.45
C GLN A 248 10.20 -13.53 9.13
N VAL A 249 11.38 -12.92 9.19
CA VAL A 249 12.05 -12.45 7.99
C VAL A 249 12.29 -13.65 7.09
N ARG A 250 12.80 -14.72 7.70
CA ARG A 250 13.08 -15.96 6.99
C ARG A 250 11.82 -16.52 6.35
N HIS A 251 10.79 -16.75 7.16
CA HIS A 251 9.53 -17.31 6.69
C HIS A 251 8.89 -16.57 5.53
N LEU A 252 8.59 -15.29 5.76
CA LEU A 252 7.95 -14.46 4.75
C LEU A 252 8.66 -14.51 3.40
N ALA A 253 9.97 -14.65 3.43
CA ALA A 253 10.77 -14.70 2.22
C ALA A 253 10.67 -16.07 1.54
N ARG A 254 10.66 -17.12 2.36
CA ARG A 254 10.59 -18.49 1.83
C ARG A 254 9.20 -18.95 1.42
N ASP A 255 8.17 -18.39 2.05
CA ASP A 255 6.81 -18.81 1.74
C ASP A 255 5.93 -17.85 0.94
N HIS A 256 6.21 -16.55 1.02
CA HIS A 256 5.42 -15.56 0.29
C HIS A 256 6.27 -14.50 -0.38
N GLY A 257 7.46 -14.90 -0.83
CA GLY A 257 8.37 -13.98 -1.49
C GLY A 257 8.44 -12.56 -0.96
N LEU A 258 8.55 -12.41 0.35
CA LEU A 258 8.63 -11.09 0.92
C LEU A 258 10.02 -10.83 1.48
N LEU A 259 10.73 -9.89 0.87
CA LEU A 259 12.06 -9.57 1.34
C LEU A 259 11.96 -8.41 2.32
N ILE A 260 11.92 -8.73 3.61
CA ILE A 260 11.79 -7.72 4.65
C ILE A 260 12.89 -7.72 5.69
N GLY A 261 13.22 -6.54 6.18
CA GLY A 261 14.24 -6.41 7.19
C GLY A 261 13.77 -6.93 8.53
N SER A 262 14.62 -6.81 9.54
CA SER A 262 14.35 -7.26 10.91
C SER A 262 13.26 -6.41 11.56
N SER A 263 13.40 -5.10 11.44
CA SER A 263 12.42 -4.17 11.99
C SER A 263 11.05 -4.61 11.52
N SER A 264 10.97 -5.00 10.24
CA SER A 264 9.72 -5.47 9.62
C SER A 264 9.24 -6.80 10.21
N GLY A 265 10.20 -7.68 10.49
CA GLY A 265 9.87 -8.98 11.07
C GLY A 265 9.37 -8.79 12.49
N ALA A 266 10.02 -7.92 13.25
CA ALA A 266 9.61 -7.66 14.62
C ALA A 266 8.17 -7.14 14.60
N ALA A 267 7.88 -6.24 13.66
CA ALA A 267 6.54 -5.69 13.53
C ALA A 267 5.56 -6.82 13.30
N LEU A 268 5.86 -7.71 12.34
CA LEU A 268 4.96 -8.83 12.07
C LEU A 268 4.85 -9.73 13.29
N ALA A 269 5.96 -9.98 13.97
CA ALA A 269 5.93 -10.82 15.18
C ALA A 269 4.94 -10.20 16.16
N ALA A 270 5.07 -8.90 16.37
CA ALA A 270 4.20 -8.17 17.28
C ALA A 270 2.75 -8.23 16.82
N SER A 271 2.50 -7.87 15.57
CA SER A 271 1.15 -7.88 15.03
C SER A 271 0.45 -9.24 15.19
N LEU A 272 1.20 -10.32 15.04
CA LEU A 272 0.64 -11.66 15.16
C LEU A 272 0.33 -11.99 16.61
N GLN A 273 1.15 -11.43 17.49
CA GLN A 273 0.99 -11.63 18.93
C GLN A 273 -0.30 -10.92 19.36
N LEU A 274 -0.42 -9.66 18.97
CA LEU A 274 -1.60 -8.88 19.32
C LEU A 274 -2.88 -9.51 18.80
N ALA A 275 -2.75 -10.29 17.75
CA ALA A 275 -3.91 -10.94 17.14
C ALA A 275 -4.60 -11.93 18.08
N THR A 276 -3.86 -12.43 19.07
CA THR A 276 -4.44 -13.40 20.00
C THR A 276 -5.33 -12.75 21.08
N ASN A 277 -4.97 -11.56 21.55
CA ASN A 277 -5.79 -10.88 22.53
C ASN A 277 -6.59 -9.82 21.81
N LEU A 278 -7.19 -10.19 20.69
CA LEU A 278 -8.01 -9.27 19.92
C LEU A 278 -9.20 -10.03 19.36
N PRO A 279 -10.34 -9.34 19.22
CA PRO A 279 -11.55 -10.00 18.70
C PRO A 279 -11.25 -10.76 17.41
N ALA A 280 -12.04 -11.78 17.14
CA ALA A 280 -11.86 -12.56 15.92
C ALA A 280 -12.11 -11.61 14.74
N ASN A 281 -11.88 -12.09 13.52
CA ASN A 281 -12.11 -11.28 12.33
C ASN A 281 -11.73 -9.79 12.45
N SER A 282 -10.70 -9.47 13.24
CA SER A 282 -10.25 -8.08 13.41
C SER A 282 -9.51 -7.56 12.17
N HIS A 283 -8.96 -6.35 12.26
CA HIS A 283 -8.21 -5.76 11.15
C HIS A 283 -7.00 -4.99 11.66
N ILE A 284 -5.83 -5.63 11.66
CA ILE A 284 -4.58 -5.01 12.13
C ILE A 284 -3.71 -4.45 11.00
N VAL A 285 -3.14 -3.27 11.22
CA VAL A 285 -2.28 -2.64 10.21
C VAL A 285 -0.90 -2.40 10.83
N THR A 286 0.14 -2.71 10.07
CA THR A 286 1.50 -2.52 10.54
C THR A 286 2.40 -1.97 9.43
N ILE A 287 3.67 -1.74 9.76
CA ILE A 287 4.59 -1.18 8.78
C ILE A 287 5.95 -1.89 8.63
N PHE A 288 6.28 -2.26 7.38
CA PHE A 288 7.56 -2.89 7.03
C PHE A 288 8.38 -1.75 6.43
N PRO A 289 9.25 -1.12 7.24
CA PRO A 289 10.13 0.01 6.87
C PRO A 289 11.14 -0.20 5.77
N ASP A 290 11.73 -1.40 5.69
CA ASP A 290 12.72 -1.70 4.64
C ASP A 290 12.98 -3.16 4.30
N SER A 291 13.71 -3.35 3.20
CA SER A 291 14.06 -4.66 2.66
C SER A 291 15.15 -5.39 3.42
N SER A 292 15.16 -6.71 3.26
CA SER A 292 16.16 -7.55 3.91
C SER A 292 17.43 -7.48 3.09
N GLU A 293 17.35 -6.88 1.91
CA GLU A 293 18.50 -6.75 1.04
C GLU A 293 19.45 -5.72 1.63
N ARG A 294 18.95 -4.95 2.58
CA ARG A 294 19.73 -3.92 3.23
C ARG A 294 20.58 -4.49 4.35
N TYR A 295 20.30 -5.73 4.73
CA TYR A 295 21.03 -6.37 5.80
C TYR A 295 21.63 -7.70 5.35
N LEU A 296 21.97 -7.78 4.07
CA LEU A 296 22.57 -9.00 3.54
C LEU A 296 24.02 -9.14 4.00
N SER A 297 24.62 -8.02 4.43
CA SER A 297 25.98 -8.03 4.91
C SER A 297 26.02 -8.58 6.34
N GLN A 298 24.87 -8.63 6.99
CA GLN A 298 24.82 -9.14 8.36
C GLN A 298 24.33 -10.59 8.46
N LYS A 299 24.15 -11.24 7.33
CA LYS A 299 23.68 -12.62 7.31
C LYS A 299 22.27 -12.71 7.91
N ILE A 300 21.44 -11.73 7.58
CA ILE A 300 20.07 -11.67 8.05
C ILE A 300 19.33 -12.99 7.86
N TYR A 301 19.51 -13.61 6.70
CA TYR A 301 18.83 -14.85 6.40
C TYR A 301 19.44 -16.10 7.03
N THR A 302 20.39 -15.92 7.93
CA THR A 302 21.04 -17.06 8.60
C THR A 302 20.41 -17.28 9.97
N LYS A 303 20.68 -18.43 10.61
CA LYS A 303 20.10 -18.74 11.92
C LYS A 303 21.07 -18.66 13.12
N MET B 1 -2.77 1.77 -3.31
CA MET B 1 -2.89 0.48 -4.04
C MET B 1 -2.97 -0.68 -3.06
N LEU B 2 -4.00 -1.51 -3.17
CA LEU B 2 -4.13 -2.65 -2.27
C LEU B 2 -3.85 -3.94 -3.01
N ILE B 3 -2.86 -4.67 -2.55
CA ILE B 3 -2.48 -5.93 -3.19
C ILE B 3 -2.60 -7.13 -2.28
N GLN B 4 -2.86 -8.28 -2.92
CA GLN B 4 -3.04 -9.55 -2.23
C GLN B 4 -1.73 -10.33 -2.11
N HIS B 5 -1.06 -10.46 -3.24
CA HIS B 5 0.22 -11.16 -3.29
C HIS B 5 1.25 -10.24 -3.92
N VAL B 6 2.51 -10.55 -3.68
CA VAL B 6 3.57 -9.74 -4.20
C VAL B 6 3.63 -9.71 -5.73
N GLN B 7 3.25 -10.81 -6.37
CA GLN B 7 3.29 -10.87 -7.82
C GLN B 7 2.59 -9.71 -8.51
N GLU B 8 1.62 -9.09 -7.84
CA GLU B 8 0.88 -7.98 -8.42
C GLU B 8 1.70 -6.72 -8.64
N LEU B 9 2.92 -6.71 -8.08
CA LEU B 9 3.83 -5.58 -8.20
C LEU B 9 4.81 -5.65 -9.37
N ILE B 10 4.83 -6.78 -10.06
CA ILE B 10 5.70 -7.00 -11.21
C ILE B 10 5.26 -6.15 -12.40
N GLY B 11 6.13 -5.28 -12.91
CA GLY B 11 5.78 -4.49 -14.07
C GLY B 11 5.24 -3.14 -13.71
N HIS B 12 4.82 -2.37 -14.71
CA HIS B 12 4.28 -1.02 -14.52
C HIS B 12 5.27 -0.19 -13.74
N THR B 13 6.53 -0.36 -14.13
CA THR B 13 7.66 0.34 -13.53
C THR B 13 7.70 1.77 -14.06
N PRO B 14 8.23 2.70 -13.26
CA PRO B 14 8.28 4.09 -13.76
C PRO B 14 9.23 4.27 -14.95
N LEU B 15 8.96 5.31 -15.74
CA LEU B 15 9.78 5.69 -16.90
C LEU B 15 10.30 7.06 -16.54
N MET B 16 11.60 7.17 -16.38
CA MET B 16 12.17 8.43 -15.97
C MET B 16 12.92 9.12 -17.08
N ALA B 17 12.68 10.42 -17.17
CA ALA B 17 13.35 11.25 -18.13
C ALA B 17 14.49 11.81 -17.27
N LEU B 18 15.65 11.17 -17.38
CA LEU B 18 16.85 11.53 -16.62
C LEU B 18 17.23 13.01 -16.73
N PRO B 19 17.29 13.71 -15.58
CA PRO B 19 17.65 15.15 -15.51
C PRO B 19 19.14 15.39 -15.73
N ILE B 20 19.70 14.74 -16.74
CA ILE B 20 21.12 14.84 -17.04
C ILE B 20 21.46 15.48 -18.38
N GLU B 21 22.69 16.00 -18.47
CA GLU B 21 23.19 16.63 -19.68
C GLU B 21 23.20 15.60 -20.81
N VAL B 22 22.65 15.96 -21.97
CA VAL B 22 22.67 15.04 -23.10
C VAL B 22 23.16 15.73 -24.39
N PRO B 23 23.94 15.01 -25.21
CA PRO B 23 24.49 15.50 -26.48
C PRO B 23 23.45 15.90 -27.49
N ASN B 24 23.67 17.02 -28.17
CA ASN B 24 22.75 17.52 -29.18
C ASN B 24 21.42 17.93 -28.56
N HIS B 25 21.44 18.12 -27.24
CA HIS B 25 20.24 18.53 -26.54
C HIS B 25 19.04 17.60 -26.80
N SER B 26 19.28 16.29 -26.68
CA SER B 26 18.27 15.26 -26.84
C SER B 26 17.88 14.80 -25.44
N HIS B 27 17.06 13.74 -25.35
CA HIS B 27 16.62 13.23 -24.04
C HIS B 27 16.65 11.71 -23.90
N ILE B 28 17.13 11.25 -22.75
CA ILE B 28 17.21 9.82 -22.46
C ILE B 28 16.19 9.43 -21.40
N TYR B 29 15.39 8.42 -21.71
CA TYR B 29 14.35 7.89 -20.83
C TYR B 29 14.72 6.50 -20.36
N ALA B 30 14.71 6.29 -19.05
CA ALA B 30 15.08 5.00 -18.50
C ALA B 30 13.96 4.37 -17.70
N LYS B 31 13.73 3.09 -17.94
CA LYS B 31 12.70 2.32 -17.23
C LYS B 31 13.34 1.70 -15.98
N LEU B 32 13.01 2.24 -14.81
CA LEU B 32 13.57 1.75 -13.56
C LEU B 32 13.00 0.40 -13.09
N GLU B 33 13.46 -0.68 -13.72
CA GLU B 33 13.01 -2.04 -13.43
C GLU B 33 13.44 -2.61 -12.09
N MET B 34 14.15 -1.82 -11.28
CA MET B 34 14.59 -2.33 -9.98
C MET B 34 13.47 -2.21 -8.98
N PHE B 35 12.36 -1.66 -9.43
CA PHE B 35 11.21 -1.50 -8.56
C PHE B 35 10.27 -2.68 -8.61
N ASN B 36 10.75 -3.78 -9.18
CA ASN B 36 9.96 -4.99 -9.24
C ASN B 36 10.08 -5.63 -7.89
N PRO B 37 9.15 -6.50 -7.54
CA PRO B 37 9.19 -7.16 -6.24
C PRO B 37 10.55 -7.81 -5.96
N GLY B 38 11.14 -8.42 -6.99
CA GLY B 38 12.42 -9.07 -6.83
C GLY B 38 13.62 -8.19 -7.10
N GLY B 39 13.38 -6.90 -7.36
CA GLY B 39 14.44 -5.95 -7.63
C GLY B 39 15.07 -5.94 -9.02
N SER B 40 14.44 -6.57 -10.01
CA SER B 40 15.01 -6.61 -11.35
C SER B 40 13.98 -6.83 -12.43
N ILE B 41 14.32 -6.42 -13.66
CA ILE B 41 13.45 -6.60 -14.80
C ILE B 41 13.19 -8.10 -14.98
N ALA B 42 14.07 -8.92 -14.43
CA ALA B 42 13.93 -10.36 -14.57
C ALA B 42 12.62 -10.92 -14.00
N ASP B 43 12.05 -10.26 -13.01
CA ASP B 43 10.79 -10.71 -12.41
C ASP B 43 9.79 -11.07 -13.50
N ARG B 44 9.69 -10.15 -14.48
CA ARG B 44 8.80 -10.31 -15.63
C ARG B 44 9.03 -11.69 -16.27
N LEU B 45 10.24 -11.89 -16.78
CA LEU B 45 10.62 -13.14 -17.46
C LEU B 45 10.32 -14.38 -16.65
N GLY B 46 10.63 -14.32 -15.37
CA GLY B 46 10.41 -15.45 -14.49
C GLY B 46 8.97 -15.91 -14.49
N ALA B 47 8.05 -14.95 -14.38
CA ALA B 47 6.61 -15.23 -14.38
C ALA B 47 6.19 -15.80 -15.75
N TYR B 48 6.46 -15.03 -16.79
CA TYR B 48 6.12 -15.41 -18.16
C TYR B 48 6.68 -16.77 -18.52
N LEU B 49 7.90 -17.02 -18.09
CA LEU B 49 8.52 -18.27 -18.42
C LEU B 49 7.74 -19.44 -17.87
N ILE B 50 7.41 -19.35 -16.58
CA ILE B 50 6.66 -20.42 -15.91
C ILE B 50 5.26 -20.49 -16.47
N GLU B 51 4.70 -19.34 -16.81
CA GLU B 51 3.35 -19.29 -17.38
C GLU B 51 3.32 -20.05 -18.70
N ASP B 52 4.25 -19.71 -19.60
CA ASP B 52 4.33 -20.37 -20.89
C ASP B 52 4.53 -21.86 -20.62
N GLY B 53 5.44 -22.16 -19.70
CA GLY B 53 5.73 -23.55 -19.37
C GLY B 53 4.50 -24.37 -19.04
N LEU B 54 3.55 -23.74 -18.37
CA LEU B 54 2.32 -24.41 -17.97
C LEU B 54 1.36 -24.60 -19.15
N GLN B 55 1.13 -23.52 -19.89
CA GLN B 55 0.22 -23.55 -21.03
C GLN B 55 0.66 -24.50 -22.14
N ARG B 56 1.97 -24.75 -22.23
CA ARG B 56 2.49 -25.65 -23.26
C ARG B 56 2.51 -27.08 -22.70
N GLY B 57 1.97 -27.23 -21.49
CA GLY B 57 1.91 -28.54 -20.85
C GLY B 57 3.27 -29.18 -20.69
N ARG B 58 4.26 -28.35 -20.37
CA ARG B 58 5.63 -28.80 -20.18
C ARG B 58 5.95 -28.78 -18.71
N VAL B 59 5.01 -28.27 -17.91
CA VAL B 59 5.19 -28.19 -16.47
C VAL B 59 3.95 -28.68 -15.74
N ASN B 60 4.14 -29.48 -14.68
CA ASN B 60 3.02 -29.96 -13.88
C ASN B 60 3.35 -29.81 -12.40
N ALA B 61 2.34 -29.95 -11.55
CA ALA B 61 2.51 -29.79 -10.11
C ALA B 61 3.82 -30.31 -9.51
N LYS B 62 4.23 -31.52 -9.89
CA LYS B 62 5.43 -32.10 -9.32
C LYS B 62 6.70 -31.87 -10.14
N THR B 63 6.60 -31.11 -11.23
CA THR B 63 7.77 -30.86 -12.07
C THR B 63 8.87 -30.09 -11.35
N THR B 64 10.11 -30.35 -11.78
CA THR B 64 11.29 -29.70 -11.22
C THR B 64 11.79 -28.71 -12.27
N ILE B 65 11.76 -27.43 -11.95
CA ILE B 65 12.24 -26.45 -12.91
C ILE B 65 13.76 -26.29 -12.69
N ILE B 66 14.51 -26.40 -13.78
CA ILE B 66 15.95 -26.25 -13.70
C ILE B 66 16.29 -25.18 -14.72
N GLU B 67 17.03 -24.17 -14.30
CA GLU B 67 17.43 -23.09 -15.21
C GLU B 67 18.79 -22.48 -14.91
N PRO B 68 19.58 -22.19 -15.96
CA PRO B 68 20.89 -21.61 -15.75
C PRO B 68 20.68 -20.09 -15.71
N THR B 69 21.06 -19.47 -14.60
CA THR B 69 20.89 -18.02 -14.45
C THR B 69 22.09 -17.39 -13.77
N ALA B 70 22.22 -16.07 -13.93
CA ALA B 70 23.30 -15.33 -13.31
C ALA B 70 22.78 -14.78 -11.97
N GLY B 71 21.52 -15.09 -11.68
CA GLY B 71 20.95 -14.63 -10.42
C GLY B 71 19.60 -13.97 -10.54
N ASN B 72 19.50 -12.90 -11.31
CA ASN B 72 18.24 -12.17 -11.44
C ASN B 72 17.11 -13.01 -12.00
N THR B 73 17.32 -13.58 -13.17
CA THR B 73 16.32 -14.44 -13.77
C THR B 73 16.00 -15.48 -12.68
N GLY B 74 17.02 -15.96 -11.99
CA GLY B 74 16.80 -16.92 -10.93
C GLY B 74 15.87 -16.42 -9.83
N ILE B 75 16.02 -15.15 -9.45
CA ILE B 75 15.17 -14.59 -8.41
C ILE B 75 13.72 -14.51 -8.90
N GLY B 76 13.55 -13.98 -10.11
CA GLY B 76 12.24 -13.85 -10.70
C GLY B 76 11.59 -15.20 -10.92
N LEU B 77 12.41 -16.18 -11.29
CA LEU B 77 11.89 -17.53 -11.51
C LEU B 77 11.52 -18.16 -10.17
N ALA B 78 12.33 -17.89 -9.14
CA ALA B 78 12.06 -18.42 -7.81
C ALA B 78 10.71 -17.91 -7.33
N LEU B 79 10.43 -16.61 -7.55
CA LEU B 79 9.18 -15.99 -7.16
C LEU B 79 7.99 -16.71 -7.78
N ALA B 80 8.03 -16.82 -9.10
CA ALA B 80 7.00 -17.48 -9.90
C ALA B 80 6.79 -18.94 -9.51
N THR B 81 7.87 -19.72 -9.45
CA THR B 81 7.77 -21.14 -9.07
C THR B 81 7.30 -21.31 -7.63
N GLN B 82 7.62 -20.33 -6.80
CA GLN B 82 7.22 -20.35 -5.40
C GLN B 82 5.73 -20.18 -5.37
N ALA B 83 5.23 -19.36 -6.29
CA ALA B 83 3.81 -19.07 -6.41
C ALA B 83 2.98 -20.27 -6.87
N HIS B 84 3.62 -21.22 -7.53
CA HIS B 84 2.87 -22.37 -7.99
C HIS B 84 3.31 -23.64 -7.28
N HIS B 85 4.07 -23.49 -6.20
CA HIS B 85 4.55 -24.65 -5.47
C HIS B 85 5.35 -25.58 -6.38
N LEU B 86 6.32 -25.00 -7.09
CA LEU B 86 7.15 -25.76 -8.01
C LEU B 86 8.58 -25.78 -7.50
N ARG B 87 9.16 -26.99 -7.43
CA ARG B 87 10.53 -27.19 -6.97
C ARG B 87 11.46 -26.44 -7.93
N THR B 88 12.46 -25.74 -7.41
CA THR B 88 13.36 -25.00 -8.28
C THR B 88 14.84 -25.23 -8.05
N ILE B 89 15.57 -25.53 -9.12
CA ILE B 89 17.01 -25.73 -9.08
C ILE B 89 17.61 -24.69 -10.02
N LEU B 90 18.42 -23.79 -9.50
CA LEU B 90 19.04 -22.78 -10.33
C LEU B 90 20.54 -23.01 -10.45
N VAL B 91 21.03 -23.14 -11.68
CA VAL B 91 22.46 -23.34 -11.96
C VAL B 91 23.12 -21.98 -12.21
N VAL B 92 23.93 -21.52 -11.25
CA VAL B 92 24.59 -20.23 -11.40
C VAL B 92 26.12 -20.26 -11.27
N PRO B 93 26.82 -19.65 -12.26
CA PRO B 93 28.27 -19.61 -12.25
C PRO B 93 28.78 -18.91 -10.99
N GLU B 94 29.83 -19.50 -10.45
CA GLU B 94 30.49 -19.11 -9.23
C GLU B 94 30.72 -17.63 -8.88
N LYS B 95 31.24 -16.81 -9.77
CA LYS B 95 31.54 -15.45 -9.34
C LYS B 95 30.48 -14.33 -9.40
N PHE B 96 29.21 -14.67 -9.53
CA PHE B 96 28.18 -13.62 -9.58
C PHE B 96 27.75 -13.17 -8.19
N SER B 97 27.25 -11.94 -8.12
CA SER B 97 26.81 -11.29 -6.88
C SER B 97 26.32 -12.22 -5.77
N MET B 98 26.86 -12.03 -4.56
CA MET B 98 26.48 -12.87 -3.43
C MET B 98 25.00 -12.70 -3.09
N GLU B 99 24.59 -11.44 -2.95
CA GLU B 99 23.21 -11.14 -2.60
C GLU B 99 22.22 -11.88 -3.48
N LYS B 100 22.45 -11.86 -4.78
CA LYS B 100 21.58 -12.56 -5.72
C LYS B 100 21.42 -14.01 -5.31
N GLN B 101 22.51 -14.62 -4.87
CA GLN B 101 22.50 -16.01 -4.44
C GLN B 101 21.71 -16.20 -3.16
N VAL B 102 21.93 -15.31 -2.20
CA VAL B 102 21.22 -15.38 -0.92
C VAL B 102 19.73 -15.26 -1.19
N LEU B 103 19.35 -14.20 -1.90
CA LEU B 103 17.96 -13.97 -2.24
C LEU B 103 17.38 -15.21 -2.90
N MET B 104 18.06 -15.75 -3.91
CA MET B 104 17.60 -16.97 -4.57
C MET B 104 17.27 -18.11 -3.59
N GLN B 105 18.17 -18.39 -2.64
CA GLN B 105 17.95 -19.47 -1.66
C GLN B 105 16.90 -19.12 -0.63
N ALA B 106 16.83 -17.84 -0.31
CA ALA B 106 15.87 -17.36 0.65
C ALA B 106 14.47 -17.48 0.06
N LEU B 107 14.36 -17.34 -1.26
CA LEU B 107 13.07 -17.45 -1.94
C LEU B 107 12.68 -18.92 -2.09
N GLY B 108 13.59 -19.81 -1.74
CA GLY B 108 13.31 -21.23 -1.82
C GLY B 108 14.00 -22.07 -2.89
N ALA B 109 14.82 -21.44 -3.71
CA ALA B 109 15.47 -22.21 -4.76
C ALA B 109 16.64 -23.02 -4.20
N GLU B 110 17.14 -23.92 -5.04
CA GLU B 110 18.28 -24.76 -4.70
C GLU B 110 19.32 -24.43 -5.73
N ILE B 111 20.49 -23.97 -5.29
CA ILE B 111 21.54 -23.57 -6.24
C ILE B 111 22.58 -24.63 -6.55
N VAL B 112 22.97 -24.67 -7.83
CA VAL B 112 24.00 -25.59 -8.29
C VAL B 112 25.05 -24.66 -8.89
N HIS B 113 26.26 -24.70 -8.34
CA HIS B 113 27.35 -23.84 -8.75
C HIS B 113 28.31 -24.37 -9.81
N THR B 114 28.37 -23.68 -10.95
CA THR B 114 29.30 -24.07 -12.01
C THR B 114 30.54 -23.15 -11.94
N PRO B 115 31.70 -23.64 -12.43
CA PRO B 115 32.95 -22.87 -12.45
C PRO B 115 32.85 -21.50 -13.12
N SER B 116 33.41 -20.51 -12.46
CA SER B 116 33.40 -19.11 -12.93
C SER B 116 33.92 -18.92 -14.35
N GLU B 117 35.00 -19.63 -14.69
CA GLU B 117 35.62 -19.53 -16.01
C GLU B 117 34.80 -20.12 -17.15
N GLU B 118 33.90 -21.04 -16.81
CA GLU B 118 33.05 -21.68 -17.79
C GLU B 118 31.91 -20.74 -18.16
N GLY B 119 31.63 -19.77 -17.30
CA GLY B 119 30.57 -18.83 -17.57
C GLY B 119 29.18 -19.42 -17.73
N ILE B 120 28.35 -18.68 -18.44
CA ILE B 120 26.98 -19.06 -18.67
C ILE B 120 26.92 -20.34 -19.46
N LYS B 121 27.93 -20.55 -20.31
CA LYS B 121 27.99 -21.75 -21.11
C LYS B 121 28.16 -22.99 -20.22
N GLY B 122 28.87 -22.84 -19.11
CA GLY B 122 29.05 -23.97 -18.20
C GLY B 122 27.76 -24.19 -17.43
N ALA B 123 27.08 -23.08 -17.14
CA ALA B 123 25.80 -23.09 -16.42
C ALA B 123 24.70 -23.81 -17.19
N ILE B 124 24.64 -23.54 -18.48
CA ILE B 124 23.68 -24.15 -19.38
C ILE B 124 23.94 -25.65 -19.51
N ARG B 125 25.20 -26.02 -19.75
CA ARG B 125 25.57 -27.42 -19.91
C ARG B 125 25.17 -28.20 -18.69
N LYS B 126 25.41 -27.61 -17.52
CA LYS B 126 25.08 -28.21 -16.22
C LYS B 126 23.56 -28.31 -16.02
N ALA B 127 22.87 -27.26 -16.41
CA ALA B 127 21.42 -27.25 -16.27
C ALA B 127 20.91 -28.44 -17.07
N GLU B 128 21.15 -28.40 -18.38
CA GLU B 128 20.71 -29.48 -19.25
C GLU B 128 21.11 -30.86 -18.80
N ALA B 129 22.31 -31.01 -18.27
CA ALA B 129 22.75 -32.32 -17.83
C ALA B 129 21.90 -32.78 -16.66
N LEU B 130 21.64 -31.87 -15.73
CA LEU B 130 20.85 -32.21 -14.55
C LEU B 130 19.45 -32.54 -15.01
N ALA B 131 18.94 -31.72 -15.93
CA ALA B 131 17.60 -31.89 -16.47
C ALA B 131 17.41 -33.31 -17.01
N ALA B 132 18.46 -33.87 -17.60
CA ALA B 132 18.37 -35.22 -18.14
C ALA B 132 18.47 -36.30 -17.07
N THR B 133 18.76 -35.94 -15.82
CA THR B 133 18.86 -36.94 -14.76
C THR B 133 17.59 -36.91 -13.91
N ILE B 134 16.76 -35.92 -14.19
CA ILE B 134 15.50 -35.73 -13.49
C ILE B 134 14.41 -35.92 -14.55
N SER B 135 13.64 -37.00 -14.43
CA SER B 135 12.60 -37.26 -15.41
C SER B 135 11.56 -36.15 -15.59
N ASN B 136 10.88 -35.76 -14.51
CA ASN B 136 9.86 -34.71 -14.58
C ASN B 136 10.53 -33.37 -14.33
N SER B 137 11.10 -32.79 -15.37
CA SER B 137 11.79 -31.54 -15.18
C SER B 137 11.63 -30.69 -16.41
N TYR B 138 11.68 -29.37 -16.24
CA TYR B 138 11.55 -28.48 -17.39
C TYR B 138 12.57 -27.38 -17.31
N VAL B 139 13.34 -27.25 -18.39
CA VAL B 139 14.36 -26.21 -18.44
C VAL B 139 13.87 -25.04 -19.28
N PRO B 140 13.35 -24.00 -18.63
CA PRO B 140 12.85 -22.83 -19.35
C PRO B 140 13.82 -22.35 -20.44
N MET B 141 15.13 -22.43 -20.15
CA MET B 141 16.20 -22.03 -21.07
C MET B 141 16.04 -20.62 -21.64
N GLN B 142 16.23 -19.63 -20.79
CA GLN B 142 16.09 -18.23 -21.18
C GLN B 142 16.97 -17.75 -22.33
N PHE B 143 17.97 -18.54 -22.69
CA PHE B 143 18.88 -18.11 -23.74
C PHE B 143 18.45 -18.54 -25.12
N LYS B 144 17.47 -19.42 -25.18
CA LYS B 144 16.96 -19.94 -26.46
C LYS B 144 15.43 -19.84 -26.57
N ASN B 145 14.71 -20.12 -25.50
CA ASN B 145 13.24 -20.09 -25.49
C ASN B 145 12.69 -18.75 -25.98
N PRO B 146 11.85 -18.79 -27.03
CA PRO B 146 11.27 -17.57 -27.59
C PRO B 146 10.29 -16.88 -26.61
N ALA B 147 9.90 -17.59 -25.56
CA ALA B 147 8.97 -17.03 -24.58
C ALA B 147 9.62 -15.83 -23.92
N ASN B 148 10.95 -15.84 -23.92
CA ASN B 148 11.74 -14.77 -23.33
C ASN B 148 11.49 -13.39 -23.95
N PRO B 149 11.78 -13.23 -25.26
CA PRO B 149 11.52 -11.90 -25.85
C PRO B 149 10.04 -11.57 -25.87
N ALA B 150 9.23 -12.62 -26.00
CA ALA B 150 7.78 -12.48 -26.02
C ALA B 150 7.33 -11.85 -24.71
N ALA B 151 7.88 -12.33 -23.59
CA ALA B 151 7.51 -11.81 -22.29
C ALA B 151 7.60 -10.27 -22.23
N TYR B 152 8.67 -9.71 -22.75
CA TYR B 152 8.82 -8.26 -22.70
C TYR B 152 8.05 -7.60 -23.82
N TYR B 153 7.75 -8.39 -24.85
CA TYR B 153 7.03 -7.89 -26.00
C TYR B 153 5.63 -7.33 -25.69
N HIS B 154 4.91 -8.01 -24.81
CA HIS B 154 3.57 -7.57 -24.48
C HIS B 154 3.45 -6.79 -23.17
N THR B 155 4.55 -6.70 -22.42
CA THR B 155 4.53 -5.98 -21.15
C THR B 155 5.33 -4.71 -21.24
N LEU B 156 6.65 -4.88 -21.18
CA LEU B 156 7.59 -3.77 -21.20
C LEU B 156 7.41 -2.85 -22.39
N ALA B 157 7.48 -3.40 -23.59
CA ALA B 157 7.32 -2.62 -24.81
C ALA B 157 6.15 -1.65 -24.70
N PRO B 158 4.92 -2.20 -24.67
CA PRO B 158 3.75 -1.33 -24.56
C PRO B 158 3.90 -0.26 -23.47
N GLU B 159 4.33 -0.68 -22.28
CA GLU B 159 4.52 0.21 -21.15
C GLU B 159 5.34 1.46 -21.51
N ILE B 160 6.37 1.25 -22.31
CA ILE B 160 7.26 2.31 -22.72
C ILE B 160 6.50 3.32 -23.53
N LEU B 161 5.83 2.82 -24.58
CA LEU B 161 5.04 3.65 -25.49
C LEU B 161 3.97 4.44 -24.77
N ALA B 162 3.43 3.82 -23.73
CA ALA B 162 2.40 4.42 -22.93
C ALA B 162 2.83 5.74 -22.33
N ASP B 163 4.02 5.79 -21.74
CA ASP B 163 4.49 7.00 -21.07
C ASP B 163 5.33 7.99 -21.90
N MET B 164 5.98 7.46 -22.92
CA MET B 164 6.85 8.28 -23.78
C MET B 164 6.11 9.49 -24.36
N PRO B 165 6.59 10.71 -24.03
CA PRO B 165 5.99 11.96 -24.49
C PRO B 165 6.34 12.40 -25.91
N ALA B 166 6.95 11.51 -26.68
CA ALA B 166 7.33 11.82 -28.07
C ALA B 166 7.81 10.55 -28.77
N PRO B 167 7.94 10.60 -30.12
CA PRO B 167 8.41 9.41 -30.84
C PRO B 167 9.80 8.95 -30.41
N ILE B 168 9.95 7.65 -30.24
CA ILE B 168 11.22 7.06 -29.80
C ILE B 168 12.20 6.97 -30.97
N THR B 169 13.19 7.86 -30.96
CA THR B 169 14.22 7.92 -32.00
C THR B 169 15.02 6.62 -32.06
N ALA B 170 15.39 6.15 -30.89
CA ALA B 170 16.15 4.92 -30.75
C ALA B 170 15.96 4.31 -29.38
N PHE B 171 16.15 2.99 -29.31
CA PHE B 171 16.00 2.25 -28.08
C PHE B 171 17.29 1.48 -27.82
N VAL B 172 17.96 1.84 -26.73
CA VAL B 172 19.23 1.22 -26.31
C VAL B 172 18.97 0.26 -25.14
N ALA B 173 19.51 -0.96 -25.25
CA ALA B 173 19.31 -1.96 -24.23
C ALA B 173 20.51 -2.85 -24.03
N GLY B 174 20.75 -3.25 -22.79
CA GLY B 174 21.86 -4.13 -22.48
C GLY B 174 21.47 -5.55 -22.86
N ALA B 175 22.43 -6.42 -23.12
CA ALA B 175 22.07 -7.79 -23.47
C ALA B 175 22.83 -8.86 -22.70
N GLY B 176 22.08 -9.78 -22.10
CA GLY B 176 22.67 -10.87 -21.36
C GLY B 176 22.20 -12.13 -22.06
N SER B 177 20.88 -12.26 -22.17
CA SER B 177 20.26 -13.39 -22.86
C SER B 177 19.87 -12.87 -24.24
N GLY B 178 19.57 -11.58 -24.29
CA GLY B 178 19.17 -10.92 -25.51
C GLY B 178 17.71 -10.55 -25.40
N GLY B 179 16.96 -11.47 -24.79
CA GLY B 179 15.52 -11.33 -24.58
C GLY B 179 14.95 -9.93 -24.47
N THR B 180 15.32 -9.19 -23.43
CA THR B 180 14.81 -7.83 -23.25
C THR B 180 14.96 -6.97 -24.49
N PHE B 181 16.18 -6.93 -25.03
CA PHE B 181 16.46 -6.11 -26.20
C PHE B 181 15.59 -6.53 -27.38
N ALA B 182 15.74 -7.79 -27.79
CA ALA B 182 14.99 -8.35 -28.90
C ALA B 182 13.50 -8.07 -28.70
N GLY B 183 12.93 -8.64 -27.64
CA GLY B 183 11.52 -8.44 -27.36
C GLY B 183 11.04 -7.01 -27.51
N VAL B 184 11.67 -6.06 -26.82
CA VAL B 184 11.22 -4.66 -26.89
C VAL B 184 11.52 -3.97 -28.20
N ALA B 185 12.67 -4.27 -28.78
CA ALA B 185 13.03 -3.64 -30.04
C ALA B 185 12.06 -4.12 -31.10
N ALA B 186 11.80 -5.44 -31.07
CA ALA B 186 10.88 -6.06 -32.01
C ALA B 186 9.54 -5.29 -32.01
N TYR B 187 8.90 -5.22 -30.86
CA TYR B 187 7.63 -4.50 -30.77
C TYR B 187 7.75 -3.05 -31.25
N LEU B 188 8.75 -2.34 -30.73
CA LEU B 188 8.97 -0.94 -31.08
C LEU B 188 9.25 -0.65 -32.56
N GLN B 189 10.04 -1.52 -33.19
CA GLN B 189 10.37 -1.34 -34.60
C GLN B 189 9.16 -1.63 -35.49
N ALA B 190 8.23 -2.43 -34.96
CA ALA B 190 7.02 -2.82 -35.68
C ALA B 190 5.88 -1.84 -35.37
N GLN B 191 6.21 -0.74 -34.74
CA GLN B 191 5.22 0.27 -34.38
C GLN B 191 5.71 1.59 -34.93
N ASP B 192 6.88 1.53 -35.55
CA ASP B 192 7.53 2.70 -36.12
C ASP B 192 8.86 2.16 -36.62
N SER B 193 9.02 2.10 -37.94
CA SER B 193 10.26 1.59 -38.51
C SER B 193 11.46 2.50 -38.18
N ALA B 194 11.17 3.80 -37.99
CA ALA B 194 12.19 4.80 -37.68
C ALA B 194 12.97 4.53 -36.39
N THR B 195 12.31 3.94 -35.40
CA THR B 195 12.94 3.64 -34.13
C THR B 195 14.11 2.68 -34.33
N LYS B 196 15.30 3.19 -34.03
CA LYS B 196 16.51 2.40 -34.18
C LYS B 196 16.71 1.54 -32.93
N ALA B 197 17.25 0.35 -33.14
CA ALA B 197 17.53 -0.60 -32.07
C ALA B 197 19.03 -0.74 -31.85
N VAL B 198 19.49 -0.44 -30.64
CA VAL B 198 20.92 -0.56 -30.31
C VAL B 198 21.19 -1.50 -29.12
N VAL B 199 22.04 -2.49 -29.32
CA VAL B 199 22.39 -3.44 -28.27
C VAL B 199 23.64 -2.96 -27.53
N VAL B 200 23.75 -3.28 -26.25
CA VAL B 200 24.92 -2.87 -25.50
C VAL B 200 25.52 -4.04 -24.77
N GLU B 201 26.85 -4.18 -24.87
CA GLU B 201 27.55 -5.27 -24.22
C GLU B 201 28.79 -4.73 -23.54
N PRO B 202 29.25 -5.40 -22.48
CA PRO B 202 30.43 -4.96 -21.75
C PRO B 202 31.67 -5.48 -22.47
N GLU B 203 32.81 -4.81 -22.29
CA GLU B 203 34.03 -5.27 -22.92
C GLU B 203 34.26 -6.67 -22.38
N GLY B 204 34.57 -7.59 -23.26
CA GLY B 204 34.79 -8.96 -22.85
C GLY B 204 33.68 -9.81 -23.39
N SER B 205 32.77 -9.14 -24.10
CA SER B 205 31.61 -9.79 -24.70
C SER B 205 31.84 -10.05 -26.19
N ILE B 206 31.20 -11.10 -26.69
CA ILE B 206 31.39 -11.51 -28.07
C ILE B 206 30.61 -10.77 -29.17
N LEU B 207 29.57 -10.04 -28.82
CA LEU B 207 28.79 -9.35 -29.83
C LEU B 207 29.61 -8.61 -30.89
N ASN B 208 30.72 -7.99 -30.50
CA ASN B 208 31.51 -7.27 -31.48
C ASN B 208 32.81 -7.98 -31.84
N GLY B 209 32.78 -9.31 -31.83
CA GLY B 209 33.96 -10.08 -32.18
C GLY B 209 35.11 -9.97 -31.21
N GLY B 210 34.97 -9.14 -30.18
CA GLY B 210 36.03 -8.99 -29.21
C GLY B 210 36.52 -10.32 -28.64
N PRO B 211 37.66 -10.36 -27.92
CA PRO B 211 38.07 -11.66 -27.37
C PRO B 211 37.16 -11.91 -26.18
N ALA B 212 36.88 -13.17 -25.89
CA ALA B 212 35.98 -13.49 -24.79
C ALA B 212 36.63 -13.55 -23.43
N HIS B 213 36.38 -12.54 -22.59
CA HIS B 213 36.94 -12.52 -21.23
C HIS B 213 35.93 -12.09 -20.19
N ALA B 214 36.33 -12.15 -18.93
CA ALA B 214 35.48 -11.77 -17.80
C ALA B 214 35.42 -10.28 -17.60
N HIS B 215 34.24 -9.75 -17.36
CA HIS B 215 34.08 -8.32 -17.16
C HIS B 215 33.49 -7.99 -15.80
N ARG B 216 33.73 -6.76 -15.34
CA ARG B 216 33.23 -6.29 -14.05
C ARG B 216 31.74 -5.97 -14.12
N THR B 217 31.31 -5.29 -15.19
CA THR B 217 29.90 -4.97 -15.38
C THR B 217 29.16 -6.31 -15.24
N GLU B 218 28.03 -6.32 -14.53
CA GLU B 218 27.28 -7.59 -14.33
C GLU B 218 25.83 -7.61 -14.81
N GLY B 219 25.41 -8.74 -15.34
CA GLY B 219 24.04 -8.82 -15.82
C GLY B 219 23.99 -8.95 -17.33
N ILE B 220 24.79 -8.16 -18.02
CA ILE B 220 24.87 -8.23 -19.47
C ILE B 220 26.17 -8.95 -19.88
N GLY B 221 26.34 -9.17 -21.17
CA GLY B 221 27.50 -9.87 -21.66
C GLY B 221 27.01 -11.17 -22.27
N VAL B 222 27.51 -11.50 -23.46
CA VAL B 222 27.07 -12.70 -24.14
C VAL B 222 28.26 -13.60 -24.51
N GLU B 223 28.06 -14.92 -24.47
CA GLU B 223 29.12 -15.88 -24.79
C GLU B 223 28.86 -16.60 -26.09
N PHE B 224 27.86 -16.11 -26.83
CA PHE B 224 27.46 -16.63 -28.14
C PHE B 224 26.41 -15.62 -28.59
N ILE B 225 26.21 -15.48 -29.89
CA ILE B 225 25.25 -14.51 -30.34
C ILE B 225 23.81 -15.03 -30.13
N PRO B 226 23.02 -14.35 -29.27
CA PRO B 226 21.63 -14.76 -28.97
C PRO B 226 20.72 -14.94 -30.19
N PRO B 227 20.03 -16.09 -30.27
CA PRO B 227 19.12 -16.35 -31.39
C PRO B 227 17.95 -15.36 -31.57
N PHE B 228 17.47 -14.76 -30.49
CA PHE B 228 16.35 -13.83 -30.60
C PHE B 228 16.64 -12.61 -31.45
N PHE B 229 17.83 -12.51 -32.04
CA PHE B 229 18.19 -11.32 -32.81
C PHE B 229 17.66 -11.20 -34.25
N ASP B 230 17.08 -12.27 -34.79
CA ASP B 230 16.53 -12.20 -36.15
C ASP B 230 15.20 -11.47 -36.21
N GLN B 231 14.64 -11.13 -35.06
CA GLN B 231 13.35 -10.44 -35.03
C GLN B 231 13.55 -8.94 -35.01
N VAL B 232 14.81 -8.52 -34.90
CA VAL B 232 15.11 -7.10 -34.86
C VAL B 232 16.19 -6.70 -35.85
N ARG B 233 16.06 -5.47 -36.33
CA ARG B 233 17.00 -4.88 -37.26
C ARG B 233 17.95 -4.12 -36.35
N ILE B 234 19.09 -4.74 -36.03
CA ILE B 234 20.06 -4.10 -35.14
C ILE B 234 20.81 -2.97 -35.86
N ASP B 235 20.50 -1.74 -35.48
CA ASP B 235 21.11 -0.57 -36.09
C ASP B 235 22.51 -0.24 -35.60
N GLN B 236 22.95 -0.89 -34.53
CA GLN B 236 24.29 -0.63 -34.00
C GLN B 236 24.57 -1.48 -32.78
N THR B 237 25.81 -1.93 -32.64
CA THR B 237 26.21 -2.76 -31.52
C THR B 237 27.37 -2.07 -30.76
N LEU B 238 27.05 -1.51 -29.60
CA LEU B 238 28.03 -0.82 -28.78
C LEU B 238 28.64 -1.68 -27.66
N THR B 239 29.97 -1.70 -27.58
CA THR B 239 30.67 -2.42 -26.53
C THR B 239 31.14 -1.39 -25.53
N ILE B 240 30.51 -1.35 -24.36
CA ILE B 240 30.86 -0.37 -23.33
C ILE B 240 31.95 -0.83 -22.36
N ALA B 241 32.88 0.09 -22.10
CA ALA B 241 34.00 -0.13 -21.20
C ALA B 241 33.55 -0.25 -19.75
N ASP B 242 34.24 -1.07 -18.98
CA ASP B 242 33.90 -1.26 -17.58
C ASP B 242 33.85 0.05 -16.78
N ASN B 243 34.94 0.81 -16.85
CA ASN B 243 35.04 2.07 -16.13
C ASN B 243 33.93 3.02 -16.51
N ASP B 244 33.56 2.99 -17.79
CA ASP B 244 32.51 3.84 -18.32
C ASP B 244 31.18 3.51 -17.65
N ALA B 245 30.86 2.22 -17.58
CA ALA B 245 29.62 1.76 -16.95
C ALA B 245 29.58 2.22 -15.50
N PHE B 246 30.61 1.82 -14.75
CA PHE B 246 30.71 2.13 -13.32
C PHE B 246 30.79 3.62 -12.99
N ALA B 247 31.40 4.40 -13.86
CA ALA B 247 31.51 5.84 -13.64
C ALA B 247 30.11 6.47 -13.65
N GLN B 248 29.20 5.89 -14.43
CA GLN B 248 27.83 6.36 -14.50
C GLN B 248 27.07 5.94 -13.23
N VAL B 249 27.33 4.70 -12.80
CA VAL B 249 26.68 4.17 -11.59
C VAL B 249 26.98 5.10 -10.45
N ARG B 250 28.21 5.61 -10.46
CA ARG B 250 28.65 6.51 -9.44
C ARG B 250 27.94 7.85 -9.54
N HIS B 251 27.96 8.44 -10.73
CA HIS B 251 27.36 9.75 -10.98
C HIS B 251 25.87 9.92 -10.71
N LEU B 252 25.07 9.02 -11.26
CA LEU B 252 23.63 9.11 -11.07
C LEU B 252 23.23 9.05 -9.58
N ALA B 253 24.02 8.37 -8.76
CA ALA B 253 23.73 8.24 -7.35
C ALA B 253 24.20 9.48 -6.60
N ARG B 254 25.31 10.06 -7.02
CA ARG B 254 25.81 11.23 -6.31
C ARG B 254 25.21 12.52 -6.79
N ASP B 255 24.58 12.50 -7.96
CA ASP B 255 24.00 13.71 -8.53
C ASP B 255 22.49 13.69 -8.71
N HIS B 256 21.89 12.51 -8.81
CA HIS B 256 20.46 12.41 -9.01
C HIS B 256 19.82 11.24 -8.30
N GLY B 257 20.26 10.99 -7.08
CA GLY B 257 19.73 9.92 -6.26
C GLY B 257 19.25 8.68 -7.00
N LEU B 258 20.05 8.20 -7.94
CA LEU B 258 19.68 7.01 -8.68
C LEU B 258 20.61 5.85 -8.35
N LEU B 259 20.11 4.88 -7.59
CA LEU B 259 20.94 3.75 -7.24
C LEU B 259 20.80 2.71 -8.34
N ILE B 260 21.79 2.65 -9.24
CA ILE B 260 21.69 1.69 -10.34
C ILE B 260 22.80 0.66 -10.45
N GLY B 261 22.50 -0.50 -11.00
CA GLY B 261 23.51 -1.52 -11.17
C GLY B 261 24.41 -1.19 -12.35
N SER B 262 25.52 -1.90 -12.48
CA SER B 262 26.47 -1.69 -13.57
C SER B 262 25.81 -1.81 -14.94
N SER B 263 24.96 -2.81 -15.09
CA SER B 263 24.24 -3.04 -16.35
C SER B 263 23.47 -1.78 -16.71
N SER B 264 22.93 -1.10 -15.70
CA SER B 264 22.19 0.13 -15.95
C SER B 264 23.16 1.24 -16.27
N GLY B 265 24.39 1.12 -15.82
CA GLY B 265 25.38 2.15 -16.12
C GLY B 265 25.86 2.04 -17.55
N ALA B 266 26.19 0.83 -17.98
CA ALA B 266 26.65 0.59 -19.34
C ALA B 266 25.59 1.09 -20.28
N ALA B 267 24.33 0.89 -19.88
CA ALA B 267 23.20 1.32 -20.67
C ALA B 267 23.24 2.82 -20.82
N LEU B 268 23.30 3.55 -19.72
CA LEU B 268 23.32 5.00 -19.81
C LEU B 268 24.53 5.45 -20.62
N ALA B 269 25.65 4.75 -20.40
CA ALA B 269 26.88 5.04 -21.10
C ALA B 269 26.61 5.02 -22.61
N ALA B 270 26.20 3.85 -23.10
CA ALA B 270 25.89 3.65 -24.52
C ALA B 270 24.84 4.63 -25.05
N SER B 271 23.82 4.91 -24.25
CA SER B 271 22.79 5.83 -24.69
C SER B 271 23.34 7.22 -24.92
N LEU B 272 24.07 7.74 -23.95
CA LEU B 272 24.66 9.07 -24.07
C LEU B 272 25.61 9.11 -25.26
N GLN B 273 26.35 8.02 -25.46
CA GLN B 273 27.28 7.92 -26.56
C GLN B 273 26.54 8.06 -27.90
N LEU B 274 25.39 7.38 -28.01
CA LEU B 274 24.60 7.42 -29.23
C LEU B 274 24.07 8.81 -29.52
N ALA B 275 23.73 9.55 -28.46
CA ALA B 275 23.20 10.90 -28.61
C ALA B 275 24.11 11.78 -29.47
N THR B 276 25.35 11.32 -29.68
CA THR B 276 26.29 12.08 -30.48
C THR B 276 26.30 11.78 -31.98
N ASN B 277 25.69 10.66 -32.41
CA ASN B 277 25.57 10.34 -33.83
C ASN B 277 24.08 10.27 -34.17
N LEU B 278 23.31 11.08 -33.44
CA LEU B 278 21.87 11.17 -33.63
C LEU B 278 21.46 12.63 -33.69
N PRO B 279 20.43 12.92 -34.51
CA PRO B 279 19.91 14.29 -34.68
C PRO B 279 19.75 15.02 -33.35
N ALA B 280 19.69 16.33 -33.43
CA ALA B 280 19.51 17.12 -32.23
C ALA B 280 18.11 16.84 -31.72
N ASN B 281 17.82 17.30 -30.51
CA ASN B 281 16.49 17.12 -29.92
C ASN B 281 15.88 15.74 -30.07
N SER B 282 16.71 14.70 -30.19
CA SER B 282 16.21 13.33 -30.34
C SER B 282 15.60 12.76 -29.05
N HIS B 283 15.07 11.55 -29.14
CA HIS B 283 14.47 10.89 -27.97
C HIS B 283 14.91 9.43 -27.88
N ILE B 284 15.76 9.13 -26.89
CA ILE B 284 16.27 7.78 -26.71
C ILE B 284 15.73 7.13 -25.44
N VAL B 285 15.35 5.86 -25.57
CA VAL B 285 14.80 5.11 -24.45
C VAL B 285 15.69 3.90 -24.19
N THR B 286 15.98 3.71 -22.91
CA THR B 286 16.81 2.61 -22.47
C THR B 286 16.26 2.00 -21.19
N ILE B 287 16.96 1.00 -20.68
CA ILE B 287 16.50 0.31 -19.50
C ILE B 287 17.51 0.03 -18.39
N PHE B 288 17.17 0.38 -17.16
CA PHE B 288 18.02 0.12 -16.00
C PHE B 288 17.37 -1.11 -15.33
N PRO B 289 17.92 -2.30 -15.59
CA PRO B 289 17.45 -3.60 -15.07
C PRO B 289 17.49 -3.89 -13.56
N ASP B 290 18.33 -3.21 -12.79
CA ASP B 290 18.39 -3.49 -11.36
C ASP B 290 19.17 -2.48 -10.54
N SER B 291 18.97 -2.53 -9.23
CA SER B 291 19.62 -1.59 -8.32
C SER B 291 21.10 -1.84 -7.99
N SER B 292 21.78 -0.79 -7.55
CA SER B 292 23.20 -0.90 -7.19
C SER B 292 23.34 -1.56 -5.82
N GLU B 293 22.23 -1.62 -5.12
CA GLU B 293 22.20 -2.22 -3.81
C GLU B 293 22.45 -3.70 -3.96
N ARG B 294 22.33 -4.20 -5.19
CA ARG B 294 22.51 -5.62 -5.48
C ARG B 294 23.93 -6.03 -5.74
N TYR B 295 24.83 -5.06 -5.74
CA TYR B 295 26.23 -5.34 -5.99
C TYR B 295 27.07 -4.59 -4.97
N LEU B 296 26.54 -4.45 -3.76
CA LEU B 296 27.27 -3.74 -2.72
C LEU B 296 28.43 -4.59 -2.22
N SER B 297 28.22 -5.91 -2.27
CA SER B 297 29.23 -6.87 -1.86
C SER B 297 30.45 -6.75 -2.78
N GLN B 298 30.24 -6.20 -3.96
CA GLN B 298 31.32 -6.05 -4.95
C GLN B 298 31.97 -4.66 -4.97
N LYS B 299 31.68 -3.85 -3.96
CA LYS B 299 32.26 -2.52 -3.92
C LYS B 299 31.94 -1.74 -5.20
N ILE B 300 30.70 -1.90 -5.68
CA ILE B 300 30.25 -1.24 -6.91
C ILE B 300 30.54 0.25 -6.93
N TYR B 301 30.46 0.88 -5.77
CA TYR B 301 30.67 2.31 -5.72
C TYR B 301 32.12 2.74 -5.55
N THR B 302 33.03 1.78 -5.46
CA THR B 302 34.47 2.06 -5.33
C THR B 302 35.13 2.19 -6.69
N LYS B 303 36.19 3.00 -6.79
CA LYS B 303 36.85 3.17 -8.09
C LYS B 303 37.82 2.06 -8.52
N MET C 1 -29.92 -15.27 -21.34
CA MET C 1 -28.53 -15.65 -20.97
C MET C 1 -28.07 -16.82 -21.82
N LEU C 2 -26.95 -16.67 -22.53
CA LEU C 2 -26.42 -17.75 -23.35
C LEU C 2 -25.22 -18.43 -22.70
N ILE C 3 -25.34 -19.72 -22.42
CA ILE C 3 -24.24 -20.43 -21.80
C ILE C 3 -23.65 -21.51 -22.69
N GLN C 4 -22.41 -21.89 -22.38
CA GLN C 4 -21.65 -22.88 -23.11
C GLN C 4 -21.57 -24.18 -22.34
N HIS C 5 -21.26 -24.08 -21.07
CA HIS C 5 -21.19 -25.25 -20.22
C HIS C 5 -22.08 -25.03 -19.02
N VAL C 6 -22.48 -26.13 -18.39
CA VAL C 6 -23.35 -26.07 -17.25
C VAL C 6 -22.73 -25.32 -16.06
N GLN C 7 -21.42 -25.42 -15.88
CA GLN C 7 -20.76 -24.77 -14.75
C GLN C 7 -21.01 -23.26 -14.68
N GLU C 8 -21.43 -22.68 -15.78
CA GLU C 8 -21.69 -21.25 -15.81
C GLU C 8 -22.94 -20.91 -15.01
N LEU C 9 -23.72 -21.92 -14.63
CA LEU C 9 -24.96 -21.72 -13.88
C LEU C 9 -24.79 -21.84 -12.36
N ILE C 10 -23.61 -22.27 -11.92
CA ILE C 10 -23.36 -22.39 -10.50
C ILE C 10 -23.33 -20.96 -9.93
N GLY C 11 -23.93 -20.79 -8.76
CA GLY C 11 -23.95 -19.50 -8.10
C GLY C 11 -24.94 -18.55 -8.73
N HIS C 12 -24.95 -17.32 -8.22
CA HIS C 12 -25.84 -16.27 -8.72
C HIS C 12 -27.29 -16.76 -8.62
N THR C 13 -27.58 -17.40 -7.47
CA THR C 13 -28.89 -17.96 -7.14
C THR C 13 -29.74 -16.86 -6.56
N PRO C 14 -31.07 -16.96 -6.70
CA PRO C 14 -31.98 -15.93 -6.18
C PRO C 14 -32.05 -15.82 -4.65
N LEU C 15 -32.26 -14.60 -4.16
CA LEU C 15 -32.41 -14.34 -2.72
C LEU C 15 -33.89 -13.95 -2.59
N MET C 16 -34.63 -14.75 -1.83
CA MET C 16 -36.05 -14.49 -1.68
C MET C 16 -36.47 -13.99 -0.32
N ALA C 17 -37.29 -12.93 -0.36
CA ALA C 17 -37.84 -12.35 0.83
C ALA C 17 -39.14 -13.14 0.99
N LEU C 18 -39.05 -14.22 1.74
CA LEU C 18 -40.20 -15.08 1.94
C LEU C 18 -41.44 -14.32 2.36
N PRO C 19 -42.52 -14.48 1.59
CA PRO C 19 -43.82 -13.83 1.86
C PRO C 19 -44.57 -14.55 2.98
N ILE C 20 -43.97 -14.61 4.17
CA ILE C 20 -44.59 -15.30 5.28
C ILE C 20 -44.70 -14.48 6.58
N GLU C 21 -45.44 -15.01 7.54
CA GLU C 21 -45.61 -14.35 8.83
C GLU C 21 -44.35 -14.52 9.67
N VAL C 22 -43.74 -13.42 10.08
CA VAL C 22 -42.51 -13.46 10.89
C VAL C 22 -42.69 -12.66 12.19
N PRO C 23 -42.18 -13.20 13.32
CA PRO C 23 -42.23 -12.60 14.66
C PRO C 23 -41.60 -11.21 14.78
N ASN C 24 -42.29 -10.32 15.49
CA ASN C 24 -41.84 -8.95 15.71
C ASN C 24 -41.78 -8.15 14.40
N HIS C 25 -42.65 -8.49 13.46
CA HIS C 25 -42.73 -7.78 12.17
C HIS C 25 -41.36 -7.53 11.54
N SER C 26 -40.61 -8.62 11.39
CA SER C 26 -39.29 -8.61 10.80
C SER C 26 -39.38 -9.33 9.47
N HIS C 27 -38.23 -9.59 8.87
CA HIS C 27 -38.16 -10.28 7.57
C HIS C 27 -37.05 -11.34 7.43
N ILE C 28 -37.40 -12.45 6.79
CA ILE C 28 -36.48 -13.54 6.57
C ILE C 28 -36.20 -13.66 5.07
N TYR C 29 -34.92 -13.62 4.72
CA TYR C 29 -34.48 -13.73 3.33
C TYR C 29 -33.72 -15.04 3.12
N ALA C 30 -34.11 -15.79 2.09
CA ALA C 30 -33.50 -17.08 1.83
C ALA C 30 -32.89 -17.24 0.44
N LYS C 31 -31.63 -17.66 0.42
CA LYS C 31 -30.92 -17.88 -0.83
C LYS C 31 -31.47 -19.22 -1.29
N LEU C 32 -32.02 -19.26 -2.50
CA LEU C 32 -32.59 -20.50 -3.03
C LEU C 32 -31.57 -21.28 -3.85
N GLU C 33 -30.67 -21.95 -3.15
CA GLU C 33 -29.59 -22.74 -3.72
C GLU C 33 -29.94 -23.97 -4.55
N MET C 34 -31.16 -24.45 -4.42
CA MET C 34 -31.56 -25.60 -5.20
C MET C 34 -31.54 -25.27 -6.69
N PHE C 35 -31.29 -23.99 -7.01
CA PHE C 35 -31.27 -23.56 -8.40
C PHE C 35 -29.94 -23.71 -9.12
N ASN C 36 -28.99 -24.40 -8.50
CA ASN C 36 -27.69 -24.63 -9.12
C ASN C 36 -27.85 -25.81 -10.08
N PRO C 37 -26.97 -25.92 -11.08
CA PRO C 37 -27.12 -27.04 -12.02
C PRO C 37 -27.28 -28.39 -11.34
N GLY C 38 -26.58 -28.58 -10.22
CA GLY C 38 -26.64 -29.83 -9.49
C GLY C 38 -27.83 -29.88 -8.57
N GLY C 39 -28.45 -28.73 -8.34
CA GLY C 39 -29.62 -28.71 -7.48
C GLY C 39 -29.31 -28.50 -6.00
N SER C 40 -28.11 -27.99 -5.71
CA SER C 40 -27.71 -27.75 -4.31
C SER C 40 -26.59 -26.74 -4.22
N ILE C 41 -26.49 -26.13 -3.05
CA ILE C 41 -25.46 -25.15 -2.77
C ILE C 41 -24.12 -25.82 -2.98
N ALA C 42 -24.04 -27.13 -2.70
CA ALA C 42 -22.80 -27.90 -2.82
C ALA C 42 -22.10 -27.77 -4.17
N ASP C 43 -22.84 -27.39 -5.21
CA ASP C 43 -22.24 -27.22 -6.54
C ASP C 43 -21.06 -26.28 -6.43
N ARG C 44 -21.24 -25.27 -5.60
CA ARG C 44 -20.24 -24.26 -5.32
C ARG C 44 -19.02 -24.93 -4.69
N LEU C 45 -19.21 -25.54 -3.53
CA LEU C 45 -18.15 -26.23 -2.82
C LEU C 45 -17.35 -27.14 -3.72
N GLY C 46 -18.04 -28.03 -4.42
CA GLY C 46 -17.38 -28.95 -5.32
C GLY C 46 -16.38 -28.32 -6.28
N ALA C 47 -16.82 -27.33 -7.06
CA ALA C 47 -15.96 -26.64 -8.02
C ALA C 47 -14.75 -26.05 -7.31
N TYR C 48 -15.03 -25.25 -6.30
CA TYR C 48 -14.00 -24.60 -5.52
C TYR C 48 -12.98 -25.59 -4.91
N LEU C 49 -13.45 -26.75 -4.48
CA LEU C 49 -12.53 -27.71 -3.88
C LEU C 49 -11.58 -28.26 -4.93
N ILE C 50 -12.11 -28.57 -6.11
CA ILE C 50 -11.31 -29.13 -7.20
C ILE C 50 -10.37 -28.06 -7.73
N GLU C 51 -10.81 -26.81 -7.66
CA GLU C 51 -9.98 -25.68 -8.09
C GLU C 51 -8.77 -25.61 -7.17
N ASP C 52 -9.06 -25.60 -5.87
CA ASP C 52 -8.05 -25.54 -4.82
C ASP C 52 -7.10 -26.72 -4.95
N GLY C 53 -7.64 -27.92 -5.14
CA GLY C 53 -6.78 -29.08 -5.28
C GLY C 53 -5.80 -28.96 -6.43
N LEU C 54 -6.20 -28.29 -7.50
CA LEU C 54 -5.35 -28.13 -8.66
C LEU C 54 -4.27 -27.10 -8.42
N GLN C 55 -4.67 -25.93 -7.94
CA GLN C 55 -3.76 -24.82 -7.66
C GLN C 55 -2.70 -25.15 -6.65
N ARG C 56 -3.02 -26.05 -5.72
CA ARG C 56 -2.07 -26.46 -4.68
C ARG C 56 -1.27 -27.65 -5.18
N GLY C 57 -1.39 -27.95 -6.48
CA GLY C 57 -0.68 -29.07 -7.06
C GLY C 57 -0.91 -30.41 -6.39
N ARG C 58 -2.11 -30.59 -5.83
CA ARG C 58 -2.44 -31.84 -5.15
C ARG C 58 -3.24 -32.77 -6.07
N VAL C 59 -3.61 -32.25 -7.24
CA VAL C 59 -4.39 -33.00 -8.22
C VAL C 59 -3.78 -32.87 -9.61
N ASN C 60 -3.77 -33.97 -10.36
CA ASN C 60 -3.27 -33.92 -11.73
C ASN C 60 -4.21 -34.74 -12.62
N ALA C 61 -3.92 -34.71 -13.93
CA ALA C 61 -4.73 -35.40 -14.90
C ALA C 61 -5.26 -36.76 -14.46
N LYS C 62 -4.36 -37.65 -14.06
CA LYS C 62 -4.75 -38.99 -13.66
C LYS C 62 -5.11 -39.21 -12.18
N THR C 63 -5.17 -38.12 -11.42
CA THR C 63 -5.52 -38.23 -10.01
C THR C 63 -6.91 -38.81 -9.83
N THR C 64 -7.10 -39.52 -8.72
CA THR C 64 -8.38 -40.10 -8.37
C THR C 64 -8.89 -39.28 -7.17
N ILE C 65 -9.99 -38.59 -7.35
CA ILE C 65 -10.54 -37.81 -6.24
C ILE C 65 -11.40 -38.73 -5.39
N ILE C 66 -11.12 -38.78 -4.09
CA ILE C 66 -11.90 -39.61 -3.18
C ILE C 66 -12.44 -38.69 -2.09
N GLU C 67 -13.75 -38.77 -1.81
CA GLU C 67 -14.35 -37.90 -0.80
C GLU C 67 -15.59 -38.42 -0.08
N PRO C 68 -15.67 -38.24 1.25
CA PRO C 68 -16.83 -38.70 2.01
C PRO C 68 -17.89 -37.63 1.86
N THR C 69 -19.11 -38.04 1.50
CA THR C 69 -20.19 -37.09 1.29
C THR C 69 -21.56 -37.69 1.62
N ALA C 70 -22.54 -36.81 1.79
CA ALA C 70 -23.91 -37.22 2.08
C ALA C 70 -24.66 -37.33 0.77
N GLY C 71 -24.03 -36.83 -0.30
CA GLY C 71 -24.61 -36.90 -1.63
C GLY C 71 -24.51 -35.62 -2.44
N ASN C 72 -24.89 -34.50 -1.83
CA ASN C 72 -24.88 -33.21 -2.50
C ASN C 72 -23.47 -32.73 -2.84
N THR C 73 -22.56 -32.79 -1.88
CA THR C 73 -21.18 -32.40 -2.13
C THR C 73 -20.64 -33.38 -3.20
N GLY C 74 -21.06 -34.63 -3.11
CA GLY C 74 -20.63 -35.63 -4.07
C GLY C 74 -21.08 -35.23 -5.46
N ILE C 75 -22.28 -34.71 -5.57
CA ILE C 75 -22.82 -34.29 -6.86
C ILE C 75 -22.04 -33.09 -7.37
N GLY C 76 -21.88 -32.07 -6.54
CA GLY C 76 -21.15 -30.89 -6.95
C GLY C 76 -19.73 -31.26 -7.35
N LEU C 77 -19.16 -32.20 -6.61
CA LEU C 77 -17.80 -32.67 -6.87
C LEU C 77 -17.77 -33.42 -8.20
N ALA C 78 -18.74 -34.33 -8.40
CA ALA C 78 -18.83 -35.11 -9.62
C ALA C 78 -18.97 -34.21 -10.82
N LEU C 79 -19.69 -33.12 -10.64
CA LEU C 79 -19.89 -32.17 -11.72
C LEU C 79 -18.56 -31.52 -12.12
N ALA C 80 -17.82 -31.07 -11.12
CA ALA C 80 -16.54 -30.44 -11.37
C ALA C 80 -15.53 -31.45 -11.92
N THR C 81 -15.34 -32.56 -11.20
CA THR C 81 -14.39 -33.56 -11.65
C THR C 81 -14.67 -33.96 -13.08
N GLN C 82 -15.94 -34.12 -13.41
CA GLN C 82 -16.34 -34.52 -14.75
C GLN C 82 -15.79 -33.55 -15.78
N ALA C 83 -15.81 -32.27 -15.42
CA ALA C 83 -15.33 -31.20 -16.29
C ALA C 83 -13.82 -31.21 -16.50
N HIS C 84 -13.08 -31.87 -15.63
CA HIS C 84 -11.63 -31.92 -15.78
C HIS C 84 -11.18 -33.33 -16.15
N HIS C 85 -12.14 -34.19 -16.43
CA HIS C 85 -11.80 -35.56 -16.76
C HIS C 85 -11.05 -36.20 -15.62
N LEU C 86 -11.55 -36.02 -14.40
CA LEU C 86 -10.93 -36.60 -13.22
C LEU C 86 -11.77 -37.76 -12.67
N ARG C 87 -11.11 -38.88 -12.36
CA ARG C 87 -11.82 -40.04 -11.81
C ARG C 87 -12.34 -39.68 -10.41
N THR C 88 -13.58 -40.05 -10.11
CA THR C 88 -14.14 -39.71 -8.82
C THR C 88 -14.79 -40.88 -8.09
N ILE C 89 -14.39 -41.09 -6.84
CA ILE C 89 -14.96 -42.15 -5.99
C ILE C 89 -15.56 -41.44 -4.77
N LEU C 90 -16.86 -41.56 -4.56
CA LEU C 90 -17.49 -40.89 -3.42
C LEU C 90 -17.89 -41.92 -2.38
N VAL C 91 -17.59 -41.62 -1.12
CA VAL C 91 -17.92 -42.52 -0.02
C VAL C 91 -19.11 -41.96 0.74
N VAL C 92 -20.26 -42.62 0.59
CA VAL C 92 -21.48 -42.19 1.23
C VAL C 92 -22.11 -43.25 2.16
N PRO C 93 -22.57 -42.79 3.32
CA PRO C 93 -23.20 -43.66 4.30
C PRO C 93 -24.54 -44.19 3.77
N GLU C 94 -24.76 -45.47 4.01
CA GLU C 94 -25.90 -46.22 3.56
C GLU C 94 -27.31 -45.67 3.52
N LYS C 95 -27.75 -44.88 4.50
CA LYS C 95 -29.15 -44.47 4.43
C LYS C 95 -29.53 -43.12 3.82
N PHE C 96 -28.61 -42.44 3.17
CA PHE C 96 -28.92 -41.14 2.57
C PHE C 96 -29.68 -41.27 1.26
N SER C 97 -30.39 -40.21 0.91
CA SER C 97 -31.22 -40.10 -0.30
C SER C 97 -30.86 -40.91 -1.53
N MET C 98 -31.76 -41.77 -1.97
CA MET C 98 -31.50 -42.59 -3.15
C MET C 98 -31.13 -41.69 -4.33
N GLU C 99 -32.00 -40.76 -4.66
CA GLU C 99 -31.77 -39.86 -5.78
C GLU C 99 -30.36 -39.25 -5.84
N LYS C 100 -29.82 -38.87 -4.70
CA LYS C 100 -28.48 -38.29 -4.63
C LYS C 100 -27.47 -39.29 -5.19
N GLN C 101 -27.56 -40.53 -4.73
CA GLN C 101 -26.66 -41.58 -5.19
C GLN C 101 -26.80 -41.78 -6.70
N VAL C 102 -28.03 -41.97 -7.16
CA VAL C 102 -28.27 -42.16 -8.59
C VAL C 102 -27.67 -41.03 -9.42
N LEU C 103 -27.93 -39.79 -9.01
CA LEU C 103 -27.42 -38.62 -9.72
C LEU C 103 -25.88 -38.63 -9.71
N MET C 104 -25.29 -39.03 -8.59
CA MET C 104 -23.84 -39.09 -8.47
C MET C 104 -23.26 -40.05 -9.51
N GLN C 105 -23.78 -41.26 -9.57
CA GLN C 105 -23.31 -42.23 -10.55
C GLN C 105 -23.64 -41.78 -11.97
N ALA C 106 -24.79 -41.13 -12.13
CA ALA C 106 -25.23 -40.65 -13.43
C ALA C 106 -24.22 -39.65 -13.94
N LEU C 107 -23.65 -38.88 -13.01
CA LEU C 107 -22.65 -37.86 -13.31
C LEU C 107 -21.26 -38.46 -13.50
N GLY C 108 -21.16 -39.79 -13.48
CA GLY C 108 -19.87 -40.42 -13.69
C GLY C 108 -19.09 -40.86 -12.46
N ALA C 109 -19.57 -40.54 -11.26
CA ALA C 109 -18.84 -40.96 -10.08
C ALA C 109 -19.06 -42.44 -9.73
N GLU C 110 -18.23 -42.95 -8.84
CA GLU C 110 -18.29 -44.33 -8.38
C GLU C 110 -18.57 -44.24 -6.87
N ILE C 111 -19.61 -44.91 -6.40
CA ILE C 111 -19.94 -44.80 -4.97
C ILE C 111 -19.44 -45.97 -4.17
N VAL C 112 -19.04 -45.68 -2.94
CA VAL C 112 -18.57 -46.73 -2.05
C VAL C 112 -19.44 -46.56 -0.81
N HIS C 113 -20.24 -47.58 -0.51
CA HIS C 113 -21.18 -47.57 0.61
C HIS C 113 -20.73 -48.00 2.01
N THR C 114 -20.85 -47.09 2.97
CA THR C 114 -20.47 -47.40 4.34
C THR C 114 -21.72 -47.59 5.21
N PRO C 115 -21.62 -48.36 6.31
CA PRO C 115 -22.75 -48.60 7.21
C PRO C 115 -23.44 -47.31 7.66
N SER C 116 -24.77 -47.32 7.70
CA SER C 116 -25.55 -46.16 8.11
C SER C 116 -25.28 -45.71 9.54
N GLU C 117 -25.12 -46.66 10.46
CA GLU C 117 -24.87 -46.34 11.87
C GLU C 117 -23.56 -45.60 12.12
N GLU C 118 -22.57 -45.84 11.26
CA GLU C 118 -21.26 -45.20 11.38
C GLU C 118 -21.31 -43.74 10.97
N GLY C 119 -22.38 -43.37 10.27
CA GLY C 119 -22.55 -42.00 9.84
C GLY C 119 -21.39 -41.49 9.01
N ILE C 120 -21.27 -40.17 9.00
CA ILE C 120 -20.22 -39.49 8.25
C ILE C 120 -18.85 -40.01 8.68
N LYS C 121 -18.70 -40.18 9.99
CA LYS C 121 -17.44 -40.66 10.55
C LYS C 121 -16.97 -41.91 9.80
N GLY C 122 -17.87 -42.88 9.63
CA GLY C 122 -17.51 -44.09 8.93
C GLY C 122 -17.13 -43.85 7.48
N ALA C 123 -17.78 -42.86 6.87
CA ALA C 123 -17.53 -42.52 5.48
C ALA C 123 -16.19 -41.83 5.36
N ILE C 124 -15.86 -41.02 6.37
CA ILE C 124 -14.58 -40.32 6.39
C ILE C 124 -13.49 -41.37 6.55
N ARG C 125 -13.66 -42.27 7.51
CA ARG C 125 -12.68 -43.31 7.73
C ARG C 125 -12.43 -44.08 6.45
N LYS C 126 -13.51 -44.57 5.85
CA LYS C 126 -13.39 -45.34 4.64
C LYS C 126 -12.76 -44.58 3.48
N ALA C 127 -13.02 -43.28 3.42
CA ALA C 127 -12.44 -42.46 2.35
C ALA C 127 -10.93 -42.54 2.47
N GLU C 128 -10.44 -42.13 3.64
CA GLU C 128 -9.03 -42.13 3.95
C GLU C 128 -8.41 -43.51 3.76
N ALA C 129 -9.06 -44.53 4.26
CA ALA C 129 -8.56 -45.88 4.11
C ALA C 129 -8.36 -46.20 2.62
N LEU C 130 -9.29 -45.73 1.78
CA LEU C 130 -9.24 -45.98 0.34
C LEU C 130 -8.16 -45.14 -0.32
N ALA C 131 -8.03 -43.89 0.11
CA ALA C 131 -7.01 -42.99 -0.42
C ALA C 131 -5.62 -43.57 -0.14
N ALA C 132 -5.55 -44.48 0.82
CA ALA C 132 -4.31 -45.09 1.20
C ALA C 132 -3.97 -46.23 0.28
N THR C 133 -4.95 -46.78 -0.41
CA THR C 133 -4.67 -47.89 -1.32
C THR C 133 -4.49 -47.40 -2.75
N ILE C 134 -4.73 -46.12 -2.97
CA ILE C 134 -4.57 -45.55 -4.30
C ILE C 134 -3.47 -44.49 -4.24
N SER C 135 -2.33 -44.80 -4.88
CA SER C 135 -1.19 -43.90 -4.89
C SER C 135 -1.49 -42.47 -5.35
N ASN C 136 -1.98 -42.33 -6.57
CA ASN C 136 -2.29 -41.02 -7.13
C ASN C 136 -3.72 -40.60 -6.75
N SER C 137 -3.91 -40.11 -5.53
CA SER C 137 -5.25 -39.72 -5.06
C SER C 137 -5.27 -38.50 -4.15
N TYR C 138 -6.35 -37.73 -4.22
CA TYR C 138 -6.50 -36.54 -3.38
C TYR C 138 -7.85 -36.52 -2.69
N VAL C 139 -7.84 -36.37 -1.37
CA VAL C 139 -9.10 -36.33 -0.61
C VAL C 139 -9.40 -34.91 -0.16
N PRO C 140 -10.32 -34.23 -0.84
CA PRO C 140 -10.69 -32.85 -0.50
C PRO C 140 -11.06 -32.63 0.98
N MET C 141 -11.61 -33.66 1.61
CA MET C 141 -12.00 -33.60 3.02
C MET C 141 -12.77 -32.34 3.43
N GLN C 142 -13.98 -32.18 2.89
CA GLN C 142 -14.83 -31.03 3.16
C GLN C 142 -15.06 -30.71 4.63
N PHE C 143 -14.84 -31.68 5.50
CA PHE C 143 -15.06 -31.47 6.94
C PHE C 143 -13.86 -30.88 7.67
N LYS C 144 -12.73 -30.75 6.97
CA LYS C 144 -11.54 -30.17 7.58
C LYS C 144 -10.95 -29.11 6.66
N ASN C 145 -10.90 -29.41 5.37
CA ASN C 145 -10.34 -28.50 4.38
C ASN C 145 -10.86 -27.08 4.50
N PRO C 146 -9.96 -26.11 4.81
CA PRO C 146 -10.33 -24.70 4.95
C PRO C 146 -10.78 -24.05 3.65
N ALA C 147 -10.56 -24.75 2.54
CA ALA C 147 -10.96 -24.24 1.22
C ALA C 147 -12.47 -24.24 1.15
N ASN C 148 -13.07 -25.08 2.01
CA ASN C 148 -14.51 -25.24 2.09
C ASN C 148 -15.19 -23.91 2.44
N PRO C 149 -14.98 -23.41 3.66
CA PRO C 149 -15.64 -22.14 4.00
C PRO C 149 -15.24 -21.02 3.06
N ALA C 150 -13.98 -21.06 2.64
CA ALA C 150 -13.42 -20.08 1.71
C ALA C 150 -14.24 -20.05 0.43
N ALA C 151 -14.74 -21.22 0.05
CA ALA C 151 -15.52 -21.37 -1.15
C ALA C 151 -16.75 -20.48 -1.14
N TYR C 152 -17.43 -20.41 0.00
CA TYR C 152 -18.64 -19.61 0.09
C TYR C 152 -18.31 -18.16 0.44
N TYR C 153 -17.18 -17.99 1.10
CA TYR C 153 -16.72 -16.68 1.50
C TYR C 153 -16.71 -15.66 0.33
N HIS C 154 -16.22 -16.08 -0.83
CA HIS C 154 -16.12 -15.21 -1.99
C HIS C 154 -17.26 -15.28 -3.00
N THR C 155 -18.08 -16.33 -2.94
CA THR C 155 -19.19 -16.45 -3.88
C THR C 155 -20.52 -16.10 -3.21
N LEU C 156 -20.95 -16.96 -2.30
CA LEU C 156 -22.22 -16.80 -1.60
C LEU C 156 -22.33 -15.50 -0.84
N ALA C 157 -21.44 -15.33 0.14
CA ALA C 157 -21.42 -14.16 1.00
C ALA C 157 -21.68 -12.85 0.25
N PRO C 158 -20.78 -12.48 -0.68
CA PRO C 158 -20.97 -11.24 -1.43
C PRO C 158 -22.30 -11.16 -2.16
N GLU C 159 -22.79 -12.30 -2.62
CA GLU C 159 -24.06 -12.39 -3.33
C GLU C 159 -25.27 -12.00 -2.47
N ILE C 160 -25.21 -12.38 -1.20
CA ILE C 160 -26.26 -12.07 -0.25
C ILE C 160 -26.26 -10.57 -0.08
N LEU C 161 -25.08 -9.99 0.19
CA LEU C 161 -24.94 -8.55 0.40
C LEU C 161 -25.44 -7.75 -0.79
N ALA C 162 -25.14 -8.26 -1.98
CA ALA C 162 -25.54 -7.62 -3.21
C ALA C 162 -27.05 -7.40 -3.37
N ASP C 163 -27.87 -8.30 -2.83
CA ASP C 163 -29.33 -8.20 -2.97
C ASP C 163 -30.10 -7.71 -1.74
N MET C 164 -29.59 -8.05 -0.56
CA MET C 164 -30.19 -7.62 0.70
C MET C 164 -30.53 -6.13 0.65
N PRO C 165 -31.80 -5.79 0.89
CA PRO C 165 -32.24 -4.39 0.86
C PRO C 165 -32.12 -3.63 2.19
N ALA C 166 -31.26 -4.13 3.07
CA ALA C 166 -31.05 -3.50 4.36
C ALA C 166 -29.98 -4.26 5.07
N PRO C 167 -29.46 -3.70 6.16
CA PRO C 167 -28.42 -4.40 6.90
C PRO C 167 -28.90 -5.74 7.48
N ILE C 168 -28.05 -6.76 7.36
CA ILE C 168 -28.35 -8.10 7.86
C ILE C 168 -28.21 -8.12 9.37
N THR C 169 -29.35 -8.23 10.06
CA THR C 169 -29.35 -8.27 11.53
C THR C 169 -28.70 -9.58 11.98
N ALA C 170 -29.14 -10.66 11.36
CA ALA C 170 -28.62 -11.99 11.69
C ALA C 170 -28.60 -12.93 10.48
N PHE C 171 -27.68 -13.89 10.51
CA PHE C 171 -27.57 -14.85 9.44
C PHE C 171 -27.67 -16.24 10.07
N VAL C 172 -28.78 -16.93 9.75
CA VAL C 172 -29.06 -18.27 10.25
C VAL C 172 -28.75 -19.25 9.12
N ALA C 173 -28.04 -20.34 9.44
CA ALA C 173 -27.69 -21.33 8.43
C ALA C 173 -27.56 -22.74 9.00
N GLY C 174 -27.84 -23.75 8.18
CA GLY C 174 -27.73 -25.11 8.66
C GLY C 174 -26.28 -25.54 8.60
N ALA C 175 -25.89 -26.56 9.36
CA ALA C 175 -24.51 -27.02 9.34
C ALA C 175 -24.36 -28.52 9.19
N GLY C 176 -23.68 -28.93 8.12
CA GLY C 176 -23.46 -30.35 7.87
C GLY C 176 -21.97 -30.64 8.06
N SER C 177 -21.16 -29.80 7.41
CA SER C 177 -19.71 -29.85 7.49
C SER C 177 -19.37 -28.59 8.28
N GLY C 178 -20.20 -27.57 8.08
CA GLY C 178 -20.01 -26.31 8.77
C GLY C 178 -19.55 -25.26 7.78
N GLY C 179 -19.00 -25.72 6.66
CA GLY C 179 -18.50 -24.84 5.62
C GLY C 179 -19.37 -23.63 5.30
N THR C 180 -20.60 -23.86 4.83
CA THR C 180 -21.53 -22.79 4.46
C THR C 180 -21.72 -21.75 5.55
N PHE C 181 -21.98 -22.22 6.77
CA PHE C 181 -22.18 -21.31 7.88
C PHE C 181 -20.92 -20.45 8.14
N ALA C 182 -19.80 -21.12 8.43
CA ALA C 182 -18.52 -20.44 8.71
C ALA C 182 -18.12 -19.48 7.62
N GLY C 183 -18.05 -19.98 6.39
CA GLY C 183 -17.65 -19.15 5.28
C GLY C 183 -18.52 -17.92 5.10
N VAL C 184 -19.83 -18.06 5.28
CA VAL C 184 -20.69 -16.90 5.10
C VAL C 184 -20.75 -16.00 6.31
N ALA C 185 -20.81 -16.60 7.49
CA ALA C 185 -20.85 -15.82 8.72
C ALA C 185 -19.53 -15.02 8.86
N ALA C 186 -18.42 -15.67 8.55
CA ALA C 186 -17.11 -15.05 8.62
C ALA C 186 -17.06 -13.78 7.77
N TYR C 187 -17.48 -13.87 6.51
CA TYR C 187 -17.48 -12.71 5.64
C TYR C 187 -18.48 -11.64 6.07
N LEU C 188 -19.66 -12.06 6.51
CA LEU C 188 -20.69 -11.12 6.92
C LEU C 188 -20.34 -10.43 8.21
N GLN C 189 -19.73 -11.20 9.13
CA GLN C 189 -19.35 -10.69 10.43
C GLN C 189 -18.13 -9.81 10.34
N ALA C 190 -17.40 -9.92 9.23
CA ALA C 190 -16.21 -9.11 9.01
C ALA C 190 -16.55 -7.85 8.21
N GLN C 191 -17.83 -7.65 7.94
CA GLN C 191 -18.30 -6.48 7.19
C GLN C 191 -19.27 -5.68 8.05
N ASP C 192 -19.62 -6.26 9.19
CA ASP C 192 -20.55 -5.66 10.13
C ASP C 192 -20.56 -6.52 11.37
N SER C 193 -19.75 -6.14 12.34
CA SER C 193 -19.66 -6.90 13.59
C SER C 193 -21.05 -7.11 14.22
N ALA C 194 -21.99 -6.24 13.87
CA ALA C 194 -23.36 -6.32 14.42
C ALA C 194 -24.05 -7.61 13.98
N THR C 195 -23.86 -8.00 12.73
CA THR C 195 -24.48 -9.20 12.19
C THR C 195 -24.24 -10.42 13.08
N LYS C 196 -25.33 -10.96 13.62
CA LYS C 196 -25.24 -12.14 14.46
C LYS C 196 -25.21 -13.42 13.62
N ALA C 197 -24.41 -14.38 14.07
CA ALA C 197 -24.26 -15.66 13.39
C ALA C 197 -24.92 -16.76 14.20
N VAL C 198 -25.89 -17.43 13.60
CA VAL C 198 -26.59 -18.52 14.27
C VAL C 198 -26.52 -19.80 13.44
N VAL C 199 -26.05 -20.87 14.07
CA VAL C 199 -25.96 -22.18 13.44
C VAL C 199 -27.24 -22.98 13.77
N VAL C 200 -27.60 -23.91 12.90
CA VAL C 200 -28.78 -24.72 13.09
C VAL C 200 -28.42 -26.17 12.89
N GLU C 201 -28.95 -27.03 13.75
CA GLU C 201 -28.67 -28.45 13.67
C GLU C 201 -29.92 -29.22 14.04
N PRO C 202 -30.09 -30.43 13.48
CA PRO C 202 -31.27 -31.26 13.77
C PRO C 202 -31.12 -31.98 15.09
N GLU C 203 -32.24 -32.39 15.68
CA GLU C 203 -32.17 -33.13 16.93
C GLU C 203 -31.37 -34.36 16.59
N GLY C 204 -30.48 -34.76 17.50
CA GLY C 204 -29.66 -35.91 17.24
C GLY C 204 -28.25 -35.45 16.92
N SER C 205 -28.07 -34.13 16.90
CA SER C 205 -26.79 -33.54 16.62
C SER C 205 -26.04 -33.16 17.89
N ILE C 206 -24.71 -33.22 17.80
CA ILE C 206 -23.79 -32.95 18.89
C ILE C 206 -23.48 -31.50 19.21
N LEU C 207 -23.72 -30.59 18.26
CA LEU C 207 -23.44 -29.17 18.49
C LEU C 207 -23.89 -28.64 19.86
N ASN C 208 -25.00 -29.14 20.40
CA ASN C 208 -25.50 -28.66 21.68
C ASN C 208 -25.33 -29.62 22.84
N GLY C 209 -24.48 -30.62 22.65
CA GLY C 209 -24.24 -31.57 23.71
C GLY C 209 -25.24 -32.70 23.72
N GLY C 210 -26.34 -32.53 23.00
CA GLY C 210 -27.36 -33.56 22.97
C GLY C 210 -26.77 -34.92 22.63
N PRO C 211 -27.50 -36.02 22.90
CA PRO C 211 -26.91 -37.32 22.56
C PRO C 211 -26.85 -37.47 21.03
N ALA C 212 -25.99 -38.36 20.55
CA ALA C 212 -25.87 -38.55 19.12
C ALA C 212 -26.77 -39.68 18.64
N HIS C 213 -27.76 -39.32 17.83
CA HIS C 213 -28.68 -40.31 17.26
C HIS C 213 -29.07 -39.86 15.85
N ALA C 214 -29.68 -40.75 15.08
CA ALA C 214 -30.07 -40.44 13.71
C ALA C 214 -31.29 -39.54 13.61
N HIS C 215 -31.28 -38.65 12.64
CA HIS C 215 -32.40 -37.72 12.47
C HIS C 215 -32.99 -37.82 11.08
N ARG C 216 -34.24 -37.38 10.96
CA ARG C 216 -34.95 -37.39 9.69
C ARG C 216 -34.50 -36.22 8.81
N THR C 217 -34.20 -35.07 9.41
CA THR C 217 -33.73 -33.93 8.63
C THR C 217 -32.45 -34.40 7.98
N GLU C 218 -32.29 -34.18 6.68
CA GLU C 218 -31.07 -34.64 6.02
C GLU C 218 -30.26 -33.52 5.39
N GLY C 219 -28.94 -33.59 5.53
CA GLY C 219 -28.09 -32.55 4.96
C GLY C 219 -27.27 -31.85 6.02
N ILE C 220 -27.92 -31.53 7.13
CA ILE C 220 -27.25 -30.89 8.23
C ILE C 220 -27.07 -31.94 9.29
N GLY C 221 -26.45 -31.58 10.40
CA GLY C 221 -26.18 -32.55 11.45
C GLY C 221 -24.68 -32.78 11.55
N VAL C 222 -24.16 -32.78 12.77
CA VAL C 222 -22.72 -32.95 12.95
C VAL C 222 -22.36 -34.02 13.99
N GLU C 223 -21.31 -34.78 13.69
CA GLU C 223 -20.86 -35.86 14.59
C GLU C 223 -19.61 -35.49 15.41
N PHE C 224 -19.16 -34.27 15.20
CA PHE C 224 -18.00 -33.70 15.87
C PHE C 224 -18.06 -32.21 15.57
N ILE C 225 -17.70 -31.39 16.53
CA ILE C 225 -17.76 -29.96 16.29
C ILE C 225 -16.79 -29.55 15.18
N PRO C 226 -17.31 -28.96 14.09
CA PRO C 226 -16.50 -28.53 12.94
C PRO C 226 -15.37 -27.52 13.23
N PRO C 227 -14.14 -27.81 12.77
CA PRO C 227 -13.01 -26.93 13.00
C PRO C 227 -13.12 -25.54 12.34
N PHE C 228 -13.98 -25.38 11.34
CA PHE C 228 -14.08 -24.06 10.71
C PHE C 228 -14.86 -23.09 11.57
N PHE C 229 -15.12 -23.45 12.82
CA PHE C 229 -15.92 -22.60 13.68
C PHE C 229 -15.20 -21.47 14.40
N ASP C 230 -13.88 -21.51 14.38
CA ASP C 230 -13.12 -20.44 15.04
C ASP C 230 -13.17 -19.16 14.23
N GLN C 231 -13.46 -19.25 12.94
CA GLN C 231 -13.52 -18.07 12.10
C GLN C 231 -14.77 -17.26 12.32
N VAL C 232 -15.66 -17.79 13.16
CA VAL C 232 -16.91 -17.11 13.43
C VAL C 232 -17.24 -17.01 14.90
N ARG C 233 -17.86 -15.89 15.25
CA ARG C 233 -18.33 -15.64 16.60
C ARG C 233 -19.76 -16.13 16.58
N ILE C 234 -19.96 -17.35 17.10
CA ILE C 234 -21.28 -17.97 17.14
C ILE C 234 -22.16 -17.40 18.26
N ASP C 235 -23.12 -16.57 17.86
CA ASP C 235 -24.03 -15.92 18.80
C ASP C 235 -25.11 -16.80 19.39
N GLN C 236 -25.37 -17.95 18.77
CA GLN C 236 -26.39 -18.86 19.27
C GLN C 236 -26.45 -20.14 18.46
N THR C 237 -26.56 -21.26 19.16
CA THR C 237 -26.62 -22.56 18.51
C THR C 237 -27.98 -23.22 18.76
N LEU C 238 -28.81 -23.29 17.71
CA LEU C 238 -30.15 -23.87 17.81
C LEU C 238 -30.26 -25.34 17.37
N THR C 239 -31.12 -26.08 18.05
CA THR C 239 -31.35 -27.46 17.68
C THR C 239 -32.82 -27.58 17.34
N ILE C 240 -33.12 -27.66 16.05
CA ILE C 240 -34.48 -27.75 15.55
C ILE C 240 -34.97 -29.19 15.50
N ALA C 241 -36.23 -29.38 15.92
CA ALA C 241 -36.85 -30.72 15.94
C ALA C 241 -37.30 -31.16 14.55
N ASP C 242 -37.23 -32.46 14.31
CA ASP C 242 -37.61 -33.03 13.01
C ASP C 242 -38.97 -32.57 12.51
N ASN C 243 -39.98 -32.70 13.36
CA ASN C 243 -41.35 -32.32 13.01
C ASN C 243 -41.42 -30.90 12.57
N ASP C 244 -40.63 -30.07 13.25
CA ASP C 244 -40.60 -28.64 12.96
C ASP C 244 -40.12 -28.32 11.55
N ALA C 245 -38.96 -28.88 11.22
CA ALA C 245 -38.34 -28.70 9.92
C ALA C 245 -39.26 -29.21 8.83
N PHE C 246 -39.76 -30.43 8.98
CA PHE C 246 -40.63 -30.98 7.97
C PHE C 246 -41.95 -30.21 7.88
N ALA C 247 -42.44 -29.78 9.04
CA ALA C 247 -43.69 -29.03 9.09
C ALA C 247 -43.55 -27.85 8.16
N GLN C 248 -42.36 -27.25 8.19
CA GLN C 248 -42.05 -26.09 7.36
C GLN C 248 -41.96 -26.47 5.88
N VAL C 249 -41.35 -27.62 5.61
CA VAL C 249 -41.25 -28.07 4.23
C VAL C 249 -42.65 -28.11 3.64
N ARG C 250 -43.55 -28.74 4.39
CA ARG C 250 -44.93 -28.87 3.97
C ARG C 250 -45.64 -27.53 3.73
N HIS C 251 -45.57 -26.64 4.72
CA HIS C 251 -46.23 -25.35 4.61
C HIS C 251 -45.77 -24.55 3.42
N LEU C 252 -44.46 -24.38 3.27
CA LEU C 252 -43.90 -23.58 2.17
C LEU C 252 -44.28 -24.08 0.78
N ALA C 253 -44.42 -25.39 0.63
CA ALA C 253 -44.79 -25.92 -0.66
C ALA C 253 -46.28 -25.71 -0.94
N ARG C 254 -47.12 -25.85 0.09
CA ARG C 254 -48.56 -25.72 -0.08
C ARG C 254 -49.12 -24.30 -0.03
N ASP C 255 -48.38 -23.36 0.53
CA ASP C 255 -48.86 -22.00 0.64
C ASP C 255 -48.11 -20.95 -0.19
N HIS C 256 -46.89 -21.28 -0.59
CA HIS C 256 -46.09 -20.35 -1.36
C HIS C 256 -45.27 -20.99 -2.47
N GLY C 257 -45.69 -22.18 -2.92
CA GLY C 257 -45.00 -22.86 -4.00
C GLY C 257 -43.49 -23.03 -3.87
N LEU C 258 -43.04 -23.36 -2.67
CA LEU C 258 -41.61 -23.55 -2.44
C LEU C 258 -41.29 -25.01 -2.17
N LEU C 259 -40.60 -25.62 -3.10
CA LEU C 259 -40.23 -27.00 -2.93
C LEU C 259 -38.84 -27.06 -2.28
N ILE C 260 -38.80 -27.15 -0.96
CA ILE C 260 -37.53 -27.17 -0.21
C ILE C 260 -37.27 -28.45 0.56
N GLY C 261 -36.01 -28.81 0.69
CA GLY C 261 -35.63 -30.00 1.43
C GLY C 261 -35.74 -29.79 2.93
N SER C 262 -35.58 -30.85 3.71
CA SER C 262 -35.68 -30.76 5.16
C SER C 262 -34.72 -29.75 5.72
N SER C 263 -33.45 -29.83 5.28
CA SER C 263 -32.40 -28.91 5.75
C SER C 263 -32.86 -27.46 5.66
N SER C 264 -33.60 -27.14 4.61
CA SER C 264 -34.10 -25.78 4.42
C SER C 264 -35.24 -25.49 5.40
N GLY C 265 -36.09 -26.48 5.63
CA GLY C 265 -37.20 -26.31 6.56
C GLY C 265 -36.68 -26.02 7.94
N ALA C 266 -35.70 -26.81 8.37
CA ALA C 266 -35.08 -26.66 9.68
C ALA C 266 -34.48 -25.27 9.77
N ALA C 267 -34.04 -24.75 8.64
CA ALA C 267 -33.46 -23.42 8.61
C ALA C 267 -34.56 -22.42 8.93
N LEU C 268 -35.61 -22.42 8.12
CA LEU C 268 -36.72 -21.52 8.34
C LEU C 268 -37.23 -21.65 9.77
N ALA C 269 -37.32 -22.88 10.25
CA ALA C 269 -37.78 -23.11 11.62
C ALA C 269 -36.95 -22.25 12.60
N ALA C 270 -35.63 -22.43 12.52
CA ALA C 270 -34.69 -21.72 13.36
C ALA C 270 -34.72 -20.21 13.13
N SER C 271 -34.86 -19.79 11.88
CA SER C 271 -34.89 -18.38 11.53
C SER C 271 -36.08 -17.68 12.18
N LEU C 272 -37.24 -18.34 12.11
CA LEU C 272 -38.47 -17.81 12.68
C LEU C 272 -38.36 -17.78 14.20
N GLN C 273 -37.76 -18.83 14.76
CA GLN C 273 -37.58 -18.91 16.20
C GLN C 273 -36.74 -17.73 16.68
N LEU C 274 -35.66 -17.46 15.96
CA LEU C 274 -34.76 -16.36 16.29
C LEU C 274 -35.45 -15.01 16.23
N ALA C 275 -36.34 -14.83 15.25
CA ALA C 275 -37.06 -13.56 15.10
C ALA C 275 -37.73 -13.10 16.40
N THR C 276 -38.04 -14.04 17.29
CA THR C 276 -38.68 -13.68 18.56
C THR C 276 -37.76 -13.10 19.62
N ASN C 277 -36.47 -13.44 19.59
CA ASN C 277 -35.52 -12.85 20.54
C ASN C 277 -34.64 -11.87 19.75
N LEU C 278 -35.27 -11.18 18.80
CA LEU C 278 -34.59 -10.22 17.96
C LEU C 278 -35.45 -8.97 17.80
N PRO C 279 -34.81 -7.79 17.84
CA PRO C 279 -35.53 -6.52 17.69
C PRO C 279 -36.63 -6.55 16.61
N ALA C 280 -37.61 -5.67 16.76
CA ALA C 280 -38.67 -5.61 15.79
C ALA C 280 -38.08 -5.17 14.46
N ASN C 281 -38.87 -5.24 13.40
CA ASN C 281 -38.45 -4.84 12.06
C ASN C 281 -37.01 -5.23 11.73
N SER C 282 -36.59 -6.39 12.22
CA SER C 282 -35.23 -6.86 11.97
C SER C 282 -35.10 -7.43 10.57
N HIS C 283 -33.88 -7.83 10.21
CA HIS C 283 -33.61 -8.40 8.89
C HIS C 283 -32.77 -9.65 9.06
N ILE C 284 -33.40 -10.80 8.82
CA ILE C 284 -32.74 -12.10 8.95
C ILE C 284 -32.50 -12.79 7.61
N VAL C 285 -31.32 -13.38 7.47
CA VAL C 285 -30.93 -14.07 6.25
C VAL C 285 -30.58 -15.53 6.53
N THR C 286 -31.06 -16.42 5.65
CA THR C 286 -30.81 -17.84 5.77
C THR C 286 -30.63 -18.47 4.40
N ILE C 287 -30.26 -19.75 4.39
CA ILE C 287 -30.01 -20.46 3.14
C ILE C 287 -30.81 -21.73 2.94
N PHE C 288 -31.47 -21.84 1.80
CA PHE C 288 -32.20 -23.06 1.47
C PHE C 288 -31.25 -23.85 0.55
N PRO C 289 -30.56 -24.85 1.10
CA PRO C 289 -29.62 -25.70 0.38
C PRO C 289 -30.11 -26.47 -0.86
N ASP C 290 -31.21 -27.21 -0.76
CA ASP C 290 -31.68 -27.98 -1.92
C ASP C 290 -33.20 -28.16 -2.02
N SER C 291 -33.66 -28.78 -3.11
CA SER C 291 -35.10 -28.98 -3.34
C SER C 291 -35.69 -30.17 -2.59
N SER C 292 -37.01 -30.16 -2.42
CA SER C 292 -37.67 -31.24 -1.74
C SER C 292 -37.80 -32.42 -2.69
N GLU C 293 -37.66 -32.13 -3.98
CA GLU C 293 -37.76 -33.14 -5.03
C GLU C 293 -36.66 -34.17 -4.85
N ARG C 294 -35.61 -33.75 -4.16
CA ARG C 294 -34.42 -34.57 -3.88
C ARG C 294 -34.69 -35.60 -2.78
N TYR C 295 -35.80 -35.44 -2.08
CA TYR C 295 -36.13 -36.37 -1.03
C TYR C 295 -37.55 -36.90 -1.20
N LEU C 296 -37.94 -37.16 -2.44
CA LEU C 296 -39.28 -37.67 -2.67
C LEU C 296 -39.33 -39.14 -2.30
N SER C 297 -38.20 -39.82 -2.45
CA SER C 297 -38.10 -41.24 -2.13
C SER C 297 -38.25 -41.52 -0.63
N GLN C 298 -38.16 -40.47 0.19
CA GLN C 298 -38.30 -40.64 1.63
C GLN C 298 -39.64 -40.08 2.13
N LYS C 299 -40.60 -39.90 1.23
CA LYS C 299 -41.91 -39.38 1.60
C LYS C 299 -41.73 -38.13 2.45
N ILE C 300 -40.95 -37.19 1.95
CA ILE C 300 -40.67 -35.94 2.64
C ILE C 300 -41.96 -35.19 2.96
N TYR C 301 -42.91 -35.18 2.03
CA TYR C 301 -44.15 -34.45 2.22
C TYR C 301 -45.22 -35.13 3.10
N THR C 302 -44.95 -36.37 3.52
CA THR C 302 -45.85 -37.14 4.38
C THR C 302 -45.69 -36.71 5.86
N LYS C 303 -46.58 -37.15 6.74
CA LYS C 303 -46.49 -36.77 8.16
C LYS C 303 -46.05 -37.91 9.11
N MET D 1 -30.26 -11.28 -7.43
CA MET D 1 -31.72 -11.16 -7.76
C MET D 1 -32.59 -11.30 -6.52
N LEU D 2 -33.35 -10.27 -6.20
CA LEU D 2 -34.22 -10.30 -5.04
C LEU D 2 -35.65 -10.50 -5.49
N ILE D 3 -36.23 -11.65 -5.14
CA ILE D 3 -37.60 -11.93 -5.50
C ILE D 3 -38.50 -11.97 -4.27
N GLN D 4 -39.77 -11.61 -4.49
CA GLN D 4 -40.80 -11.56 -3.47
C GLN D 4 -41.58 -12.86 -3.47
N HIS D 5 -42.00 -13.29 -4.66
CA HIS D 5 -42.77 -14.51 -4.78
C HIS D 5 -42.12 -15.44 -5.78
N VAL D 6 -42.30 -16.74 -5.57
CA VAL D 6 -41.73 -17.76 -6.44
C VAL D 6 -42.13 -17.59 -7.92
N GLN D 7 -43.31 -17.07 -8.17
CA GLN D 7 -43.80 -16.87 -9.54
C GLN D 7 -42.88 -15.97 -10.38
N GLU D 8 -42.03 -15.19 -9.71
CA GLU D 8 -41.13 -14.28 -10.41
C GLU D 8 -40.03 -15.04 -11.14
N LEU D 9 -39.78 -16.28 -10.75
CA LEU D 9 -38.73 -17.10 -11.38
C LEU D 9 -39.20 -17.91 -12.57
N ILE D 10 -40.44 -17.74 -12.99
CA ILE D 10 -40.95 -18.50 -14.12
C ILE D 10 -40.42 -17.89 -15.39
N GLY D 11 -39.81 -18.72 -16.24
CA GLY D 11 -39.28 -18.24 -17.50
C GLY D 11 -37.93 -17.59 -17.35
N HIS D 12 -37.47 -16.97 -18.42
CA HIS D 12 -36.17 -16.29 -18.43
C HIS D 12 -35.07 -17.30 -18.16
N THR D 13 -35.31 -18.51 -18.64
CA THR D 13 -34.41 -19.66 -18.48
C THR D 13 -33.22 -19.53 -19.42
N PRO D 14 -32.10 -20.19 -19.07
CA PRO D 14 -30.85 -20.17 -19.87
C PRO D 14 -30.92 -20.92 -21.19
N LEU D 15 -30.23 -20.39 -22.20
CA LEU D 15 -30.14 -21.02 -23.52
C LEU D 15 -28.71 -21.54 -23.60
N MET D 16 -28.57 -22.85 -23.75
CA MET D 16 -27.23 -23.42 -23.78
C MET D 16 -26.80 -23.98 -25.12
N ALA D 17 -25.61 -23.57 -25.55
CA ALA D 17 -25.06 -24.08 -26.79
C ALA D 17 -24.39 -25.37 -26.36
N LEU D 18 -25.09 -26.48 -26.52
CA LEU D 18 -24.60 -27.80 -26.15
C LEU D 18 -23.21 -28.06 -26.69
N PRO D 19 -22.23 -28.26 -25.79
CA PRO D 19 -20.84 -28.53 -26.19
C PRO D 19 -20.66 -29.96 -26.65
N ILE D 20 -21.50 -30.39 -27.59
CA ILE D 20 -21.42 -31.74 -28.10
C ILE D 20 -21.13 -31.80 -29.60
N GLU D 21 -20.85 -33.01 -30.07
CA GLU D 21 -20.56 -33.23 -31.48
C GLU D 21 -21.84 -33.10 -32.30
N VAL D 22 -21.82 -32.24 -33.31
CA VAL D 22 -22.99 -32.05 -34.16
C VAL D 22 -22.58 -32.21 -35.62
N PRO D 23 -23.38 -32.98 -36.41
CA PRO D 23 -23.15 -33.25 -37.83
C PRO D 23 -22.98 -31.98 -38.67
N ASN D 24 -22.16 -32.05 -39.72
CA ASN D 24 -21.93 -30.90 -40.61
C ASN D 24 -21.44 -29.64 -39.89
N HIS D 25 -20.85 -29.84 -38.70
CA HIS D 25 -20.31 -28.75 -37.90
C HIS D 25 -21.28 -27.61 -37.71
N SER D 26 -22.49 -27.95 -37.26
CA SER D 26 -23.55 -26.98 -36.97
C SER D 26 -23.71 -26.91 -35.47
N HIS D 27 -24.68 -26.16 -34.98
CA HIS D 27 -24.86 -26.05 -33.54
C HIS D 27 -26.28 -26.28 -33.07
N ILE D 28 -26.43 -26.79 -31.85
CA ILE D 28 -27.74 -27.02 -31.26
C ILE D 28 -27.84 -26.26 -29.93
N TYR D 29 -28.84 -25.40 -29.83
CA TYR D 29 -29.09 -24.60 -28.64
C TYR D 29 -30.32 -25.12 -27.92
N ALA D 30 -30.17 -25.44 -26.63
CA ALA D 30 -31.28 -25.95 -25.86
C ALA D 30 -31.70 -25.01 -24.75
N LYS D 31 -33.00 -24.78 -24.64
CA LYS D 31 -33.53 -23.93 -23.60
C LYS D 31 -33.73 -24.88 -22.42
N LEU D 32 -33.04 -24.61 -21.32
CA LEU D 32 -33.10 -25.44 -20.11
C LEU D 32 -34.27 -25.00 -19.24
N GLU D 33 -35.45 -25.53 -19.53
CA GLU D 33 -36.68 -25.18 -18.83
C GLU D 33 -36.86 -25.79 -17.46
N MET D 34 -36.04 -26.79 -17.13
CA MET D 34 -36.12 -27.42 -15.83
C MET D 34 -35.77 -26.43 -14.73
N PHE D 35 -35.39 -25.23 -15.12
CA PHE D 35 -35.02 -24.20 -14.16
C PHE D 35 -36.16 -23.30 -13.70
N ASN D 36 -37.40 -23.71 -13.99
CA ASN D 36 -38.57 -22.93 -13.57
C ASN D 36 -38.85 -23.35 -12.14
N PRO D 37 -39.58 -22.53 -11.37
CA PRO D 37 -39.87 -22.89 -9.96
C PRO D 37 -40.42 -24.29 -9.79
N GLY D 38 -41.28 -24.70 -10.72
CA GLY D 38 -41.89 -26.02 -10.66
C GLY D 38 -41.06 -27.11 -11.32
N GLY D 39 -39.97 -26.71 -11.98
CA GLY D 39 -39.08 -27.65 -12.64
C GLY D 39 -39.43 -28.03 -14.07
N SER D 40 -40.35 -27.30 -14.69
CA SER D 40 -40.72 -27.63 -16.07
C SER D 40 -41.19 -26.43 -16.83
N ILE D 41 -41.16 -26.57 -18.16
CA ILE D 41 -41.61 -25.50 -19.04
C ILE D 41 -43.07 -25.20 -18.72
N ALA D 42 -43.80 -26.23 -18.30
CA ALA D 42 -45.21 -26.12 -17.96
C ALA D 42 -45.51 -24.96 -17.02
N ASP D 43 -44.58 -24.63 -16.13
CA ASP D 43 -44.81 -23.53 -15.20
C ASP D 43 -45.38 -22.32 -15.93
N ARG D 44 -44.85 -22.06 -17.12
CA ARG D 44 -45.27 -20.94 -17.95
C ARG D 44 -46.74 -21.09 -18.32
N LEU D 45 -47.11 -22.27 -18.78
CA LEU D 45 -48.48 -22.58 -19.17
C LEU D 45 -49.50 -22.34 -18.06
N GLY D 46 -49.29 -22.99 -16.93
CA GLY D 46 -50.19 -22.85 -15.80
C GLY D 46 -50.49 -21.44 -15.32
N ALA D 47 -49.48 -20.58 -15.33
CA ALA D 47 -49.67 -19.20 -14.90
C ALA D 47 -50.50 -18.48 -15.95
N TYR D 48 -50.20 -18.75 -17.21
CA TYR D 48 -50.90 -18.13 -18.33
C TYR D 48 -52.34 -18.62 -18.50
N LEU D 49 -52.57 -19.91 -18.29
CA LEU D 49 -53.92 -20.45 -18.42
C LEU D 49 -54.87 -19.81 -17.42
N ILE D 50 -54.44 -19.74 -16.16
CA ILE D 50 -55.24 -19.15 -15.09
C ILE D 50 -55.42 -17.65 -15.33
N GLU D 51 -54.44 -17.03 -15.98
CA GLU D 51 -54.50 -15.62 -16.34
C GLU D 51 -55.73 -15.53 -17.25
N ASP D 52 -55.62 -16.19 -18.40
CA ASP D 52 -56.64 -16.26 -19.43
C ASP D 52 -58.01 -16.57 -18.84
N GLY D 53 -58.08 -17.61 -18.01
CA GLY D 53 -59.33 -17.97 -17.39
C GLY D 53 -59.96 -16.87 -16.56
N LEU D 54 -59.13 -15.98 -16.00
CA LEU D 54 -59.64 -14.89 -15.20
C LEU D 54 -60.02 -13.74 -16.11
N GLN D 55 -59.18 -13.52 -17.11
CA GLN D 55 -59.37 -12.47 -18.09
C GLN D 55 -60.62 -12.68 -18.92
N ARG D 56 -60.97 -13.95 -19.13
CA ARG D 56 -62.14 -14.29 -19.91
C ARG D 56 -63.36 -14.50 -19.04
N GLY D 57 -63.36 -13.85 -17.88
CA GLY D 57 -64.48 -13.97 -16.95
C GLY D 57 -64.98 -15.38 -16.71
N ARG D 58 -64.10 -16.37 -16.91
CA ARG D 58 -64.48 -17.76 -16.69
C ARG D 58 -64.03 -18.30 -15.34
N VAL D 59 -63.28 -17.50 -14.59
CA VAL D 59 -62.78 -17.92 -13.28
C VAL D 59 -63.05 -16.86 -12.22
N ASN D 60 -63.48 -17.29 -11.03
CA ASN D 60 -63.74 -16.36 -9.93
C ASN D 60 -63.28 -16.97 -8.60
N ALA D 61 -63.23 -16.15 -7.55
CA ALA D 61 -62.79 -16.55 -6.20
C ALA D 61 -63.12 -17.97 -5.69
N LYS D 62 -64.29 -18.50 -6.05
CA LYS D 62 -64.71 -19.83 -5.60
C LYS D 62 -64.72 -20.90 -6.71
N THR D 63 -64.23 -20.55 -7.90
CA THR D 63 -64.16 -21.48 -9.04
C THR D 63 -63.32 -22.69 -8.67
N THR D 64 -63.59 -23.81 -9.31
CA THR D 64 -62.84 -25.04 -9.08
C THR D 64 -62.13 -25.36 -10.39
N ILE D 65 -60.80 -25.30 -10.41
CA ILE D 65 -60.05 -25.58 -11.64
C ILE D 65 -59.83 -27.08 -11.84
N ILE D 66 -60.33 -27.63 -12.94
CA ILE D 66 -60.14 -29.06 -13.21
C ILE D 66 -59.34 -29.14 -14.49
N GLU D 67 -58.52 -30.18 -14.62
CA GLU D 67 -57.69 -30.30 -15.81
C GLU D 67 -56.97 -31.62 -15.93
N PRO D 68 -56.90 -32.17 -17.16
CA PRO D 68 -56.22 -33.45 -17.41
C PRO D 68 -54.75 -33.12 -17.66
N THR D 69 -53.84 -33.83 -17.01
CA THR D 69 -52.43 -33.54 -17.16
C THR D 69 -51.59 -34.76 -16.94
N ALA D 70 -50.34 -34.71 -17.40
CA ALA D 70 -49.39 -35.80 -17.22
C ALA D 70 -48.62 -35.52 -15.94
N GLY D 71 -48.89 -34.36 -15.33
CA GLY D 71 -48.24 -33.98 -14.09
C GLY D 71 -47.61 -32.60 -14.11
N ASN D 72 -46.75 -32.35 -15.09
CA ASN D 72 -46.05 -31.07 -15.18
C ASN D 72 -46.99 -29.86 -15.29
N THR D 73 -47.95 -29.91 -16.22
CA THR D 73 -48.91 -28.83 -16.36
C THR D 73 -49.67 -28.72 -15.05
N GLY D 74 -49.95 -29.88 -14.44
CA GLY D 74 -50.65 -29.88 -13.17
C GLY D 74 -49.85 -29.07 -12.18
N ILE D 75 -48.54 -29.33 -12.14
CA ILE D 75 -47.64 -28.62 -11.23
C ILE D 75 -47.71 -27.11 -11.50
N GLY D 76 -47.46 -26.72 -12.74
CA GLY D 76 -47.49 -25.31 -13.09
C GLY D 76 -48.83 -24.68 -12.73
N LEU D 77 -49.88 -25.48 -12.88
CA LEU D 77 -51.24 -25.05 -12.59
C LEU D 77 -51.46 -24.96 -11.10
N ALA D 78 -51.01 -25.98 -10.37
CA ALA D 78 -51.17 -26.02 -8.91
C ALA D 78 -50.54 -24.80 -8.29
N LEU D 79 -49.42 -24.36 -8.89
CA LEU D 79 -48.64 -23.19 -8.47
C LEU D 79 -49.44 -21.90 -8.65
N ALA D 80 -49.91 -21.68 -9.87
CA ALA D 80 -50.68 -20.51 -10.23
C ALA D 80 -52.00 -20.43 -9.45
N THR D 81 -52.74 -21.53 -9.40
CA THR D 81 -54.01 -21.53 -8.68
C THR D 81 -53.75 -21.27 -7.20
N GLN D 82 -52.69 -21.88 -6.67
CA GLN D 82 -52.33 -21.74 -5.27
C GLN D 82 -52.19 -20.26 -4.91
N ALA D 83 -51.61 -19.50 -5.84
CA ALA D 83 -51.40 -18.07 -5.63
C ALA D 83 -52.72 -17.29 -5.49
N HIS D 84 -53.73 -17.69 -6.25
CA HIS D 84 -55.04 -17.02 -6.23
C HIS D 84 -56.06 -17.67 -5.28
N HIS D 85 -55.60 -18.64 -4.49
CA HIS D 85 -56.44 -19.37 -3.54
C HIS D 85 -57.60 -20.18 -4.15
N LEU D 86 -57.37 -20.77 -5.34
CA LEU D 86 -58.41 -21.55 -6.02
C LEU D 86 -58.23 -23.06 -5.84
N ARG D 87 -59.34 -23.77 -5.65
CA ARG D 87 -59.34 -25.23 -5.49
C ARG D 87 -58.90 -25.85 -6.80
N THR D 88 -57.99 -26.80 -6.73
CA THR D 88 -57.46 -27.41 -7.95
C THR D 88 -57.54 -28.94 -8.00
N ILE D 89 -58.24 -29.46 -9.00
CA ILE D 89 -58.36 -30.90 -9.18
C ILE D 89 -57.69 -31.24 -10.50
N LEU D 90 -56.66 -32.08 -10.48
CA LEU D 90 -55.97 -32.45 -11.73
C LEU D 90 -56.21 -33.93 -12.03
N VAL D 91 -56.60 -34.22 -13.27
CA VAL D 91 -56.88 -35.59 -13.70
C VAL D 91 -55.73 -36.17 -14.48
N VAL D 92 -55.03 -37.11 -13.85
CA VAL D 92 -53.87 -37.75 -14.47
C VAL D 92 -53.91 -39.28 -14.62
N PRO D 93 -53.49 -39.76 -15.80
CA PRO D 93 -53.43 -41.19 -16.14
C PRO D 93 -52.49 -41.96 -15.21
N GLU D 94 -53.00 -43.10 -14.76
CA GLU D 94 -52.32 -44.00 -13.83
C GLU D 94 -50.80 -44.19 -13.80
N LYS D 95 -50.19 -44.41 -14.95
CA LYS D 95 -48.75 -44.70 -14.94
C LYS D 95 -47.72 -43.57 -14.99
N PHE D 96 -48.16 -42.32 -14.88
CA PHE D 96 -47.18 -41.24 -14.96
C PHE D 96 -46.33 -41.13 -13.72
N SER D 97 -45.23 -40.40 -13.86
CA SER D 97 -44.23 -40.17 -12.81
C SER D 97 -44.78 -39.91 -11.39
N MET D 98 -44.44 -40.78 -10.46
CA MET D 98 -44.88 -40.64 -9.06
C MET D 98 -44.54 -39.24 -8.55
N GLU D 99 -43.27 -38.87 -8.64
CA GLU D 99 -42.84 -37.55 -8.16
C GLU D 99 -43.71 -36.38 -8.65
N LYS D 100 -44.17 -36.40 -9.89
CA LYS D 100 -45.00 -35.30 -10.40
C LYS D 100 -46.29 -35.26 -9.57
N GLN D 101 -46.88 -36.42 -9.32
CA GLN D 101 -48.09 -36.49 -8.52
C GLN D 101 -47.85 -35.98 -7.10
N VAL D 102 -46.83 -36.50 -6.43
CA VAL D 102 -46.55 -36.05 -5.07
C VAL D 102 -46.41 -34.54 -5.04
N LEU D 103 -45.62 -34.01 -5.96
CA LEU D 103 -45.41 -32.57 -6.03
C LEU D 103 -46.75 -31.86 -6.23
N MET D 104 -47.59 -32.41 -7.09
CA MET D 104 -48.89 -31.81 -7.31
C MET D 104 -49.66 -31.73 -6.01
N GLN D 105 -49.71 -32.82 -5.25
CA GLN D 105 -50.46 -32.79 -4.00
C GLN D 105 -49.82 -31.92 -2.95
N ALA D 106 -48.49 -31.90 -2.94
CA ALA D 106 -47.75 -31.10 -1.97
C ALA D 106 -47.96 -29.62 -2.23
N LEU D 107 -48.30 -29.29 -3.48
CA LEU D 107 -48.55 -27.92 -3.90
C LEU D 107 -49.99 -27.50 -3.64
N GLY D 108 -50.77 -28.43 -3.08
CA GLY D 108 -52.16 -28.16 -2.76
C GLY D 108 -53.26 -28.66 -3.70
N ALA D 109 -52.91 -29.46 -4.69
CA ALA D 109 -53.90 -29.97 -5.62
C ALA D 109 -54.50 -31.28 -5.15
N GLU D 110 -55.58 -31.69 -5.82
CA GLU D 110 -56.29 -32.93 -5.51
C GLU D 110 -56.20 -33.78 -6.77
N ILE D 111 -55.71 -35.01 -6.61
CA ILE D 111 -55.53 -35.91 -7.75
C ILE D 111 -56.65 -36.88 -8.02
N VAL D 112 -56.93 -37.07 -9.31
CA VAL D 112 -57.97 -38.01 -9.77
C VAL D 112 -57.30 -38.95 -10.78
N HIS D 113 -57.28 -40.24 -10.45
CA HIS D 113 -56.61 -41.21 -11.31
C HIS D 113 -57.46 -41.97 -12.33
N THR D 114 -57.17 -41.77 -13.62
CA THR D 114 -57.88 -42.48 -14.69
C THR D 114 -57.00 -43.64 -15.16
N PRO D 115 -57.62 -44.72 -15.68
CA PRO D 115 -56.88 -45.89 -16.17
C PRO D 115 -55.72 -45.56 -17.11
N SER D 116 -54.59 -46.19 -16.85
CA SER D 116 -53.36 -45.99 -17.63
C SER D 116 -53.54 -46.19 -19.14
N GLU D 117 -54.39 -47.14 -19.50
CA GLU D 117 -54.65 -47.47 -20.90
C GLU D 117 -55.45 -46.42 -21.64
N GLU D 118 -56.27 -45.68 -20.91
CA GLU D 118 -57.10 -44.63 -21.52
C GLU D 118 -56.25 -43.44 -21.91
N GLY D 119 -55.11 -43.31 -21.26
CA GLY D 119 -54.20 -42.22 -21.55
C GLY D 119 -54.87 -40.89 -21.38
N ILE D 120 -54.24 -39.86 -21.93
CA ILE D 120 -54.73 -38.49 -21.87
C ILE D 120 -56.19 -38.40 -22.31
N LYS D 121 -56.61 -39.28 -23.20
CA LYS D 121 -57.98 -39.24 -23.66
C LYS D 121 -58.90 -39.53 -22.48
N GLY D 122 -58.59 -40.59 -21.73
CA GLY D 122 -59.38 -40.95 -20.58
C GLY D 122 -59.42 -39.85 -19.53
N ALA D 123 -58.28 -39.19 -19.33
CA ALA D 123 -58.21 -38.11 -18.36
C ALA D 123 -59.06 -36.95 -18.86
N ILE D 124 -58.92 -36.60 -20.14
CA ILE D 124 -59.69 -35.49 -20.71
C ILE D 124 -61.17 -35.79 -20.52
N ARG D 125 -61.58 -37.02 -20.77
CA ARG D 125 -62.99 -37.41 -20.61
C ARG D 125 -63.45 -37.24 -19.17
N LYS D 126 -62.74 -37.89 -18.25
CA LYS D 126 -63.07 -37.82 -16.83
C LYS D 126 -63.03 -36.39 -16.31
N ALA D 127 -62.09 -35.60 -16.81
CA ALA D 127 -61.96 -34.21 -16.38
C ALA D 127 -63.22 -33.45 -16.75
N GLU D 128 -63.68 -33.63 -17.98
CA GLU D 128 -64.89 -32.94 -18.43
C GLU D 128 -66.11 -33.49 -17.71
N ALA D 129 -66.06 -34.76 -17.35
CA ALA D 129 -67.17 -35.35 -16.62
C ALA D 129 -67.32 -34.58 -15.30
N LEU D 130 -66.22 -34.46 -14.56
CA LEU D 130 -66.25 -33.75 -13.28
C LEU D 130 -66.63 -32.29 -13.42
N ALA D 131 -66.14 -31.66 -14.47
CA ALA D 131 -66.42 -30.26 -14.71
C ALA D 131 -67.91 -30.08 -14.83
N ALA D 132 -68.60 -31.13 -15.26
CA ALA D 132 -70.05 -31.11 -15.42
C ALA D 132 -70.79 -31.29 -14.10
N THR D 133 -70.20 -32.01 -13.16
CA THR D 133 -70.80 -32.26 -11.85
C THR D 133 -70.43 -31.26 -10.74
N ILE D 134 -69.58 -30.31 -11.08
CA ILE D 134 -69.16 -29.25 -10.17
C ILE D 134 -69.60 -27.94 -10.80
N SER D 135 -70.53 -27.25 -10.16
CA SER D 135 -71.09 -26.01 -10.69
C SER D 135 -70.10 -24.93 -11.12
N ASN D 136 -69.45 -24.33 -10.13
CA ASN D 136 -68.49 -23.28 -10.40
C ASN D 136 -67.17 -23.93 -10.69
N SER D 137 -66.97 -24.29 -11.96
CA SER D 137 -65.75 -24.96 -12.39
C SER D 137 -65.29 -24.50 -13.76
N TYR D 138 -63.97 -24.55 -13.98
CA TYR D 138 -63.38 -24.17 -15.25
C TYR D 138 -62.29 -25.16 -15.63
N VAL D 139 -62.39 -25.71 -16.85
CA VAL D 139 -61.38 -26.65 -17.32
C VAL D 139 -60.55 -25.96 -18.39
N PRO D 140 -59.34 -25.49 -18.02
CA PRO D 140 -58.46 -24.81 -18.99
C PRO D 140 -58.29 -25.56 -20.31
N MET D 141 -58.32 -26.88 -20.27
CA MET D 141 -58.17 -27.72 -21.47
C MET D 141 -56.97 -27.29 -22.32
N GLN D 142 -55.77 -27.62 -21.84
CA GLN D 142 -54.50 -27.28 -22.49
C GLN D 142 -54.30 -27.93 -23.85
N PHE D 143 -55.12 -28.92 -24.15
CA PHE D 143 -55.02 -29.63 -25.41
C PHE D 143 -55.81 -28.94 -26.53
N LYS D 144 -56.68 -28.01 -26.18
CA LYS D 144 -57.50 -27.31 -27.16
C LYS D 144 -57.43 -25.78 -27.02
N ASN D 145 -57.37 -25.29 -25.80
CA ASN D 145 -57.33 -23.85 -25.52
C ASN D 145 -56.23 -23.12 -26.30
N PRO D 146 -56.59 -22.11 -27.09
CA PRO D 146 -55.57 -21.36 -27.85
C PRO D 146 -54.59 -20.56 -26.98
N ALA D 147 -54.94 -20.40 -25.70
CA ALA D 147 -54.12 -19.65 -24.74
C ALA D 147 -52.86 -20.43 -24.40
N ASN D 148 -52.82 -21.69 -24.83
CA ASN D 148 -51.66 -22.54 -24.60
C ASN D 148 -50.48 -22.07 -25.47
N PRO D 149 -50.61 -22.17 -26.82
CA PRO D 149 -49.50 -21.73 -27.68
C PRO D 149 -49.17 -20.26 -27.47
N ALA D 150 -50.21 -19.49 -27.19
CA ALA D 150 -50.11 -18.05 -26.94
C ALA D 150 -49.18 -17.85 -25.75
N ALA D 151 -49.36 -18.69 -24.73
CA ALA D 151 -48.55 -18.62 -23.51
C ALA D 151 -47.06 -18.57 -23.83
N TYR D 152 -46.58 -19.44 -24.70
CA TYR D 152 -45.16 -19.47 -25.05
C TYR D 152 -44.78 -18.43 -26.10
N TYR D 153 -45.79 -17.98 -26.83
CA TYR D 153 -45.60 -17.00 -27.89
C TYR D 153 -44.97 -15.67 -27.48
N HIS D 154 -45.39 -15.15 -26.34
CA HIS D 154 -44.89 -13.87 -25.87
C HIS D 154 -43.76 -14.00 -24.85
N THR D 155 -43.53 -15.22 -24.35
CA THR D 155 -42.46 -15.45 -23.38
C THR D 155 -41.30 -16.23 -23.98
N LEU D 156 -41.48 -17.55 -24.10
CA LEU D 156 -40.42 -18.41 -24.63
C LEU D 156 -39.82 -17.92 -25.95
N ALA D 157 -40.65 -17.79 -26.97
CA ALA D 157 -40.21 -17.37 -28.30
C ALA D 157 -39.25 -16.16 -28.34
N PRO D 158 -39.70 -14.97 -27.93
CA PRO D 158 -38.78 -13.82 -27.96
C PRO D 158 -37.52 -14.07 -27.13
N GLU D 159 -37.66 -14.86 -26.08
CA GLU D 159 -36.55 -15.21 -25.21
C GLU D 159 -35.48 -15.97 -26.00
N ILE D 160 -35.92 -16.85 -26.89
CA ILE D 160 -34.98 -17.61 -27.70
C ILE D 160 -34.24 -16.63 -28.59
N LEU D 161 -35.00 -15.78 -29.24
CA LEU D 161 -34.44 -14.78 -30.13
C LEU D 161 -33.41 -13.88 -29.46
N ALA D 162 -33.74 -13.40 -28.28
CA ALA D 162 -32.84 -12.52 -27.55
C ALA D 162 -31.43 -13.07 -27.32
N ASP D 163 -31.34 -14.38 -27.06
CA ASP D 163 -30.08 -15.06 -26.78
C ASP D 163 -29.36 -15.61 -28.00
N MET D 164 -30.12 -16.19 -28.92
CA MET D 164 -29.53 -16.76 -30.13
C MET D 164 -28.52 -15.79 -30.74
N PRO D 165 -27.29 -16.29 -30.99
CA PRO D 165 -26.20 -15.49 -31.56
C PRO D 165 -26.13 -15.51 -33.09
N ALA D 166 -27.13 -16.12 -33.71
CA ALA D 166 -27.19 -16.19 -35.16
C ALA D 166 -28.60 -16.53 -35.59
N PRO D 167 -28.87 -16.43 -36.89
CA PRO D 167 -30.22 -16.75 -37.39
C PRO D 167 -30.56 -18.22 -37.15
N ILE D 168 -31.75 -18.47 -36.62
CA ILE D 168 -32.22 -19.82 -36.32
C ILE D 168 -32.61 -20.62 -37.56
N THR D 169 -31.73 -21.49 -38.02
CA THR D 169 -32.02 -22.30 -39.21
C THR D 169 -33.30 -23.09 -38.98
N ALA D 170 -33.30 -23.90 -37.92
CA ALA D 170 -34.44 -24.73 -37.58
C ALA D 170 -34.72 -24.74 -36.09
N PHE D 171 -35.96 -25.06 -35.75
CA PHE D 171 -36.41 -25.14 -34.36
C PHE D 171 -37.09 -26.49 -34.14
N VAL D 172 -36.44 -27.35 -33.38
CA VAL D 172 -36.98 -28.68 -33.07
C VAL D 172 -37.58 -28.65 -31.66
N ALA D 173 -38.76 -29.23 -31.52
CA ALA D 173 -39.44 -29.23 -30.23
C ALA D 173 -40.34 -30.46 -30.02
N GLY D 174 -40.45 -30.90 -28.77
CA GLY D 174 -41.28 -32.04 -28.42
C GLY D 174 -42.73 -31.63 -28.27
N ALA D 175 -43.65 -32.52 -28.65
CA ALA D 175 -45.08 -32.19 -28.56
C ALA D 175 -45.83 -33.14 -27.64
N GLY D 176 -46.48 -32.57 -26.62
CA GLY D 176 -47.27 -33.35 -25.69
C GLY D 176 -48.69 -32.93 -25.94
N SER D 177 -48.89 -31.62 -25.88
CA SER D 177 -50.18 -31.01 -26.12
C SER D 177 -49.98 -30.26 -27.42
N GLY D 178 -48.72 -30.07 -27.80
CA GLY D 178 -48.38 -29.36 -29.02
C GLY D 178 -48.16 -27.88 -28.77
N GLY D 179 -48.87 -27.32 -27.79
CA GLY D 179 -48.75 -25.91 -27.47
C GLY D 179 -47.36 -25.28 -27.54
N THR D 180 -46.39 -25.86 -26.84
CA THR D 180 -45.02 -25.33 -26.82
C THR D 180 -44.46 -25.20 -28.24
N PHE D 181 -44.54 -26.27 -29.03
CA PHE D 181 -44.03 -26.25 -30.39
C PHE D 181 -44.72 -25.20 -31.25
N ALA D 182 -46.04 -25.27 -31.30
CA ALA D 182 -46.85 -24.36 -32.08
C ALA D 182 -46.60 -22.91 -31.70
N GLY D 183 -46.76 -22.60 -30.42
CA GLY D 183 -46.58 -21.25 -29.92
C GLY D 183 -45.24 -20.62 -30.27
N VAL D 184 -44.17 -21.40 -30.21
CA VAL D 184 -42.84 -20.90 -30.53
C VAL D 184 -42.61 -20.89 -32.05
N ALA D 185 -42.92 -22.00 -32.72
CA ALA D 185 -42.74 -22.09 -34.17
C ALA D 185 -43.44 -20.91 -34.83
N ALA D 186 -44.70 -20.71 -34.46
CA ALA D 186 -45.52 -19.62 -35.00
C ALA D 186 -44.77 -18.29 -34.92
N TYR D 187 -44.26 -17.96 -33.75
CA TYR D 187 -43.54 -16.72 -33.54
C TYR D 187 -42.24 -16.66 -34.34
N LEU D 188 -41.47 -17.75 -34.32
CA LEU D 188 -40.19 -17.78 -35.02
C LEU D 188 -40.33 -17.71 -36.54
N GLN D 189 -41.29 -18.45 -37.09
CA GLN D 189 -41.51 -18.46 -38.52
C GLN D 189 -42.11 -17.14 -38.99
N ALA D 190 -42.68 -16.39 -38.04
CA ALA D 190 -43.29 -15.10 -38.35
C ALA D 190 -42.28 -13.99 -38.13
N GLN D 191 -41.03 -14.38 -37.90
CA GLN D 191 -39.95 -13.43 -37.68
C GLN D 191 -38.84 -13.73 -38.67
N ASP D 192 -39.04 -14.82 -39.39
CA ASP D 192 -38.13 -15.30 -40.42
C ASP D 192 -38.82 -16.53 -41.00
N SER D 193 -39.15 -16.46 -42.29
CA SER D 193 -39.80 -17.56 -42.97
C SER D 193 -38.86 -18.76 -43.13
N ALA D 194 -37.55 -18.47 -43.16
CA ALA D 194 -36.51 -19.48 -43.31
C ALA D 194 -36.48 -20.51 -42.19
N THR D 195 -36.77 -20.08 -40.97
CA THR D 195 -36.77 -20.98 -39.81
C THR D 195 -37.67 -22.19 -40.04
N LYS D 196 -37.06 -23.37 -40.21
CA LYS D 196 -37.86 -24.56 -40.40
C LYS D 196 -38.40 -25.01 -39.04
N ALA D 197 -39.60 -25.57 -39.03
CA ALA D 197 -40.22 -26.03 -37.79
C ALA D 197 -40.34 -27.54 -37.82
N VAL D 198 -39.75 -28.21 -36.84
CA VAL D 198 -39.82 -29.66 -36.79
C VAL D 198 -40.38 -30.16 -35.47
N VAL D 199 -41.43 -30.99 -35.54
CA VAL D 199 -42.04 -31.56 -34.34
C VAL D 199 -41.41 -32.93 -34.06
N VAL D 200 -41.34 -33.26 -32.77
CA VAL D 200 -40.77 -34.52 -32.32
C VAL D 200 -41.81 -35.26 -31.48
N GLU D 201 -41.81 -36.58 -31.57
CA GLU D 201 -42.75 -37.41 -30.84
C GLU D 201 -42.10 -38.77 -30.60
N PRO D 202 -42.40 -39.42 -29.48
CA PRO D 202 -41.81 -40.73 -29.20
C PRO D 202 -42.50 -41.84 -30.00
N GLU D 203 -41.85 -42.98 -30.16
CA GLU D 203 -42.46 -44.09 -30.87
C GLU D 203 -43.70 -44.43 -30.06
N GLY D 204 -44.83 -44.63 -30.73
CA GLY D 204 -46.07 -44.95 -30.04
C GLY D 204 -47.02 -43.80 -30.18
N SER D 205 -46.55 -42.75 -30.85
CA SER D 205 -47.33 -41.56 -31.07
C SER D 205 -47.93 -41.44 -32.48
N ILE D 206 -49.16 -40.92 -32.51
CA ILE D 206 -49.96 -40.77 -33.72
C ILE D 206 -49.53 -39.77 -34.79
N LEU D 207 -48.70 -38.79 -34.44
CA LEU D 207 -48.24 -37.74 -35.37
C LEU D 207 -47.68 -38.19 -36.71
N ASN D 208 -47.40 -39.48 -36.85
CA ASN D 208 -46.88 -40.03 -38.11
C ASN D 208 -47.72 -41.23 -38.63
N GLY D 209 -48.87 -41.50 -38.00
CA GLY D 209 -49.74 -42.58 -38.44
C GLY D 209 -49.37 -44.01 -38.11
N GLY D 210 -48.52 -44.19 -37.12
CA GLY D 210 -48.10 -45.52 -36.74
C GLY D 210 -49.12 -46.02 -35.77
N PRO D 211 -48.84 -47.13 -35.11
CA PRO D 211 -49.80 -47.68 -34.15
C PRO D 211 -49.71 -46.91 -32.83
N ALA D 212 -50.85 -46.68 -32.18
CA ALA D 212 -50.85 -45.95 -30.91
C ALA D 212 -50.56 -46.89 -29.74
N HIS D 213 -49.33 -46.88 -29.26
CA HIS D 213 -48.94 -47.71 -28.13
C HIS D 213 -48.21 -46.91 -27.07
N ALA D 214 -48.05 -47.50 -25.89
CA ALA D 214 -47.37 -46.86 -24.75
C ALA D 214 -45.85 -46.77 -24.94
N HIS D 215 -45.30 -45.60 -24.65
CA HIS D 215 -43.86 -45.37 -24.77
C HIS D 215 -43.23 -45.06 -23.42
N ARG D 216 -41.95 -45.38 -23.30
CA ARG D 216 -41.20 -45.13 -22.09
C ARG D 216 -40.96 -43.62 -21.95
N THR D 217 -40.55 -42.95 -23.03
CA THR D 217 -40.32 -41.50 -23.01
C THR D 217 -41.57 -40.84 -22.42
N GLU D 218 -41.39 -39.89 -21.50
CA GLU D 218 -42.53 -39.23 -20.86
C GLU D 218 -42.58 -37.71 -20.97
N GLY D 219 -43.79 -37.18 -21.19
CA GLY D 219 -43.97 -35.75 -21.32
C GLY D 219 -44.61 -35.45 -22.66
N ILE D 220 -43.94 -35.92 -23.72
CA ILE D 220 -44.39 -35.74 -25.11
C ILE D 220 -45.18 -36.97 -25.59
N GLY D 221 -45.70 -36.90 -26.81
CA GLY D 221 -46.49 -38.01 -27.33
C GLY D 221 -47.91 -37.51 -27.51
N VAL D 222 -48.56 -37.90 -28.60
CA VAL D 222 -49.91 -37.42 -28.86
C VAL D 222 -50.91 -38.57 -29.08
N GLU D 223 -52.19 -38.28 -28.81
CA GLU D 223 -53.22 -39.30 -28.98
C GLU D 223 -54.27 -38.82 -29.97
N PHE D 224 -53.99 -37.65 -30.54
CA PHE D 224 -54.83 -37.02 -31.54
C PHE D 224 -54.04 -35.82 -31.98
N ILE D 225 -54.05 -35.53 -33.27
CA ILE D 225 -53.30 -34.42 -33.82
C ILE D 225 -53.69 -33.05 -33.20
N PRO D 226 -52.74 -32.38 -32.53
CA PRO D 226 -52.93 -31.08 -31.88
C PRO D 226 -53.57 -30.01 -32.75
N PRO D 227 -54.69 -29.42 -32.28
CA PRO D 227 -55.35 -28.38 -33.06
C PRO D 227 -54.47 -27.17 -33.34
N PHE D 228 -53.59 -26.82 -32.40
CA PHE D 228 -52.73 -25.66 -32.58
C PHE D 228 -51.76 -25.75 -33.78
N PHE D 229 -51.72 -26.88 -34.48
CA PHE D 229 -50.79 -27.04 -35.61
C PHE D 229 -51.09 -26.28 -36.92
N ASP D 230 -52.14 -25.45 -36.96
CA ASP D 230 -52.46 -24.71 -38.18
C ASP D 230 -51.82 -23.34 -38.18
N GLN D 231 -51.15 -22.99 -37.08
CA GLN D 231 -50.51 -21.69 -36.99
C GLN D 231 -49.03 -21.83 -37.37
N VAL D 232 -48.61 -23.07 -37.65
CA VAL D 232 -47.21 -23.34 -38.01
C VAL D 232 -47.08 -24.18 -39.28
N ARG D 233 -46.06 -23.87 -40.07
CA ARG D 233 -45.78 -24.62 -41.28
C ARG D 233 -44.80 -25.71 -40.88
N ILE D 234 -45.32 -26.86 -40.46
CA ILE D 234 -44.50 -27.99 -40.03
C ILE D 234 -43.65 -28.54 -41.19
N ASP D 235 -42.36 -28.26 -41.16
CA ASP D 235 -41.43 -28.72 -42.19
C ASP D 235 -41.05 -30.18 -42.08
N GLN D 236 -41.41 -30.83 -40.97
CA GLN D 236 -41.07 -32.24 -40.75
C GLN D 236 -41.55 -32.76 -39.38
N THR D 237 -41.92 -34.03 -39.33
CA THR D 237 -42.38 -34.64 -38.10
C THR D 237 -41.51 -35.85 -37.83
N LEU D 238 -40.68 -35.75 -36.80
CA LEU D 238 -39.74 -36.82 -36.44
C LEU D 238 -40.15 -37.72 -35.26
N THR D 239 -40.15 -39.02 -35.49
CA THR D 239 -40.51 -39.97 -34.42
C THR D 239 -39.26 -40.65 -33.87
N ILE D 240 -38.80 -40.14 -32.75
CA ILE D 240 -37.61 -40.66 -32.06
C ILE D 240 -37.88 -41.96 -31.29
N ALA D 241 -36.97 -42.91 -31.42
CA ALA D 241 -37.09 -44.19 -30.71
C ALA D 241 -36.89 -44.00 -29.21
N ASP D 242 -37.43 -44.90 -28.41
CA ASP D 242 -37.28 -44.80 -26.96
C ASP D 242 -35.82 -44.87 -26.53
N ASN D 243 -35.11 -45.88 -27.03
CA ASN D 243 -33.71 -46.09 -26.71
C ASN D 243 -32.84 -44.89 -27.06
N ASP D 244 -33.18 -44.21 -28.14
CA ASP D 244 -32.40 -43.05 -28.55
C ASP D 244 -32.56 -41.92 -27.53
N ALA D 245 -33.81 -41.59 -27.20
CA ALA D 245 -34.09 -40.53 -26.24
C ALA D 245 -33.28 -40.76 -24.98
N PHE D 246 -33.47 -41.94 -24.37
CA PHE D 246 -32.78 -42.29 -23.14
C PHE D 246 -31.27 -42.35 -23.25
N ALA D 247 -30.77 -42.80 -24.38
CA ALA D 247 -29.33 -42.85 -24.59
C ALA D 247 -28.81 -41.43 -24.47
N GLN D 248 -29.58 -40.46 -24.95
CA GLN D 248 -29.17 -39.06 -24.87
C GLN D 248 -29.17 -38.57 -23.42
N VAL D 249 -30.21 -38.94 -22.68
CA VAL D 249 -30.34 -38.53 -21.28
C VAL D 249 -29.13 -39.01 -20.51
N ARG D 250 -28.74 -40.25 -20.80
CA ARG D 250 -27.61 -40.88 -20.15
C ARG D 250 -26.31 -40.15 -20.46
N HIS D 251 -26.05 -39.97 -21.75
CA HIS D 251 -24.86 -39.32 -22.28
C HIS D 251 -24.61 -37.89 -21.77
N LEU D 252 -25.55 -36.99 -22.01
CA LEU D 252 -25.42 -35.62 -21.56
C LEU D 252 -25.11 -35.54 -20.08
N ALA D 253 -25.67 -36.44 -19.29
CA ALA D 253 -25.41 -36.44 -17.86
C ALA D 253 -24.02 -36.93 -17.50
N ARG D 254 -23.53 -37.95 -18.20
CA ARG D 254 -22.21 -38.49 -17.90
C ARG D 254 -21.03 -37.72 -18.51
N ASP D 255 -21.29 -36.91 -19.52
CA ASP D 255 -20.23 -36.14 -20.18
C ASP D 255 -20.35 -34.64 -20.08
N HIS D 256 -21.56 -34.13 -19.87
CA HIS D 256 -21.74 -32.69 -19.81
C HIS D 256 -22.60 -32.20 -18.68
N GLY D 257 -22.54 -32.88 -17.54
CA GLY D 257 -23.32 -32.48 -16.38
C GLY D 257 -24.72 -31.95 -16.65
N LEU D 258 -25.43 -32.60 -17.56
CA LEU D 258 -26.78 -32.20 -17.89
C LEU D 258 -27.79 -33.27 -17.47
N LEU D 259 -28.59 -32.93 -16.48
CA LEU D 259 -29.61 -33.83 -15.98
C LEU D 259 -30.89 -33.49 -16.75
N ILE D 260 -31.16 -34.23 -17.83
CA ILE D 260 -32.36 -33.97 -18.63
C ILE D 260 -33.35 -35.12 -18.67
N GLY D 261 -34.63 -34.77 -18.85
CA GLY D 261 -35.68 -35.80 -18.93
C GLY D 261 -35.74 -36.49 -20.29
N SER D 262 -36.53 -37.56 -20.38
CA SER D 262 -36.68 -38.33 -21.63
C SER D 262 -37.11 -37.44 -22.80
N SER D 263 -38.17 -36.68 -22.60
CA SER D 263 -38.68 -35.76 -23.61
C SER D 263 -37.52 -34.94 -24.14
N SER D 264 -36.64 -34.47 -23.24
CA SER D 264 -35.49 -33.65 -23.62
C SER D 264 -34.47 -34.46 -24.39
N GLY D 265 -34.28 -35.71 -23.98
CA GLY D 265 -33.33 -36.57 -24.67
C GLY D 265 -33.82 -36.82 -26.08
N ALA D 266 -35.12 -37.07 -26.18
CA ALA D 266 -35.76 -37.32 -27.45
C ALA D 266 -35.56 -36.09 -28.35
N ALA D 267 -35.79 -34.91 -27.78
CA ALA D 267 -35.63 -33.67 -28.53
C ALA D 267 -34.21 -33.53 -29.09
N LEU D 268 -33.21 -33.82 -28.27
CA LEU D 268 -31.80 -33.75 -28.71
C LEU D 268 -31.57 -34.82 -29.77
N ALA D 269 -32.14 -36.01 -29.54
CA ALA D 269 -32.00 -37.08 -30.49
C ALA D 269 -32.38 -36.54 -31.87
N ALA D 270 -33.60 -36.01 -31.94
CA ALA D 270 -34.15 -35.45 -33.16
C ALA D 270 -33.39 -34.24 -33.71
N SER D 271 -32.92 -33.36 -32.83
CA SER D 271 -32.19 -32.18 -33.28
C SER D 271 -30.90 -32.61 -33.97
N LEU D 272 -30.25 -33.63 -33.44
CA LEU D 272 -29.00 -34.14 -34.01
C LEU D 272 -29.30 -34.76 -35.36
N GLN D 273 -30.38 -35.56 -35.41
CA GLN D 273 -30.80 -36.21 -36.65
C GLN D 273 -30.96 -35.17 -37.76
N LEU D 274 -31.70 -34.11 -37.45
CA LEU D 274 -31.96 -33.04 -38.40
C LEU D 274 -30.68 -32.37 -38.86
N ALA D 275 -29.65 -32.41 -38.02
CA ALA D 275 -28.38 -31.77 -38.37
C ALA D 275 -27.71 -32.42 -39.57
N THR D 276 -28.10 -33.63 -39.92
CA THR D 276 -27.50 -34.30 -41.07
C THR D 276 -28.14 -33.90 -42.41
N ASN D 277 -29.43 -33.56 -42.42
CA ASN D 277 -30.06 -33.12 -43.67
C ASN D 277 -30.16 -31.60 -43.64
N LEU D 278 -29.18 -30.97 -43.00
CA LEU D 278 -29.17 -29.52 -42.92
C LEU D 278 -27.82 -28.97 -43.35
N PRO D 279 -27.82 -27.78 -43.99
CA PRO D 279 -26.58 -27.17 -44.45
C PRO D 279 -25.50 -27.16 -43.38
N ALA D 280 -24.26 -27.00 -43.81
CA ALA D 280 -23.15 -26.94 -42.88
C ALA D 280 -23.29 -25.65 -42.07
N ASN D 281 -22.59 -25.58 -40.94
CA ASN D 281 -22.64 -24.41 -40.07
C ASN D 281 -24.04 -23.90 -39.70
N SER D 282 -25.03 -24.79 -39.69
CA SER D 282 -26.40 -24.40 -39.37
C SER D 282 -26.59 -24.11 -37.89
N HIS D 283 -27.78 -23.61 -37.55
CA HIS D 283 -28.12 -23.30 -36.17
C HIS D 283 -29.50 -23.85 -35.81
N ILE D 284 -29.53 -24.88 -34.95
CA ILE D 284 -30.78 -25.52 -34.52
C ILE D 284 -31.14 -25.23 -33.07
N VAL D 285 -32.39 -24.86 -32.81
CA VAL D 285 -32.82 -24.58 -31.45
C VAL D 285 -33.90 -25.56 -31.03
N THR D 286 -33.77 -26.07 -29.81
CA THR D 286 -34.72 -27.03 -29.28
C THR D 286 -34.97 -26.71 -27.80
N ILE D 287 -35.82 -27.49 -27.17
CA ILE D 287 -36.15 -27.25 -25.78
C ILE D 287 -36.06 -28.51 -24.93
N PHE D 288 -35.48 -28.36 -23.74
CA PHE D 288 -35.35 -29.44 -22.76
C PHE D 288 -36.37 -29.01 -21.69
N PRO D 289 -37.58 -29.61 -21.74
CA PRO D 289 -38.70 -29.34 -20.84
C PRO D 289 -38.54 -29.56 -19.33
N ASP D 290 -37.79 -30.60 -18.94
CA ASP D 290 -37.60 -30.87 -17.51
C ASP D 290 -36.42 -31.78 -17.16
N SER D 291 -36.06 -31.74 -15.88
CA SER D 291 -34.94 -32.52 -15.33
C SER D 291 -35.16 -34.03 -15.39
N SER D 292 -34.09 -34.79 -15.18
CA SER D 292 -34.17 -36.24 -15.16
C SER D 292 -34.42 -36.67 -13.70
N GLU D 293 -34.33 -35.70 -12.80
CA GLU D 293 -34.55 -35.94 -11.39
C GLU D 293 -36.03 -36.22 -11.10
N ARG D 294 -36.86 -35.88 -12.08
CA ARG D 294 -38.31 -36.05 -12.01
C ARG D 294 -38.73 -37.47 -12.36
N TYR D 295 -37.85 -38.21 -13.02
CA TYR D 295 -38.11 -39.58 -13.43
C TYR D 295 -37.08 -40.54 -12.83
N LEU D 296 -36.68 -40.29 -11.58
CA LEU D 296 -35.70 -41.11 -10.91
C LEU D 296 -36.40 -42.33 -10.35
N SER D 297 -37.68 -42.17 -10.06
CA SER D 297 -38.44 -43.30 -9.54
C SER D 297 -38.61 -44.35 -10.65
N GLN D 298 -38.47 -43.93 -11.90
CA GLN D 298 -38.60 -44.80 -13.06
C GLN D 298 -37.26 -45.29 -13.63
N LYS D 299 -36.20 -45.20 -12.85
CA LYS D 299 -34.89 -45.67 -13.32
C LYS D 299 -34.53 -45.09 -14.69
N ILE D 300 -34.75 -43.79 -14.86
CA ILE D 300 -34.46 -43.12 -16.12
C ILE D 300 -33.02 -43.34 -16.60
N TYR D 301 -32.08 -43.45 -15.67
CA TYR D 301 -30.68 -43.59 -16.03
C TYR D 301 -30.20 -45.01 -16.27
N THR D 302 -31.13 -45.96 -16.17
CA THR D 302 -30.85 -47.39 -16.37
C THR D 302 -31.02 -47.77 -17.87
N LYS D 303 -30.51 -48.94 -18.24
CA LYS D 303 -30.57 -49.39 -19.64
C LYS D 303 -31.62 -50.48 -19.92
N MET E 1 68.81 31.88 24.59
CA MET E 1 69.33 31.54 25.95
C MET E 1 69.98 30.15 26.00
N LEU E 2 71.29 30.10 26.24
CA LEU E 2 72.02 28.83 26.30
C LEU E 2 72.22 28.36 27.75
N ILE E 3 71.58 27.24 28.10
CA ILE E 3 71.70 26.68 29.45
C ILE E 3 72.49 25.39 29.48
N GLN E 4 73.02 25.06 30.67
CA GLN E 4 73.83 23.86 30.87
C GLN E 4 73.06 22.77 31.63
N HIS E 5 72.33 23.19 32.67
CA HIS E 5 71.55 22.28 33.48
C HIS E 5 70.16 22.82 33.58
N VAL E 6 69.20 21.91 33.70
CA VAL E 6 67.80 22.26 33.78
C VAL E 6 67.47 23.22 34.93
N GLN E 7 68.40 23.37 35.87
CA GLN E 7 68.19 24.25 37.02
C GLN E 7 68.22 25.74 36.70
N GLU E 8 68.90 26.10 35.62
CA GLU E 8 69.01 27.50 35.21
C GLU E 8 67.71 28.10 34.70
N LEU E 9 66.70 27.26 34.53
CA LEU E 9 65.41 27.71 34.03
C LEU E 9 64.43 27.86 35.16
N ILE E 10 64.90 27.75 36.39
CA ILE E 10 64.01 27.89 37.54
C ILE E 10 63.83 29.38 37.79
N GLY E 11 62.59 29.82 37.97
CA GLY E 11 62.34 31.23 38.21
C GLY E 11 62.44 32.12 36.97
N HIS E 12 62.27 33.43 37.17
CA HIS E 12 62.31 34.38 36.07
C HIS E 12 61.15 34.08 35.11
N THR E 13 60.02 33.72 35.70
CA THR E 13 58.82 33.39 34.97
C THR E 13 58.10 34.67 34.50
N PRO E 14 57.27 34.57 33.44
CA PRO E 14 56.56 35.72 32.92
C PRO E 14 55.42 36.20 33.85
N LEU E 15 55.17 37.52 33.79
CA LEU E 15 54.10 38.16 34.56
C LEU E 15 53.13 38.63 33.48
N MET E 16 51.91 38.11 33.51
CA MET E 16 50.94 38.43 32.48
C MET E 16 49.74 39.24 32.91
N ALA E 17 49.48 40.28 32.14
CA ALA E 17 48.35 41.16 32.40
C ALA E 17 47.14 40.50 31.75
N LEU E 18 46.43 39.71 32.54
CA LEU E 18 45.27 38.97 32.05
C LEU E 18 44.24 39.77 31.25
N PRO E 19 44.17 39.53 29.93
CA PRO E 19 43.23 40.24 29.06
C PRO E 19 41.80 39.90 29.39
N ILE E 20 41.41 40.14 30.63
CA ILE E 20 40.05 39.82 31.03
C ILE E 20 39.25 40.99 31.62
N GLU E 21 37.95 40.78 31.74
CA GLU E 21 37.04 41.76 32.30
C GLU E 21 37.20 41.84 33.81
N VAL E 22 37.85 42.89 34.29
CA VAL E 22 38.08 43.12 35.72
C VAL E 22 37.14 44.22 36.21
N PRO E 23 36.42 44.00 37.33
CA PRO E 23 35.51 45.02 37.87
C PRO E 23 36.22 46.34 38.24
N ASN E 24 35.47 47.44 38.22
CA ASN E 24 36.00 48.76 38.56
C ASN E 24 37.17 49.16 37.66
N HIS E 25 37.20 48.60 36.46
CA HIS E 25 38.25 48.90 35.48
C HIS E 25 39.65 48.85 36.09
N SER E 26 39.94 47.73 36.75
CA SER E 26 41.23 47.47 37.39
C SER E 26 41.98 46.42 36.58
N HIS E 27 43.17 46.03 37.04
CA HIS E 27 43.97 45.04 36.32
C HIS E 27 44.61 43.97 37.20
N ILE E 28 44.41 42.71 36.82
CA ILE E 28 44.95 41.56 37.52
C ILE E 28 46.16 40.97 36.81
N TYR E 29 47.29 40.96 37.49
CA TYR E 29 48.53 40.42 36.92
C TYR E 29 48.82 39.08 37.57
N ALA E 30 49.16 38.07 36.75
CA ALA E 30 49.47 36.77 37.29
C ALA E 30 50.84 36.29 36.88
N LYS E 31 51.54 35.70 37.84
CA LYS E 31 52.86 35.15 37.59
C LYS E 31 52.57 33.73 37.12
N LEU E 32 53.04 33.41 35.93
CA LEU E 32 52.82 32.10 35.37
C LEU E 32 53.96 31.19 35.80
N GLU E 33 53.82 30.61 36.99
CA GLU E 33 54.83 29.75 37.58
C GLU E 33 54.97 28.37 36.93
N MET E 34 53.95 27.96 36.20
CA MET E 34 53.99 26.66 35.53
C MET E 34 55.09 26.58 34.50
N PHE E 35 55.84 27.67 34.31
CA PHE E 35 56.91 27.66 33.32
C PHE E 35 58.26 27.29 33.93
N ASN E 36 58.21 26.62 35.09
CA ASN E 36 59.45 26.18 35.74
C ASN E 36 59.74 24.77 35.24
N PRO E 37 61.02 24.38 35.20
CA PRO E 37 61.40 23.05 34.71
C PRO E 37 60.53 21.91 35.23
N GLY E 38 60.07 22.04 36.46
CA GLY E 38 59.24 21.01 37.05
C GLY E 38 57.78 21.30 36.84
N GLY E 39 57.49 22.48 36.27
CA GLY E 39 56.13 22.90 35.96
C GLY E 39 55.23 23.38 37.08
N SER E 40 55.83 24.02 38.07
CA SER E 40 55.09 24.55 39.21
C SER E 40 55.99 25.54 39.89
N ILE E 41 55.41 26.36 40.75
CA ILE E 41 56.16 27.36 41.51
C ILE E 41 57.14 26.67 42.46
N ALA E 42 56.72 25.50 42.95
CA ALA E 42 57.50 24.70 43.88
C ALA E 42 58.98 24.52 43.49
N ASP E 43 59.29 24.57 42.20
CA ASP E 43 60.68 24.38 41.76
C ASP E 43 61.63 25.25 42.55
N ARG E 44 61.18 26.46 42.84
CA ARG E 44 61.97 27.43 43.61
C ARG E 44 62.19 26.93 45.03
N LEU E 45 61.09 26.56 45.67
CA LEU E 45 61.09 26.04 47.04
C LEU E 45 62.07 24.90 47.15
N GLY E 46 61.83 23.88 46.33
CA GLY E 46 62.66 22.70 46.33
C GLY E 46 64.14 22.98 46.31
N ALA E 47 64.59 23.81 45.38
CA ALA E 47 66.01 24.12 45.27
C ALA E 47 66.53 24.87 46.49
N TYR E 48 65.73 25.82 46.97
CA TYR E 48 66.12 26.62 48.13
C TYR E 48 66.24 25.73 49.36
N LEU E 49 65.23 24.91 49.61
CA LEU E 49 65.24 24.02 50.75
C LEU E 49 66.54 23.24 50.85
N ILE E 50 66.94 22.61 49.74
CA ILE E 50 68.17 21.82 49.69
C ILE E 50 69.40 22.70 49.83
N GLU E 51 69.29 23.97 49.45
CA GLU E 51 70.41 24.87 49.58
C GLU E 51 70.54 25.14 51.06
N ASP E 52 69.42 25.42 51.71
CA ASP E 52 69.37 25.69 53.15
C ASP E 52 69.86 24.48 53.91
N GLY E 53 69.32 23.32 53.57
CA GLY E 53 69.72 22.09 54.22
C GLY E 53 71.22 21.87 54.19
N LEU E 54 71.90 22.30 53.13
CA LEU E 54 73.35 22.12 53.03
C LEU E 54 74.13 23.19 53.78
N GLN E 55 73.73 24.44 53.58
CA GLN E 55 74.41 25.54 54.23
C GLN E 55 74.30 25.38 55.74
N ARG E 56 73.17 24.83 56.18
CA ARG E 56 72.93 24.62 57.59
C ARG E 56 73.46 23.28 58.05
N GLY E 57 74.54 22.84 57.39
CA GLY E 57 75.20 21.58 57.71
C GLY E 57 74.36 20.36 58.08
N ARG E 58 73.08 20.35 57.75
CA ARG E 58 72.21 19.23 58.10
C ARG E 58 72.00 18.20 56.99
N VAL E 59 72.83 18.27 55.95
CA VAL E 59 72.73 17.36 54.82
C VAL E 59 74.12 17.11 54.25
N ASN E 60 74.41 15.85 53.96
CA ASN E 60 75.70 15.48 53.39
C ASN E 60 75.48 14.41 52.33
N ALA E 61 76.57 14.09 51.64
CA ALA E 61 76.58 13.11 50.55
C ALA E 61 75.61 11.92 50.62
N LYS E 62 75.56 11.22 51.75
CA LYS E 62 74.69 10.04 51.87
C LYS E 62 73.37 10.25 52.64
N THR E 63 73.05 11.50 52.96
CA THR E 63 71.81 11.81 53.67
C THR E 63 70.58 11.36 52.88
N THR E 64 69.48 11.15 53.58
CA THR E 64 68.24 10.73 52.96
C THR E 64 67.22 11.83 53.18
N ILE E 65 66.92 12.61 52.15
CA ILE E 65 65.94 13.68 52.31
C ILE E 65 64.55 13.07 52.36
N ILE E 66 63.81 13.43 53.40
CA ILE E 66 62.46 12.94 53.58
C ILE E 66 61.55 14.16 53.70
N GLU E 67 60.38 14.11 53.07
CA GLU E 67 59.48 15.27 53.11
C GLU E 67 58.02 15.00 52.73
N PRO E 68 57.09 15.58 53.47
CA PRO E 68 55.66 15.39 53.18
C PRO E 68 55.28 16.41 52.13
N THR E 69 54.65 15.97 51.05
CA THR E 69 54.28 16.88 49.99
C THR E 69 53.01 16.45 49.28
N ALA E 70 52.38 17.39 48.58
CA ALA E 70 51.17 17.07 47.85
C ALA E 70 51.59 16.66 46.43
N GLY E 71 52.89 16.78 46.15
CA GLY E 71 53.39 16.41 44.84
C GLY E 71 54.34 17.45 44.25
N ASN E 72 53.82 18.65 44.01
CA ASN E 72 54.61 19.71 43.41
C ASN E 72 55.93 19.98 44.12
N THR E 73 55.88 20.23 45.43
CA THR E 73 57.12 20.47 46.16
C THR E 73 57.98 19.23 45.99
N GLY E 74 57.32 18.07 45.95
CA GLY E 74 58.05 16.83 45.77
C GLY E 74 58.88 16.93 44.51
N ILE E 75 58.20 17.24 43.39
CA ILE E 75 58.87 17.34 42.09
C ILE E 75 60.04 18.32 42.13
N GLY E 76 59.82 19.47 42.76
CA GLY E 76 60.86 20.47 42.84
C GLY E 76 62.02 19.96 43.67
N LEU E 77 61.68 19.34 44.79
CA LEU E 77 62.67 18.79 45.68
C LEU E 77 63.48 17.74 44.96
N ALA E 78 62.77 16.81 44.32
CA ALA E 78 63.38 15.71 43.55
C ALA E 78 64.38 16.22 42.50
N LEU E 79 63.98 17.30 41.81
CA LEU E 79 64.79 17.93 40.79
C LEU E 79 66.10 18.38 41.39
N ALA E 80 66.00 18.99 42.57
CA ALA E 80 67.15 19.53 43.28
C ALA E 80 68.04 18.47 43.93
N THR E 81 67.42 17.49 44.60
CA THR E 81 68.18 16.42 45.25
C THR E 81 68.90 15.66 44.16
N GLN E 82 68.17 15.38 43.09
CA GLN E 82 68.70 14.66 41.94
C GLN E 82 70.00 15.31 41.44
N ALA E 83 70.07 16.63 41.54
CA ALA E 83 71.24 17.37 41.09
C ALA E 83 72.43 17.20 42.05
N HIS E 84 72.14 16.90 43.31
CA HIS E 84 73.19 16.73 44.31
C HIS E 84 73.38 15.26 44.67
N HIS E 85 72.84 14.38 43.82
CA HIS E 85 72.95 12.94 44.04
C HIS E 85 72.46 12.56 45.44
N LEU E 86 71.38 13.18 45.89
CA LEU E 86 70.82 12.91 47.21
C LEU E 86 69.60 12.02 47.21
N ARG E 87 69.63 10.97 48.04
CA ARG E 87 68.52 10.03 48.15
C ARG E 87 67.27 10.78 48.59
N THR E 88 66.14 10.53 47.94
CA THR E 88 64.92 11.22 48.30
C THR E 88 63.70 10.32 48.51
N ILE E 89 62.98 10.59 49.59
CA ILE E 89 61.77 9.86 49.90
C ILE E 89 60.72 10.95 50.08
N LEU E 90 59.60 10.81 49.39
CA LEU E 90 58.55 11.80 49.51
C LEU E 90 57.29 11.14 50.03
N VAL E 91 56.79 11.64 51.14
CA VAL E 91 55.58 11.09 51.73
C VAL E 91 54.43 11.90 51.18
N VAL E 92 53.49 11.23 50.52
CA VAL E 92 52.35 11.94 49.95
C VAL E 92 51.01 11.23 50.13
N PRO E 93 49.99 11.99 50.54
CA PRO E 93 48.65 11.48 50.77
C PRO E 93 48.03 10.90 49.51
N GLU E 94 47.35 9.78 49.69
CA GLU E 94 46.73 9.03 48.62
C GLU E 94 46.02 9.73 47.45
N LYS E 95 45.02 10.57 47.71
CA LYS E 95 44.26 11.16 46.60
C LYS E 95 44.80 12.32 45.72
N PHE E 96 46.10 12.61 45.81
CA PHE E 96 46.66 13.70 45.00
C PHE E 96 47.05 13.28 43.57
N SER E 97 46.88 14.21 42.64
CA SER E 97 47.20 14.01 41.22
C SER E 97 48.17 12.87 40.87
N MET E 98 47.68 11.90 40.10
CA MET E 98 48.50 10.77 39.68
C MET E 98 49.81 11.25 39.05
N GLU E 99 49.68 12.10 38.04
CA GLU E 99 50.83 12.64 37.30
C GLU E 99 51.96 13.19 38.15
N LYS E 100 51.61 13.91 39.22
CA LYS E 100 52.62 14.48 40.10
C LYS E 100 53.49 13.33 40.63
N GLN E 101 52.82 12.27 41.07
CA GLN E 101 53.48 11.08 41.62
C GLN E 101 54.42 10.47 40.59
N VAL E 102 53.88 10.15 39.41
CA VAL E 102 54.67 9.57 38.34
C VAL E 102 55.95 10.39 38.11
N LEU E 103 55.78 11.71 37.98
CA LEU E 103 56.88 12.65 37.76
C LEU E 103 57.88 12.59 38.91
N MET E 104 57.36 12.45 40.13
CA MET E 104 58.22 12.36 41.30
C MET E 104 59.11 11.13 41.15
N GLN E 105 58.48 9.97 40.93
CA GLN E 105 59.23 8.73 40.75
C GLN E 105 60.24 8.83 39.61
N ALA E 106 59.79 9.36 38.49
CA ALA E 106 60.59 9.52 37.27
C ALA E 106 61.88 10.30 37.51
N LEU E 107 61.77 11.28 38.41
CA LEU E 107 62.88 12.15 38.77
C LEU E 107 63.85 11.47 39.74
N GLY E 108 63.48 10.28 40.21
CA GLY E 108 64.35 9.52 41.08
C GLY E 108 63.93 9.35 42.53
N ALA E 109 62.83 9.95 42.93
CA ALA E 109 62.40 9.84 44.32
C ALA E 109 61.58 8.60 44.63
N GLU E 110 61.46 8.29 45.90
CA GLU E 110 60.70 7.13 46.35
C GLU E 110 59.47 7.64 47.12
N ILE E 111 58.29 7.17 46.74
CA ILE E 111 57.07 7.64 47.41
C ILE E 111 56.51 6.71 48.48
N VAL E 112 56.04 7.29 49.57
CA VAL E 112 55.44 6.55 50.67
C VAL E 112 54.03 7.13 50.76
N HIS E 113 53.03 6.28 50.57
CA HIS E 113 51.65 6.75 50.58
C HIS E 113 50.90 6.71 51.92
N THR E 114 50.37 7.84 52.36
CA THR E 114 49.61 7.93 53.60
C THR E 114 48.11 8.03 53.24
N PRO E 115 47.21 7.62 54.15
CA PRO E 115 45.77 7.68 53.86
C PRO E 115 45.31 9.07 53.45
N SER E 116 44.37 9.11 52.51
CA SER E 116 43.81 10.35 51.98
C SER E 116 43.12 11.22 53.03
N GLU E 117 42.40 10.57 53.93
CA GLU E 117 41.67 11.24 55.00
C GLU E 117 42.59 11.92 56.02
N GLU E 118 43.82 11.42 56.14
CA GLU E 118 44.79 11.97 57.08
C GLU E 118 45.41 13.26 56.56
N GLY E 119 45.20 13.51 55.28
CA GLY E 119 45.73 14.71 54.65
C GLY E 119 47.19 14.96 54.93
N ILE E 120 47.59 16.22 54.76
CA ILE E 120 48.97 16.66 54.97
C ILE E 120 49.45 16.30 56.38
N LYS E 121 48.55 16.34 57.35
CA LYS E 121 48.91 16.02 58.73
C LYS E 121 49.48 14.60 58.79
N GLY E 122 48.72 13.65 58.25
CA GLY E 122 49.15 12.27 58.22
C GLY E 122 50.48 12.09 57.52
N ALA E 123 50.69 12.87 56.48
CA ALA E 123 51.93 12.82 55.71
C ALA E 123 53.10 13.43 56.47
N ILE E 124 52.82 14.47 57.26
CA ILE E 124 53.88 15.11 58.04
C ILE E 124 54.27 14.15 59.16
N ARG E 125 53.27 13.54 59.77
CA ARG E 125 53.48 12.57 60.84
C ARG E 125 54.40 11.47 60.35
N LYS E 126 53.96 10.81 59.27
CA LYS E 126 54.69 9.72 58.66
C LYS E 126 56.09 10.12 58.19
N ALA E 127 56.23 11.37 57.75
CA ALA E 127 57.52 11.87 57.29
C ALA E 127 58.52 11.90 58.43
N GLU E 128 58.08 12.44 59.57
CA GLU E 128 58.90 12.56 60.78
C GLU E 128 59.22 11.19 61.40
N ALA E 129 58.25 10.28 61.37
CA ALA E 129 58.41 8.93 61.91
C ALA E 129 59.50 8.22 61.11
N LEU E 130 59.44 8.35 59.80
CA LEU E 130 60.40 7.72 58.91
C LEU E 130 61.76 8.36 59.10
N ALA E 131 61.78 9.67 59.30
CA ALA E 131 63.03 10.39 59.51
C ALA E 131 63.70 9.86 60.77
N ALA E 132 62.87 9.37 61.71
CA ALA E 132 63.34 8.83 62.98
C ALA E 132 64.02 7.49 62.77
N THR E 133 63.46 6.71 61.83
CA THR E 133 63.97 5.38 61.50
C THR E 133 65.17 5.38 60.58
N ILE E 134 65.64 6.56 60.20
CA ILE E 134 66.81 6.68 59.33
C ILE E 134 67.82 7.63 59.98
N SER E 135 68.94 7.07 60.40
CA SER E 135 69.97 7.86 61.06
C SER E 135 70.31 9.14 60.31
N ASN E 136 70.92 8.97 59.15
CA ASN E 136 71.34 10.08 58.30
C ASN E 136 70.18 10.56 57.44
N SER E 137 69.34 11.41 58.00
CA SER E 137 68.20 11.93 57.25
C SER E 137 67.84 13.34 57.66
N TYR E 138 67.43 14.15 56.69
CA TYR E 138 67.04 15.52 56.94
C TYR E 138 65.64 15.72 56.36
N VAL E 139 64.75 16.31 57.15
CA VAL E 139 63.40 16.59 56.68
C VAL E 139 63.25 18.10 56.57
N PRO E 140 63.25 18.63 55.34
CA PRO E 140 63.11 20.08 55.12
C PRO E 140 61.92 20.67 55.88
N MET E 141 60.82 19.93 55.92
CA MET E 141 59.60 20.35 56.60
C MET E 141 59.19 21.74 56.11
N GLN E 142 58.69 21.78 54.88
CA GLN E 142 58.27 23.03 54.25
C GLN E 142 57.13 23.74 54.97
N PHE E 143 56.34 23.02 55.76
CA PHE E 143 55.22 23.63 56.47
C PHE E 143 55.58 24.40 57.75
N LYS E 144 56.86 24.37 58.12
CA LYS E 144 57.35 25.06 59.31
C LYS E 144 58.67 25.81 59.03
N ASN E 145 59.58 25.17 58.31
CA ASN E 145 60.87 25.77 57.98
C ASN E 145 60.77 27.19 57.41
N PRO E 146 61.48 28.15 58.01
CA PRO E 146 61.47 29.55 57.58
C PRO E 146 62.08 29.73 56.19
N ALA E 147 62.99 28.84 55.83
CA ALA E 147 63.64 28.92 54.53
C ALA E 147 62.63 28.87 53.41
N ASN E 148 61.40 28.46 53.74
CA ASN E 148 60.34 28.36 52.75
C ASN E 148 59.96 29.76 52.21
N PRO E 149 59.35 30.61 53.05
CA PRO E 149 58.98 31.94 52.55
C PRO E 149 60.19 32.71 52.09
N ALA E 150 61.30 32.48 52.77
CA ALA E 150 62.55 33.15 52.44
C ALA E 150 62.96 32.82 51.03
N ALA E 151 62.46 31.68 50.55
CA ALA E 151 62.78 31.21 49.20
C ALA E 151 62.16 32.11 48.14
N TYR E 152 60.88 32.43 48.32
CA TYR E 152 60.19 33.28 47.36
C TYR E 152 60.54 34.75 47.60
N TYR E 153 60.87 35.06 48.85
CA TYR E 153 61.24 36.41 49.24
C TYR E 153 62.31 37.07 48.36
N HIS E 154 63.40 36.35 48.08
CA HIS E 154 64.49 36.91 47.27
C HIS E 154 64.39 36.65 45.78
N THR E 155 63.49 35.76 45.37
CA THR E 155 63.31 35.46 43.96
C THR E 155 61.98 36.00 43.45
N LEU E 156 60.89 35.29 43.74
CA LEU E 156 59.57 35.67 43.28
C LEU E 156 59.21 37.14 43.45
N ALA E 157 59.14 37.60 44.70
CA ALA E 157 58.78 38.99 45.01
C ALA E 157 59.55 40.06 44.22
N PRO E 158 60.90 40.04 44.24
CA PRO E 158 61.63 41.07 43.48
C PRO E 158 61.31 41.02 41.98
N GLU E 159 60.93 39.83 41.52
CA GLU E 159 60.56 39.57 40.13
C GLU E 159 59.22 40.24 39.79
N ILE E 160 58.29 40.22 40.73
CA ILE E 160 56.99 40.84 40.51
C ILE E 160 57.17 42.33 40.37
N LEU E 161 57.98 42.91 41.23
CA LEU E 161 58.23 44.35 41.20
C LEU E 161 58.89 44.78 39.89
N ALA E 162 59.92 44.06 39.49
CA ALA E 162 60.68 44.37 38.27
C ALA E 162 59.86 44.51 36.98
N ASP E 163 58.74 43.79 36.89
CA ASP E 163 57.89 43.84 35.71
C ASP E 163 56.65 44.68 35.90
N MET E 164 56.07 44.65 37.09
CA MET E 164 54.87 45.43 37.39
C MET E 164 54.99 46.84 36.80
N PRO E 165 53.99 47.27 36.01
CA PRO E 165 54.04 48.60 35.40
C PRO E 165 53.38 49.70 36.24
N ALA E 166 53.14 49.42 37.52
CA ALA E 166 52.52 50.40 38.40
C ALA E 166 52.49 49.88 39.83
N PRO E 167 52.17 50.76 40.80
CA PRO E 167 52.11 50.35 42.21
C PRO E 167 51.10 49.23 42.47
N ILE E 168 51.58 48.18 43.12
CA ILE E 168 50.75 47.03 43.44
C ILE E 168 49.74 47.33 44.53
N THR E 169 48.50 47.51 44.12
CA THR E 169 47.42 47.80 45.04
C THR E 169 47.25 46.70 46.08
N ALA E 170 47.04 45.48 45.60
CA ALA E 170 46.86 44.30 46.46
C ALA E 170 47.56 43.09 45.84
N PHE E 171 47.84 42.07 46.66
CA PHE E 171 48.50 40.84 46.19
C PHE E 171 47.73 39.64 46.72
N VAL E 172 47.03 38.97 45.83
CA VAL E 172 46.27 37.79 46.19
C VAL E 172 47.12 36.57 45.90
N ALA E 173 47.00 35.55 46.72
CA ALA E 173 47.79 34.33 46.54
C ALA E 173 47.16 33.13 47.25
N GLY E 174 47.39 31.95 46.70
CA GLY E 174 46.84 30.75 47.31
C GLY E 174 47.76 30.33 48.44
N ALA E 175 47.27 29.48 49.32
CA ALA E 175 48.11 29.03 50.42
C ALA E 175 48.00 27.53 50.66
N GLY E 176 49.13 26.84 50.55
CA GLY E 176 49.14 25.42 50.81
C GLY E 176 49.86 25.27 52.12
N SER E 177 51.13 25.62 52.09
CA SER E 177 51.97 25.58 53.26
C SER E 177 51.86 27.00 53.78
N GLY E 178 51.65 27.91 52.83
CA GLY E 178 51.53 29.33 53.11
C GLY E 178 52.80 30.05 52.66
N GLY E 179 53.88 29.29 52.57
CA GLY E 179 55.18 29.82 52.20
C GLY E 179 55.26 30.84 51.07
N THR E 180 54.51 30.63 50.00
CA THR E 180 54.53 31.54 48.85
C THR E 180 53.89 32.88 49.20
N PHE E 181 52.72 32.82 49.83
CA PHE E 181 52.01 34.02 50.22
C PHE E 181 52.81 34.86 51.21
N ALA E 182 53.29 34.20 52.27
CA ALA E 182 54.08 34.86 53.30
C ALA E 182 55.35 35.50 52.75
N GLY E 183 56.17 34.69 52.08
CA GLY E 183 57.41 35.19 51.53
C GLY E 183 57.31 36.36 50.57
N VAL E 184 56.26 36.42 49.75
CA VAL E 184 56.11 37.51 48.79
C VAL E 184 55.40 38.71 49.41
N ALA E 185 54.30 38.47 50.13
CA ALA E 185 53.56 39.54 50.79
C ALA E 185 54.52 40.28 51.71
N ALA E 186 55.34 39.54 52.43
CA ALA E 186 56.32 40.09 53.35
C ALA E 186 57.21 41.09 52.64
N TYR E 187 57.80 40.67 51.53
CA TYR E 187 58.69 41.54 50.77
C TYR E 187 58.00 42.74 50.13
N LEU E 188 56.78 42.52 49.63
CA LEU E 188 56.03 43.58 48.98
C LEU E 188 55.47 44.61 49.96
N GLN E 189 54.98 44.15 51.11
CA GLN E 189 54.44 45.05 52.14
C GLN E 189 55.57 45.85 52.78
N ALA E 190 56.78 45.29 52.75
CA ALA E 190 57.96 45.95 53.30
C ALA E 190 58.65 46.81 52.24
N GLN E 191 57.93 47.09 51.16
CA GLN E 191 58.43 47.89 50.04
C GLN E 191 57.36 48.91 49.70
N ASP E 192 56.23 48.77 50.38
CA ASP E 192 55.06 49.62 50.22
C ASP E 192 54.00 49.14 51.19
N SER E 193 53.92 49.80 52.34
CA SER E 193 52.95 49.45 53.36
C SER E 193 51.53 49.34 52.78
N ALA E 194 51.27 50.14 51.74
CA ALA E 194 49.97 50.19 51.10
C ALA E 194 49.56 48.89 50.43
N THR E 195 50.53 48.15 49.91
CA THR E 195 50.21 46.89 49.25
C THR E 195 49.47 46.00 50.21
N LYS E 196 48.19 45.78 49.95
CA LYS E 196 47.39 44.90 50.80
C LYS E 196 47.79 43.46 50.49
N ALA E 197 47.62 42.56 51.46
CA ALA E 197 47.96 41.15 51.28
C ALA E 197 46.70 40.30 51.49
N VAL E 198 46.32 39.52 50.49
CA VAL E 198 45.14 38.66 50.59
C VAL E 198 45.50 37.20 50.37
N VAL E 199 45.10 36.34 51.30
CA VAL E 199 45.35 34.91 51.19
C VAL E 199 44.10 34.21 50.63
N VAL E 200 44.31 33.11 49.91
CA VAL E 200 43.20 32.37 49.34
C VAL E 200 43.22 30.88 49.73
N GLU E 201 42.03 30.35 50.01
CA GLU E 201 41.88 28.96 50.41
C GLU E 201 40.58 28.40 49.85
N PRO E 202 40.55 27.09 49.52
CA PRO E 202 39.36 26.45 48.97
C PRO E 202 38.39 26.06 50.09
N GLU E 203 37.10 26.04 49.80
CA GLU E 203 36.12 25.65 50.82
C GLU E 203 36.59 24.29 51.33
N GLY E 204 36.51 24.11 52.64
CA GLY E 204 36.96 22.88 53.26
C GLY E 204 38.27 23.13 53.99
N SER E 205 38.78 24.35 53.86
CA SER E 205 40.01 24.76 54.52
C SER E 205 39.67 25.47 55.82
N ILE E 206 40.61 25.45 56.75
CA ILE E 206 40.42 26.04 58.08
C ILE E 206 40.72 27.54 58.29
N LEU E 207 41.49 28.17 57.40
CA LEU E 207 41.84 29.60 57.53
C LEU E 207 40.68 30.55 57.86
N ASN E 208 39.45 30.12 57.59
CA ASN E 208 38.26 30.95 57.86
C ASN E 208 37.27 30.32 58.84
N GLY E 209 37.76 29.42 59.68
CA GLY E 209 36.90 28.79 60.66
C GLY E 209 35.93 27.78 60.10
N GLY E 210 35.82 27.70 58.76
CA GLY E 210 34.90 26.76 58.14
C GLY E 210 35.20 25.33 58.55
N PRO E 211 34.31 24.36 58.26
CA PRO E 211 34.59 22.97 58.63
C PRO E 211 35.70 22.36 57.78
N ALA E 212 36.45 21.43 58.34
CA ALA E 212 37.55 20.81 57.62
C ALA E 212 37.08 19.57 56.85
N HIS E 213 36.93 19.73 55.54
CA HIS E 213 36.53 18.62 54.66
C HIS E 213 37.42 18.62 53.43
N ALA E 214 37.25 17.62 52.56
CA ALA E 214 38.04 17.51 51.35
C ALA E 214 37.51 18.40 50.24
N HIS E 215 38.42 19.05 49.51
CA HIS E 215 38.05 19.94 48.42
C HIS E 215 38.60 19.45 47.08
N ARG E 216 37.90 19.77 45.99
CA ARG E 216 38.34 19.36 44.67
C ARG E 216 39.57 20.18 44.25
N THR E 217 39.56 21.48 44.55
CA THR E 217 40.69 22.34 44.22
C THR E 217 41.91 21.67 44.85
N GLU E 218 43.04 21.64 44.16
CA GLU E 218 44.21 20.99 44.71
C GLU E 218 45.45 21.85 44.64
N GLY E 219 46.24 21.79 45.70
CA GLY E 219 47.45 22.60 45.76
C GLY E 219 47.40 23.54 46.94
N ILE E 220 46.24 24.16 47.12
CA ILE E 220 46.05 25.08 48.24
C ILE E 220 45.09 24.41 49.21
N GLY E 221 44.95 25.00 50.39
CA GLY E 221 44.12 24.45 51.44
C GLY E 221 45.02 24.30 52.65
N VAL E 222 44.47 24.43 53.85
CA VAL E 222 45.29 24.31 55.06
C VAL E 222 44.58 23.52 56.17
N GLU E 223 45.35 22.68 56.87
CA GLU E 223 44.80 21.86 57.94
C GLU E 223 45.22 22.38 59.32
N PHE E 224 45.92 23.51 59.29
CA PHE E 224 46.38 24.19 60.47
C PHE E 224 46.95 25.53 59.98
N ILE E 225 46.70 26.60 60.73
CA ILE E 225 47.16 27.92 60.35
C ILE E 225 48.70 28.04 60.26
N PRO E 226 49.24 28.19 59.04
CA PRO E 226 50.68 28.30 58.78
C PRO E 226 51.44 29.27 59.67
N PRO E 227 52.60 28.84 60.17
CA PRO E 227 53.43 29.68 61.03
C PRO E 227 54.08 30.86 60.33
N PHE E 228 54.14 30.85 59.00
CA PHE E 228 54.78 31.95 58.27
C PHE E 228 53.92 33.21 58.18
N PHE E 229 52.73 33.17 58.78
CA PHE E 229 51.80 34.29 58.72
C PHE E 229 52.03 35.48 59.67
N ASP E 230 53.07 35.42 60.51
CA ASP E 230 53.33 36.55 61.41
C ASP E 230 54.30 37.55 60.80
N GLN E 231 54.69 37.33 59.56
CA GLN E 231 55.61 38.26 58.89
C GLN E 231 54.79 39.16 57.99
N VAL E 232 53.52 38.82 57.84
CA VAL E 232 52.63 39.57 56.95
C VAL E 232 51.34 40.07 57.62
N ARG E 233 50.94 41.26 57.18
CA ARG E 233 49.72 41.89 57.67
C ARG E 233 48.64 41.40 56.70
N ILE E 234 47.93 40.36 57.11
CA ILE E 234 46.88 39.78 56.31
C ILE E 234 45.65 40.68 56.28
N ASP E 235 45.49 41.43 55.18
CA ASP E 235 44.36 42.34 55.03
C ASP E 235 43.03 41.62 54.88
N GLN E 236 43.03 40.45 54.25
CA GLN E 236 41.80 39.69 54.07
C GLN E 236 42.05 38.22 53.78
N THR E 237 41.11 37.38 54.20
CA THR E 237 41.21 35.94 54.00
C THR E 237 39.98 35.42 53.26
N LEU E 238 40.15 35.11 51.98
CA LEU E 238 39.06 34.64 51.12
C LEU E 238 38.94 33.13 50.90
N THR E 239 37.73 32.63 51.03
CA THR E 239 37.46 31.20 50.85
C THR E 239 36.71 30.98 49.54
N ILE E 240 37.45 30.70 48.46
CA ILE E 240 36.87 30.46 47.13
C ILE E 240 36.21 29.10 47.00
N ALA E 241 35.04 29.06 46.36
CA ALA E 241 34.30 27.82 46.17
C ALA E 241 34.96 26.97 45.09
N ASP E 242 34.62 25.68 45.06
CA ASP E 242 35.19 24.73 44.09
C ASP E 242 34.73 25.10 42.68
N ASN E 243 33.43 25.11 42.46
CA ASN E 243 32.87 25.44 41.17
C ASN E 243 33.51 26.68 40.61
N ASP E 244 33.62 27.70 41.45
CA ASP E 244 34.22 28.97 41.06
C ASP E 244 35.62 28.82 40.46
N ALA E 245 36.55 28.26 41.24
CA ALA E 245 37.92 28.08 40.80
C ALA E 245 38.00 27.32 39.48
N PHE E 246 37.29 26.19 39.42
CA PHE E 246 37.28 25.34 38.25
C PHE E 246 36.66 26.05 37.05
N ALA E 247 35.60 26.80 37.27
CA ALA E 247 34.97 27.52 36.18
C ALA E 247 36.02 28.46 35.57
N GLN E 248 36.91 28.99 36.40
CA GLN E 248 37.96 29.90 35.92
C GLN E 248 39.01 29.21 35.07
N VAL E 249 39.29 27.95 35.43
CA VAL E 249 40.27 27.12 34.72
C VAL E 249 39.74 26.86 33.32
N ARG E 250 38.45 26.59 33.23
CA ARG E 250 37.78 26.33 31.96
C ARG E 250 37.84 27.58 31.07
N HIS E 251 37.27 28.69 31.57
CA HIS E 251 37.23 29.94 30.83
C HIS E 251 38.58 30.41 30.33
N LEU E 252 39.55 30.54 31.22
CA LEU E 252 40.85 31.00 30.79
C LEU E 252 41.46 30.13 29.68
N ALA E 253 40.99 28.89 29.59
CA ALA E 253 41.52 27.99 28.58
C ALA E 253 40.82 28.14 27.25
N ARG E 254 39.50 28.33 27.32
CA ARG E 254 38.66 28.47 26.14
C ARG E 254 38.63 29.85 25.53
N ASP E 255 39.06 30.86 26.28
CA ASP E 255 39.02 32.25 25.81
C ASP E 255 40.38 32.96 25.63
N HIS E 256 41.36 32.62 26.45
CA HIS E 256 42.66 33.28 26.33
C HIS E 256 43.84 32.31 26.38
N GLY E 257 43.57 31.06 25.97
CA GLY E 257 44.58 30.02 25.92
C GLY E 257 45.43 29.89 27.15
N LEU E 258 44.80 29.77 28.30
CA LEU E 258 45.58 29.64 29.52
C LEU E 258 45.28 28.31 30.18
N LEU E 259 46.28 27.44 30.19
CA LEU E 259 46.11 26.14 30.80
C LEU E 259 46.54 26.30 32.26
N ILE E 260 45.57 26.43 33.17
CA ILE E 260 45.88 26.63 34.59
C ILE E 260 45.25 25.64 35.56
N GLY E 261 46.02 25.28 36.59
CA GLY E 261 45.53 24.36 37.60
C GLY E 261 44.44 24.98 38.46
N SER E 262 43.65 24.15 39.14
CA SER E 262 42.58 24.63 39.99
C SER E 262 43.08 25.69 40.95
N SER E 263 44.28 25.46 41.50
CA SER E 263 44.89 26.39 42.45
C SER E 263 44.94 27.80 41.87
N SER E 264 45.28 27.88 40.59
CA SER E 264 45.39 29.15 39.88
C SER E 264 44.02 29.70 39.57
N GLY E 265 43.06 28.80 39.38
CA GLY E 265 41.71 29.23 39.07
C GLY E 265 41.06 29.86 40.28
N ALA E 266 41.38 29.33 41.46
CA ALA E 266 40.83 29.86 42.69
C ALA E 266 41.45 31.23 42.98
N ALA E 267 42.73 31.37 42.64
CA ALA E 267 43.47 32.62 42.85
C ALA E 267 42.86 33.74 42.02
N LEU E 268 42.45 33.42 40.80
CA LEU E 268 41.84 34.41 39.91
C LEU E 268 40.41 34.69 40.37
N ALA E 269 39.71 33.65 40.79
CA ALA E 269 38.35 33.83 41.27
C ALA E 269 38.40 34.85 42.41
N ALA E 270 39.39 34.69 43.28
CA ALA E 270 39.58 35.56 44.43
C ALA E 270 40.02 36.95 43.99
N SER E 271 41.06 37.01 43.17
CA SER E 271 41.57 38.29 42.68
C SER E 271 40.48 39.16 42.05
N LEU E 272 39.54 38.53 41.36
CA LEU E 272 38.43 39.22 40.70
C LEU E 272 37.40 39.67 41.72
N GLN E 273 37.20 38.84 42.74
CA GLN E 273 36.27 39.15 43.81
C GLN E 273 36.76 40.40 44.54
N LEU E 274 38.04 40.42 44.87
CA LEU E 274 38.67 41.54 45.56
C LEU E 274 38.58 42.84 44.75
N ALA E 275 38.60 42.76 43.42
CA ALA E 275 38.54 43.95 42.57
C ALA E 275 37.25 44.77 42.72
N THR E 276 36.23 44.22 43.37
CA THR E 276 34.98 44.94 43.58
C THR E 276 35.00 45.84 44.84
N ASN E 277 35.72 45.45 45.89
CA ASN E 277 35.82 46.28 47.11
C ASN E 277 37.14 47.02 47.06
N LEU E 278 37.64 47.25 45.86
CA LEU E 278 38.90 47.96 45.70
C LEU E 278 38.70 49.15 44.77
N PRO E 279 39.53 50.20 44.94
CA PRO E 279 39.40 51.39 44.10
C PRO E 279 39.40 51.04 42.60
N ALA E 280 38.89 51.96 41.79
CA ALA E 280 38.86 51.78 40.35
C ALA E 280 40.30 51.93 39.88
N ASN E 281 40.58 51.47 38.66
CA ASN E 281 41.93 51.53 38.10
C ASN E 281 43.01 51.05 39.08
N SER E 282 42.70 50.00 39.85
CA SER E 282 43.64 49.44 40.81
C SER E 282 44.60 48.49 40.10
N HIS E 283 45.51 47.91 40.87
CA HIS E 283 46.48 46.97 40.31
C HIS E 283 46.68 45.77 41.23
N ILE E 284 46.08 44.64 40.86
CA ILE E 284 46.17 43.40 41.64
C ILE E 284 47.17 42.40 41.07
N VAL E 285 47.96 41.77 41.94
CA VAL E 285 48.94 40.78 41.50
C VAL E 285 48.63 39.47 42.23
N THR E 286 48.66 38.37 41.47
CA THR E 286 48.39 37.04 42.00
C THR E 286 49.32 36.03 41.30
N ILE E 287 49.27 34.78 41.72
CA ILE E 287 50.13 33.78 41.13
C ILE E 287 49.41 32.50 40.69
N PHE E 288 49.79 32.03 39.50
CA PHE E 288 49.26 30.79 38.92
C PHE E 288 50.40 29.76 39.11
N PRO E 289 50.32 28.94 40.19
CA PRO E 289 51.32 27.92 40.54
C PRO E 289 51.68 26.82 39.55
N ASP E 290 50.70 26.34 38.78
CA ASP E 290 50.97 25.26 37.83
C ASP E 290 49.93 25.07 36.71
N SER E 291 50.32 24.31 35.68
CA SER E 291 49.46 24.01 34.52
C SER E 291 48.27 23.12 34.83
N SER E 292 47.23 23.19 33.99
CA SER E 292 46.04 22.36 34.20
C SER E 292 46.37 20.95 33.73
N GLU E 293 47.41 20.87 32.90
CA GLU E 293 47.90 19.61 32.34
C GLU E 293 48.17 18.57 33.44
N ARG E 294 48.61 19.09 34.58
CA ARG E 294 48.94 18.31 35.76
C ARG E 294 47.73 17.65 36.43
N TYR E 295 46.53 18.02 36.02
CA TYR E 295 45.34 17.43 36.63
C TYR E 295 44.40 16.90 35.58
N LEU E 296 44.98 16.48 34.45
CA LEU E 296 44.17 15.94 33.35
C LEU E 296 43.50 14.65 33.79
N SER E 297 44.21 13.88 34.61
CA SER E 297 43.70 12.61 35.10
C SER E 297 42.47 12.78 36.00
N GLN E 298 42.27 13.98 36.51
CA GLN E 298 41.13 14.25 37.39
C GLN E 298 39.97 14.87 36.65
N LYS E 299 40.09 14.97 35.33
CA LYS E 299 39.03 15.56 34.51
C LYS E 299 38.83 17.02 34.95
N ILE E 300 39.94 17.71 35.11
CA ILE E 300 39.95 19.10 35.54
C ILE E 300 39.07 19.99 34.69
N TYR E 301 38.99 19.71 33.38
CA TYR E 301 38.19 20.52 32.46
C TYR E 301 36.75 20.12 32.32
N THR E 302 36.29 19.19 33.17
CA THR E 302 34.90 18.71 33.16
C THR E 302 34.01 19.47 34.15
N LYS E 303 32.68 19.35 34.01
CA LYS E 303 31.73 20.06 34.89
C LYS E 303 31.06 19.22 35.99
N MET F 1 59.75 39.73 32.79
CA MET F 1 59.02 39.83 31.50
C MET F 1 57.51 40.02 31.69
N LEU F 2 56.98 41.12 31.13
CA LEU F 2 55.54 41.40 31.23
C LEU F 2 54.85 41.11 29.90
N ILE F 3 53.83 40.26 29.93
CA ILE F 3 53.08 39.90 28.73
C ILE F 3 51.59 40.21 28.83
N GLN F 4 50.97 40.32 27.66
CA GLN F 4 49.55 40.65 27.54
C GLN F 4 48.72 39.43 27.17
N HIS F 5 49.18 38.68 26.16
CA HIS F 5 48.49 37.48 25.69
C HIS F 5 49.45 36.31 25.62
N VAL F 6 48.95 35.14 26.01
CA VAL F 6 49.75 33.93 26.02
C VAL F 6 50.60 33.72 24.77
N GLN F 7 50.12 34.23 23.65
CA GLN F 7 50.81 34.08 22.37
C GLN F 7 52.18 34.73 22.33
N GLU F 8 52.47 35.57 23.32
CA GLU F 8 53.77 36.27 23.38
C GLU F 8 54.88 35.34 23.88
N LEU F 9 54.47 34.21 24.42
CA LEU F 9 55.40 33.25 24.97
C LEU F 9 55.90 32.24 23.93
N ILE F 10 55.21 32.15 22.80
CA ILE F 10 55.59 31.21 21.74
C ILE F 10 57.01 31.48 21.21
N GLY F 11 57.86 30.46 21.23
CA GLY F 11 59.21 30.64 20.73
C GLY F 11 60.14 31.24 21.76
N HIS F 12 61.40 31.38 21.38
CA HIS F 12 62.42 31.94 22.28
C HIS F 12 62.64 30.93 23.40
N THR F 13 62.71 29.67 22.99
CA THR F 13 62.90 28.54 23.89
C THR F 13 64.37 28.36 24.19
N PRO F 14 64.70 27.80 25.37
CA PRO F 14 66.09 27.58 25.78
C PRO F 14 66.77 26.50 24.96
N LEU F 15 68.07 26.67 24.77
CA LEU F 15 68.89 25.69 24.04
C LEU F 15 69.83 25.17 25.09
N MET F 16 69.69 23.89 25.41
CA MET F 16 70.51 23.27 26.44
C MET F 16 71.62 22.37 25.92
N ALA F 17 72.81 22.56 26.48
CA ALA F 17 73.97 21.77 26.12
C ALA F 17 73.92 20.60 27.07
N LEU F 18 73.10 19.62 26.72
CA LEU F 18 72.91 18.44 27.56
C LEU F 18 74.18 17.99 28.28
N PRO F 19 74.14 17.94 29.62
CA PRO F 19 75.26 17.53 30.48
C PRO F 19 75.38 16.00 30.54
N ILE F 20 75.52 15.38 29.37
CA ILE F 20 75.61 13.93 29.28
C ILE F 20 76.85 13.44 28.54
N GLU F 21 77.11 12.14 28.67
CA GLU F 21 78.25 11.50 28.03
C GLU F 21 78.00 11.41 26.53
N VAL F 22 78.88 12.05 25.73
CA VAL F 22 78.76 12.04 24.28
C VAL F 22 80.04 11.47 23.69
N PRO F 23 79.93 10.46 22.80
CA PRO F 23 81.10 9.82 22.16
C PRO F 23 82.06 10.83 21.54
N ASN F 24 83.32 10.44 21.36
CA ASN F 24 84.34 11.30 20.76
C ASN F 24 84.38 12.72 21.33
N HIS F 25 84.00 12.82 22.60
CA HIS F 25 84.00 14.07 23.34
C HIS F 25 83.44 15.26 22.59
N SER F 26 82.30 15.04 21.95
CA SER F 26 81.58 16.07 21.19
C SER F 26 80.44 16.55 22.10
N HIS F 27 79.61 17.47 21.61
CA HIS F 27 78.50 17.97 22.43
C HIS F 27 77.17 18.02 21.71
N ILE F 28 76.11 17.79 22.46
CA ILE F 28 74.78 17.82 21.89
C ILE F 28 73.93 18.90 22.56
N TYR F 29 73.30 19.73 21.74
CA TYR F 29 72.46 20.79 22.25
C TYR F 29 71.03 20.51 21.81
N ALA F 30 70.10 20.63 22.75
CA ALA F 30 68.72 20.39 22.42
C ALA F 30 67.85 21.60 22.71
N LYS F 31 66.96 21.92 21.79
CA LYS F 31 66.05 23.05 21.98
C LYS F 31 64.85 22.51 22.78
N LEU F 32 64.58 23.14 23.93
CA LEU F 32 63.49 22.69 24.79
C LEU F 32 62.14 23.33 24.47
N GLU F 33 61.51 22.81 23.43
CA GLU F 33 60.23 23.29 22.93
C GLU F 33 58.98 22.97 23.74
N MET F 34 59.12 22.26 24.87
CA MET F 34 57.95 21.95 25.70
C MET F 34 57.66 23.18 26.53
N PHE F 35 58.53 24.17 26.40
CA PHE F 35 58.40 25.40 27.13
C PHE F 35 57.53 26.41 26.40
N ASN F 36 56.74 25.95 25.44
CA ASN F 36 55.84 26.85 24.69
C ASN F 36 54.55 26.92 25.50
N PRO F 37 53.71 27.92 25.24
CA PRO F 37 52.45 28.03 26.00
C PRO F 37 51.59 26.79 25.92
N GLY F 38 51.70 26.08 24.79
CA GLY F 38 50.93 24.87 24.57
C GLY F 38 51.73 23.61 24.89
N GLY F 39 53.03 23.77 25.11
CA GLY F 39 53.85 22.64 25.49
C GLY F 39 54.50 21.86 24.38
N SER F 40 54.46 22.43 23.17
CA SER F 40 55.05 21.78 22.01
C SER F 40 55.58 22.79 21.03
N ILE F 41 56.55 22.33 20.25
CA ILE F 41 57.14 23.16 19.23
C ILE F 41 56.03 23.55 18.27
N ALA F 42 54.97 22.73 18.23
CA ALA F 42 53.83 22.93 17.35
C ALA F 42 53.18 24.29 17.54
N ASP F 43 53.32 24.87 18.72
CA ASP F 43 52.73 26.19 18.97
C ASP F 43 53.08 27.16 17.86
N ARG F 44 54.35 27.10 17.44
CA ARG F 44 54.91 27.92 16.37
C ARG F 44 54.17 27.67 15.05
N LEU F 45 54.14 26.41 14.63
CA LEU F 45 53.47 26.02 13.40
C LEU F 45 52.04 26.48 13.43
N GLY F 46 51.35 26.19 14.52
CA GLY F 46 49.94 26.57 14.65
C GLY F 46 49.62 28.01 14.39
N ALA F 47 50.42 28.93 14.96
CA ALA F 47 50.19 30.36 14.80
C ALA F 47 50.55 30.81 13.39
N TYR F 48 51.69 30.34 12.91
CA TYR F 48 52.16 30.69 11.58
C TYR F 48 51.18 30.24 10.48
N LEU F 49 50.60 29.07 10.66
CA LEU F 49 49.67 28.53 9.68
C LEU F 49 48.47 29.44 9.54
N ILE F 50 47.83 29.76 10.66
CA ILE F 50 46.66 30.63 10.64
C ILE F 50 47.03 32.02 10.11
N GLU F 51 48.27 32.44 10.33
CA GLU F 51 48.71 33.72 9.81
C GLU F 51 48.62 33.60 8.29
N ASP F 52 49.43 32.68 7.75
CA ASP F 52 49.48 32.42 6.32
C ASP F 52 48.08 32.35 5.75
N GLY F 53 47.20 31.67 6.46
CA GLY F 53 45.83 31.52 6.00
C GLY F 53 45.03 32.82 5.97
N LEU F 54 45.50 33.83 6.67
CA LEU F 54 44.83 35.10 6.68
C LEU F 54 45.42 35.97 5.58
N GLN F 55 46.74 36.09 5.56
CA GLN F 55 47.45 36.89 4.56
C GLN F 55 47.21 36.40 3.12
N ARG F 56 46.93 35.11 2.96
CA ARG F 56 46.69 34.56 1.63
C ARG F 56 45.18 34.65 1.37
N GLY F 57 44.49 35.38 2.24
CA GLY F 57 43.04 35.58 2.14
C GLY F 57 42.16 34.35 2.11
N ARG F 58 42.72 33.19 2.48
CA ARG F 58 41.99 31.92 2.47
C ARG F 58 41.10 31.72 3.69
N VAL F 59 41.29 32.54 4.72
CA VAL F 59 40.48 32.46 5.95
C VAL F 59 39.84 33.78 6.27
N ASN F 60 38.69 33.72 6.90
CA ASN F 60 37.99 34.93 7.30
C ASN F 60 37.23 34.73 8.62
N ALA F 61 36.64 35.80 9.11
CA ALA F 61 35.90 35.80 10.35
C ALA F 61 35.05 34.56 10.63
N LYS F 62 34.31 34.07 9.65
CA LYS F 62 33.43 32.92 9.86
C LYS F 62 33.94 31.57 9.33
N THR F 63 35.16 31.58 8.79
CA THR F 63 35.78 30.37 8.28
C THR F 63 35.79 29.30 9.37
N THR F 64 35.90 28.05 8.95
CA THR F 64 35.94 26.91 9.87
C THR F 64 37.25 26.22 9.53
N ILE F 65 38.19 26.28 10.45
CA ILE F 65 39.48 25.63 10.25
C ILE F 65 39.30 24.15 10.50
N ILE F 66 39.88 23.33 9.63
CA ILE F 66 39.81 21.88 9.77
C ILE F 66 41.22 21.41 9.51
N GLU F 67 41.69 20.43 10.30
CA GLU F 67 43.04 19.92 10.10
C GLU F 67 43.35 18.57 10.72
N PRO F 68 44.06 17.73 9.97
CA PRO F 68 44.41 16.41 10.50
C PRO F 68 45.65 16.61 11.36
N THR F 69 45.60 16.17 12.61
CA THR F 69 46.74 16.32 13.50
C THR F 69 46.90 15.18 14.51
N ALA F 70 48.13 14.98 14.98
CA ALA F 70 48.38 13.95 15.97
C ALA F 70 48.06 14.48 17.37
N GLY F 71 47.72 15.77 17.43
CA GLY F 71 47.37 16.39 18.71
C GLY F 71 48.12 17.66 19.04
N ASN F 72 49.44 17.63 18.93
CA ASN F 72 50.27 18.79 19.24
C ASN F 72 50.02 19.98 18.33
N THR F 73 49.99 19.74 17.02
CA THR F 73 49.72 20.79 16.03
C THR F 73 48.28 21.26 16.23
N GLY F 74 47.40 20.32 16.57
CA GLY F 74 46.00 20.66 16.81
C GLY F 74 45.98 21.64 17.95
N ILE F 75 46.78 21.38 18.98
CA ILE F 75 46.85 22.26 20.13
C ILE F 75 47.34 23.63 19.65
N GLY F 76 48.49 23.65 18.98
CA GLY F 76 49.05 24.90 18.48
C GLY F 76 48.07 25.68 17.66
N LEU F 77 47.29 24.93 16.87
CA LEU F 77 46.29 25.53 16.02
C LEU F 77 45.14 26.09 16.84
N ALA F 78 44.63 25.31 17.80
CA ALA F 78 43.51 25.76 18.62
C ALA F 78 43.87 27.02 19.40
N LEU F 79 45.16 27.20 19.68
CA LEU F 79 45.62 28.38 20.40
C LEU F 79 45.43 29.55 19.47
N ALA F 80 46.07 29.47 18.30
CA ALA F 80 45.99 30.53 17.30
C ALA F 80 44.52 30.83 16.90
N THR F 81 43.79 29.80 16.45
CA THR F 81 42.40 29.99 16.06
C THR F 81 41.55 30.59 17.17
N GLN F 82 41.85 30.24 18.41
CA GLN F 82 41.09 30.77 19.52
C GLN F 82 41.35 32.28 19.64
N ALA F 83 42.54 32.68 19.25
CA ALA F 83 42.97 34.08 19.30
C ALA F 83 42.22 34.94 18.31
N HIS F 84 41.80 34.35 17.20
CA HIS F 84 41.08 35.08 16.16
C HIS F 84 39.61 34.67 16.10
N HIS F 85 39.09 34.11 17.17
CA HIS F 85 37.70 33.66 17.19
C HIS F 85 37.29 32.87 15.94
N LEU F 86 38.07 31.89 15.54
CA LEU F 86 37.77 31.07 14.36
C LEU F 86 37.37 29.66 14.82
N ARG F 87 36.23 29.16 14.34
CA ARG F 87 35.78 27.83 14.71
C ARG F 87 36.81 26.80 14.25
N THR F 88 37.11 25.82 15.10
CA THR F 88 38.10 24.81 14.77
C THR F 88 37.66 23.36 14.94
N ILE F 89 37.98 22.54 13.94
CA ILE F 89 37.68 21.12 13.97
C ILE F 89 39.00 20.42 13.69
N LEU F 90 39.43 19.55 14.59
CA LEU F 90 40.68 18.84 14.35
C LEU F 90 40.40 17.34 14.19
N VAL F 91 40.92 16.76 13.11
CA VAL F 91 40.73 15.34 12.81
C VAL F 91 41.94 14.55 13.32
N VAL F 92 41.76 13.81 14.41
CA VAL F 92 42.87 13.04 14.97
C VAL F 92 42.65 11.51 15.11
N PRO F 93 43.64 10.70 14.66
CA PRO F 93 43.56 9.24 14.75
C PRO F 93 43.40 8.76 16.19
N GLU F 94 42.57 7.74 16.33
CA GLU F 94 42.19 7.12 17.60
C GLU F 94 43.19 6.80 18.73
N LYS F 95 44.35 6.26 18.43
CA LYS F 95 45.22 5.92 19.55
C LYS F 95 46.23 6.93 20.07
N PHE F 96 46.08 8.21 19.72
CA PHE F 96 47.02 9.23 20.17
C PHE F 96 46.67 9.81 21.54
N SER F 97 47.73 10.13 22.29
CA SER F 97 47.67 10.67 23.65
C SER F 97 46.35 11.29 24.06
N MET F 98 45.74 10.74 25.10
CA MET F 98 44.48 11.26 25.62
C MET F 98 44.62 12.75 25.96
N GLU F 99 45.65 13.08 26.73
CA GLU F 99 45.90 14.45 27.14
C GLU F 99 45.90 15.45 25.98
N LYS F 100 46.50 15.10 24.86
CA LYS F 100 46.52 16.01 23.73
C LYS F 100 45.08 16.34 23.31
N GLN F 101 44.20 15.36 23.39
CA GLN F 101 42.82 15.57 23.01
C GLN F 101 42.06 16.44 24.01
N VAL F 102 42.12 16.10 25.29
CA VAL F 102 41.44 16.92 26.30
C VAL F 102 41.82 18.38 26.18
N LEU F 103 43.12 18.64 25.98
CA LEU F 103 43.64 19.99 25.83
C LEU F 103 43.01 20.65 24.60
N MET F 104 42.98 19.91 23.49
CA MET F 104 42.40 20.43 22.27
C MET F 104 40.96 20.85 22.47
N GLN F 105 40.16 20.00 23.09
CA GLN F 105 38.77 20.36 23.33
C GLN F 105 38.66 21.51 24.33
N ALA F 106 39.55 21.54 25.31
CA ALA F 106 39.55 22.59 26.33
C ALA F 106 39.85 23.95 25.71
N LEU F 107 40.74 23.95 24.72
CA LEU F 107 41.14 25.15 24.00
C LEU F 107 40.04 25.57 23.02
N GLY F 108 38.86 24.96 23.13
CA GLY F 108 37.75 25.30 22.27
C GLY F 108 37.57 24.56 20.94
N ALA F 109 38.39 23.56 20.65
CA ALA F 109 38.29 22.83 19.38
C ALA F 109 37.30 21.67 19.44
N GLU F 110 36.97 21.16 18.26
CA GLU F 110 36.05 20.03 18.13
C GLU F 110 36.83 18.92 17.45
N ILE F 111 36.89 17.76 18.08
CA ILE F 111 37.64 16.64 17.52
C ILE F 111 36.77 15.68 16.75
N VAL F 112 37.37 15.08 15.73
CA VAL F 112 36.72 14.08 14.90
C VAL F 112 37.76 12.95 14.89
N HIS F 113 37.33 11.77 15.35
CA HIS F 113 38.19 10.60 15.47
C HIS F 113 38.19 9.60 14.36
N THR F 114 39.32 9.48 13.68
CA THR F 114 39.47 8.54 12.58
C THR F 114 40.13 7.27 13.12
N PRO F 115 39.85 6.13 12.49
CA PRO F 115 40.43 4.85 12.90
C PRO F 115 41.95 4.89 13.09
N SER F 116 42.40 4.24 14.16
CA SER F 116 43.82 4.17 14.52
C SER F 116 44.71 3.62 13.41
N GLU F 117 44.23 2.54 12.79
CA GLU F 117 44.95 1.84 11.72
C GLU F 117 45.11 2.65 10.43
N GLU F 118 44.18 3.57 10.17
CA GLU F 118 44.26 4.42 8.97
C GLU F 118 45.29 5.51 9.16
N GLY F 119 45.62 5.77 10.41
CA GLY F 119 46.63 6.77 10.75
C GLY F 119 46.42 8.18 10.23
N ILE F 120 47.53 8.86 10.01
CA ILE F 120 47.53 10.23 9.52
C ILE F 120 46.87 10.27 8.15
N LYS F 121 47.14 9.27 7.33
CA LYS F 121 46.55 9.24 6.01
C LYS F 121 45.04 9.32 6.21
N GLY F 122 44.50 8.45 7.05
CA GLY F 122 43.07 8.45 7.29
C GLY F 122 42.52 9.78 7.80
N ALA F 123 43.30 10.42 8.65
CA ALA F 123 42.88 11.69 9.21
C ALA F 123 42.93 12.77 8.13
N ILE F 124 43.90 12.68 7.23
CA ILE F 124 44.04 13.66 6.14
C ILE F 124 42.86 13.53 5.20
N ARG F 125 42.52 12.29 4.84
CA ARG F 125 41.38 12.00 3.97
C ARG F 125 40.12 12.57 4.61
N LYS F 126 39.88 12.21 5.86
CA LYS F 126 38.69 12.66 6.56
C LYS F 126 38.62 14.18 6.68
N ALA F 127 39.75 14.82 6.95
CA ALA F 127 39.78 16.26 7.10
C ALA F 127 39.33 16.92 5.82
N GLU F 128 39.83 16.43 4.70
CA GLU F 128 39.50 16.98 3.40
C GLU F 128 38.05 16.71 3.00
N ALA F 129 37.54 15.54 3.39
CA ALA F 129 36.15 15.16 3.11
C ALA F 129 35.22 16.12 3.85
N LEU F 130 35.58 16.44 5.09
CA LEU F 130 34.80 17.35 5.91
C LEU F 130 34.92 18.76 5.35
N ALA F 131 36.11 19.12 4.89
CA ALA F 131 36.35 20.44 4.32
C ALA F 131 35.43 20.69 3.13
N ALA F 132 35.07 19.61 2.45
CA ALA F 132 34.20 19.70 1.29
C ALA F 132 32.70 19.73 1.64
N THR F 133 32.34 19.42 2.89
CA THR F 133 30.94 19.42 3.30
C THR F 133 30.66 20.71 4.04
N ILE F 134 31.68 21.54 4.17
CA ILE F 134 31.54 22.83 4.84
C ILE F 134 31.99 23.90 3.85
N SER F 135 31.08 24.80 3.49
CA SER F 135 31.39 25.85 2.53
C SER F 135 32.58 26.71 2.92
N ASN F 136 32.40 27.50 3.98
CA ASN F 136 33.48 28.35 4.44
C ASN F 136 34.41 27.52 5.29
N SER F 137 35.52 27.07 4.71
CA SER F 137 36.47 26.26 5.45
C SER F 137 37.84 26.26 4.81
N TYR F 138 38.85 26.19 5.66
CA TYR F 138 40.24 26.17 5.21
C TYR F 138 40.94 25.01 5.88
N VAL F 139 41.76 24.29 5.13
CA VAL F 139 42.52 23.18 5.69
C VAL F 139 43.98 23.54 5.53
N PRO F 140 44.60 24.03 6.63
CA PRO F 140 46.02 24.41 6.62
C PRO F 140 46.93 23.37 5.97
N MET F 141 46.57 22.09 6.11
CA MET F 141 47.31 20.94 5.57
C MET F 141 48.81 20.96 5.87
N GLN F 142 49.12 20.83 7.15
CA GLN F 142 50.49 20.87 7.63
C GLN F 142 51.42 19.87 6.93
N PHE F 143 50.86 18.83 6.32
CA PHE F 143 51.70 17.83 5.68
C PHE F 143 52.12 18.18 4.27
N LYS F 144 51.49 19.21 3.70
CA LYS F 144 51.81 19.64 2.35
C LYS F 144 52.15 21.14 2.27
N ASN F 145 51.43 21.96 3.05
CA ASN F 145 51.63 23.41 3.08
C ASN F 145 53.09 23.83 3.34
N PRO F 146 53.72 24.52 2.37
CA PRO F 146 55.13 24.95 2.56
C PRO F 146 55.27 26.02 3.64
N ALA F 147 54.12 26.50 4.14
CA ALA F 147 54.06 27.50 5.20
C ALA F 147 54.47 26.83 6.49
N ASN F 148 54.52 25.50 6.46
CA ASN F 148 54.91 24.74 7.62
C ASN F 148 56.40 24.88 7.83
N PRO F 149 57.22 24.35 6.90
CA PRO F 149 58.66 24.49 7.10
C PRO F 149 59.09 25.96 7.17
N ALA F 150 58.27 26.83 6.62
CA ALA F 150 58.54 28.25 6.61
C ALA F 150 58.44 28.80 8.04
N ALA F 151 57.53 28.23 8.81
CA ALA F 151 57.32 28.65 10.17
C ALA F 151 58.59 28.50 10.99
N TYR F 152 59.23 27.34 10.91
CA TYR F 152 60.45 27.13 11.67
C TYR F 152 61.68 27.75 11.01
N TYR F 153 61.53 28.18 9.78
CA TYR F 153 62.66 28.78 9.08
C TYR F 153 63.07 30.14 9.59
N HIS F 154 62.09 30.95 9.97
CA HIS F 154 62.38 32.29 10.46
C HIS F 154 62.40 32.41 11.98
N THR F 155 61.85 31.43 12.69
CA THR F 155 61.85 31.49 14.14
C THR F 155 62.91 30.55 14.70
N LEU F 156 62.56 29.29 14.83
CA LEU F 156 63.46 28.29 15.37
C LEU F 156 64.91 28.35 14.86
N ALA F 157 65.09 28.19 13.54
CA ALA F 157 66.42 28.19 12.92
C ALA F 157 67.38 29.31 13.36
N PRO F 158 66.95 30.60 13.26
CA PRO F 158 67.83 31.69 13.69
C PRO F 158 68.10 31.63 15.20
N GLU F 159 67.10 31.21 15.97
CA GLU F 159 67.22 31.09 17.41
C GLU F 159 68.39 30.18 17.76
N ILE F 160 68.47 29.04 17.08
CA ILE F 160 69.52 28.07 17.31
C ILE F 160 70.89 28.68 17.05
N LEU F 161 70.95 29.59 16.09
CA LEU F 161 72.21 30.22 15.75
C LEU F 161 72.57 31.24 16.80
N ALA F 162 71.54 31.91 17.30
CA ALA F 162 71.68 32.94 18.31
C ALA F 162 72.40 32.48 19.59
N ASP F 163 72.10 31.27 20.06
CA ASP F 163 72.69 30.71 21.29
C ASP F 163 73.83 29.70 21.11
N MET F 164 73.91 29.05 19.96
CA MET F 164 74.97 28.08 19.71
C MET F 164 76.35 28.74 19.91
N PRO F 165 77.19 28.18 20.79
CA PRO F 165 78.51 28.76 21.05
C PRO F 165 79.61 28.31 20.09
N ALA F 166 79.22 27.68 18.99
CA ALA F 166 80.21 27.20 18.01
C ALA F 166 79.56 26.73 16.71
N PRO F 167 80.37 26.46 15.68
CA PRO F 167 79.78 26.00 14.42
C PRO F 167 79.03 24.68 14.57
N ILE F 168 77.75 24.68 14.18
CA ILE F 168 76.89 23.50 14.25
C ILE F 168 77.34 22.40 13.27
N THR F 169 78.10 21.43 13.75
CA THR F 169 78.56 20.36 12.88
C THR F 169 77.41 19.61 12.22
N ALA F 170 76.38 19.29 12.99
CA ALA F 170 75.24 18.54 12.47
C ALA F 170 73.95 18.89 13.18
N PHE F 171 72.83 18.69 12.48
CA PHE F 171 71.50 18.96 13.02
C PHE F 171 70.63 17.73 12.83
N VAL F 172 70.25 17.13 13.96
CA VAL F 172 69.42 15.94 13.99
C VAL F 172 68.04 16.36 14.51
N ALA F 173 66.99 15.94 13.80
CA ALA F 173 65.61 16.26 14.19
C ALA F 173 64.67 15.13 13.81
N GLY F 174 63.59 14.99 14.58
CA GLY F 174 62.61 13.94 14.32
C GLY F 174 61.62 14.42 13.29
N ALA F 175 61.15 13.53 12.43
CA ALA F 175 60.20 13.96 11.41
C ALA F 175 58.78 13.40 11.56
N GLY F 176 57.78 14.28 11.53
CA GLY F 176 56.39 13.83 11.64
C GLY F 176 55.72 14.23 10.33
N SER F 177 55.60 15.54 10.14
CA SER F 177 55.05 16.09 8.92
C SER F 177 56.31 16.39 8.10
N GLY F 178 57.43 16.56 8.81
CA GLY F 178 58.70 16.83 8.18
C GLY F 178 59.03 18.30 8.24
N GLY F 179 58.05 19.08 8.67
CA GLY F 179 58.20 20.53 8.77
C GLY F 179 59.41 21.04 9.52
N THR F 180 59.46 20.73 10.82
CA THR F 180 60.57 21.18 11.65
C THR F 180 61.91 20.89 11.04
N PHE F 181 62.15 19.63 10.69
CA PHE F 181 63.42 19.24 10.10
C PHE F 181 63.82 20.03 8.84
N ALA F 182 62.91 20.09 7.87
CA ALA F 182 63.14 20.77 6.59
C ALA F 182 63.35 22.27 6.76
N GLY F 183 62.46 22.89 7.51
CA GLY F 183 62.52 24.32 7.76
C GLY F 183 63.75 24.82 8.48
N VAL F 184 64.29 24.00 9.38
CA VAL F 184 65.47 24.36 10.14
C VAL F 184 66.74 23.95 9.40
N ALA F 185 66.76 22.71 8.92
CA ALA F 185 67.92 22.23 8.18
C ALA F 185 68.18 23.08 6.93
N ALA F 186 67.08 23.54 6.31
CA ALA F 186 67.18 24.37 5.11
C ALA F 186 67.90 25.68 5.41
N TYR F 187 67.56 26.31 6.52
CA TYR F 187 68.17 27.56 6.94
C TYR F 187 69.63 27.40 7.37
N LEU F 188 69.88 26.48 8.28
CA LEU F 188 71.22 26.22 8.78
C LEU F 188 72.19 25.84 7.67
N GLN F 189 71.75 24.96 6.78
CA GLN F 189 72.57 24.49 5.66
C GLN F 189 72.86 25.62 4.68
N ALA F 190 71.98 26.63 4.68
CA ALA F 190 72.13 27.78 3.80
C ALA F 190 72.88 28.90 4.54
N GLN F 191 73.53 28.53 5.62
CA GLN F 191 74.31 29.49 6.42
C GLN F 191 75.64 28.84 6.69
N ASP F 192 75.76 27.60 6.23
CA ASP F 192 76.97 26.83 6.41
C ASP F 192 76.75 25.53 5.66
N SER F 193 77.25 25.47 4.44
CA SER F 193 77.12 24.29 3.62
C SER F 193 77.51 23.01 4.38
N ALA F 194 78.47 23.13 5.29
CA ALA F 194 78.98 22.00 6.07
C ALA F 194 77.99 21.34 7.04
N THR F 195 77.09 22.13 7.62
CA THR F 195 76.12 21.62 8.57
C THR F 195 75.40 20.42 7.97
N LYS F 196 75.68 19.23 8.49
CA LYS F 196 75.01 18.04 7.98
C LYS F 196 73.60 18.01 8.56
N ALA F 197 72.63 17.52 7.78
CA ALA F 197 71.24 17.42 8.22
C ALA F 197 70.89 15.96 8.33
N VAL F 198 70.27 15.57 9.44
CA VAL F 198 69.88 14.18 9.63
C VAL F 198 68.47 14.08 10.19
N VAL F 199 67.64 13.28 9.52
CA VAL F 199 66.25 13.07 9.95
C VAL F 199 66.16 11.80 10.76
N VAL F 200 65.23 11.78 11.70
CA VAL F 200 65.03 10.62 12.53
C VAL F 200 63.58 10.18 12.47
N GLU F 201 63.40 8.87 12.56
CA GLU F 201 62.09 8.27 12.50
C GLU F 201 62.07 7.00 13.35
N PRO F 202 60.90 6.69 13.93
CA PRO F 202 60.72 5.50 14.76
C PRO F 202 60.61 4.24 13.91
N GLU F 203 61.00 3.09 14.47
CA GLU F 203 60.90 1.82 13.75
C GLU F 203 59.43 1.68 13.36
N GLY F 204 59.17 1.34 12.10
CA GLY F 204 57.81 1.21 11.64
C GLY F 204 57.45 2.36 10.74
N SER F 205 58.47 3.18 10.46
CA SER F 205 58.32 4.34 9.61
C SER F 205 58.96 4.07 8.24
N ILE F 206 58.30 4.57 7.21
CA ILE F 206 58.69 4.40 5.82
C ILE F 206 59.99 5.06 5.33
N LEU F 207 60.42 6.15 5.96
CA LEU F 207 61.63 6.85 5.52
C LEU F 207 62.81 5.96 5.13
N ASN F 208 62.92 4.78 5.72
CA ASN F 208 64.04 3.89 5.38
C ASN F 208 63.62 2.61 4.68
N GLY F 209 62.44 2.64 4.07
CA GLY F 209 61.97 1.46 3.36
C GLY F 209 61.41 0.35 4.25
N GLY F 210 61.69 0.40 5.55
CA GLY F 210 61.17 -0.62 6.45
C GLY F 210 59.67 -0.82 6.30
N PRO F 211 59.11 -1.89 6.89
CA PRO F 211 57.67 -2.10 6.77
C PRO F 211 56.93 -1.07 7.62
N ALA F 212 55.80 -0.58 7.13
CA ALA F 212 55.06 0.42 7.88
C ALA F 212 54.17 -0.23 8.94
N HIS F 213 54.50 0.01 10.21
CA HIS F 213 53.68 -0.55 11.29
C HIS F 213 53.62 0.46 12.42
N ALA F 214 52.73 0.21 13.37
CA ALA F 214 52.54 1.10 14.52
C ALA F 214 53.75 1.13 15.45
N HIS F 215 54.04 2.30 15.99
CA HIS F 215 55.16 2.46 16.91
C HIS F 215 54.74 3.15 18.22
N ARG F 216 55.45 2.83 19.30
CA ARG F 216 55.17 3.39 20.61
C ARG F 216 55.58 4.86 20.67
N THR F 217 56.71 5.17 20.04
CA THR F 217 57.20 6.55 19.98
C THR F 217 56.08 7.37 19.35
N GLU F 218 55.69 8.47 19.99
CA GLU F 218 54.60 9.32 19.45
C GLU F 218 55.03 10.73 19.06
N GLY F 219 54.51 11.21 17.93
CA GLY F 219 54.85 12.54 17.47
C GLY F 219 55.56 12.50 16.13
N ILE F 220 56.51 11.59 15.99
CA ILE F 220 57.23 11.44 14.75
C ILE F 220 56.78 10.15 14.06
N GLY F 221 57.26 9.94 12.84
CA GLY F 221 56.86 8.79 12.06
C GLY F 221 56.19 9.29 10.78
N VAL F 222 56.50 8.67 9.65
CA VAL F 222 55.91 9.12 8.40
C VAL F 222 55.24 7.99 7.60
N GLU F 223 54.08 8.28 7.01
CA GLU F 223 53.32 7.31 6.23
C GLU F 223 53.46 7.50 4.72
N PHE F 224 54.23 8.52 4.35
CA PHE F 224 54.53 8.87 2.96
C PHE F 224 55.66 9.87 3.11
N ILE F 225 56.62 9.86 2.19
CA ILE F 225 57.78 10.77 2.31
C ILE F 225 57.35 12.23 2.16
N PRO F 226 57.57 13.05 3.20
CA PRO F 226 57.19 14.46 3.18
C PRO F 226 57.80 15.23 2.03
N PRO F 227 56.99 16.06 1.37
CA PRO F 227 57.42 16.87 0.23
C PRO F 227 58.50 17.89 0.58
N PHE F 228 58.44 18.44 1.80
CA PHE F 228 59.41 19.44 2.27
C PHE F 228 60.87 19.00 2.26
N PHE F 229 61.14 17.78 1.82
CA PHE F 229 62.52 17.30 1.84
C PHE F 229 63.40 17.72 0.67
N ASP F 230 62.82 18.37 -0.34
CA ASP F 230 63.65 18.81 -1.45
C ASP F 230 64.26 20.17 -1.14
N GLN F 231 64.04 20.68 0.08
CA GLN F 231 64.60 21.96 0.49
C GLN F 231 65.84 21.70 1.35
N VAL F 232 66.07 20.42 1.67
CA VAL F 232 67.20 20.02 2.49
C VAL F 232 68.06 18.93 1.89
N ARG F 233 69.36 19.00 2.16
CA ARG F 233 70.30 18.00 1.68
C ARG F 233 70.38 17.00 2.82
N ILE F 234 69.60 15.92 2.73
CA ILE F 234 69.61 14.91 3.79
C ILE F 234 70.89 14.09 3.78
N ASP F 235 71.76 14.35 4.75
CA ASP F 235 73.02 13.64 4.83
C ASP F 235 72.90 12.24 5.39
N GLN F 236 71.81 11.96 6.10
CA GLN F 236 71.61 10.63 6.66
C GLN F 236 70.23 10.47 7.27
N THR F 237 69.67 9.27 7.14
CA THR F 237 68.35 8.98 7.67
C THR F 237 68.44 7.83 8.67
N LEU F 238 68.19 8.14 9.94
CA LEU F 238 68.24 7.16 11.03
C LEU F 238 66.90 6.70 11.60
N THR F 239 66.75 5.38 11.71
CA THR F 239 65.54 4.80 12.27
C THR F 239 65.84 4.32 13.68
N ILE F 240 65.27 5.00 14.67
CA ILE F 240 65.50 4.69 16.08
C ILE F 240 64.48 3.72 16.67
N ALA F 241 64.98 2.70 17.35
CA ALA F 241 64.13 1.69 17.98
C ALA F 241 63.32 2.30 19.13
N ASP F 242 62.13 1.78 19.36
CA ASP F 242 61.31 2.29 20.44
C ASP F 242 62.04 2.22 21.79
N ASN F 243 62.59 1.05 22.10
CA ASN F 243 63.30 0.85 23.36
C ASN F 243 64.39 1.86 23.53
N ASP F 244 65.04 2.21 22.43
CA ASP F 244 66.11 3.20 22.47
C ASP F 244 65.58 4.55 22.90
N ALA F 245 64.52 5.00 22.23
CA ALA F 245 63.94 6.29 22.54
C ALA F 245 63.47 6.35 23.97
N PHE F 246 62.60 5.43 24.36
CA PHE F 246 62.10 5.43 25.72
C PHE F 246 63.24 5.30 26.74
N ALA F 247 64.23 4.47 26.44
CA ALA F 247 65.36 4.28 27.34
C ALA F 247 65.99 5.64 27.62
N GLN F 248 65.85 6.57 26.69
CA GLN F 248 66.40 7.90 26.86
C GLN F 248 65.47 8.77 27.68
N VAL F 249 64.17 8.63 27.42
CA VAL F 249 63.19 9.41 28.15
C VAL F 249 63.34 9.15 29.64
N ARG F 250 63.63 7.89 29.97
CA ARG F 250 63.79 7.46 31.36
C ARG F 250 65.05 8.05 31.99
N HIS F 251 66.21 7.84 31.36
CA HIS F 251 67.49 8.31 31.85
C HIS F 251 67.57 9.80 32.06
N LEU F 252 67.14 10.58 31.07
CA LEU F 252 67.18 12.04 31.15
C LEU F 252 66.31 12.60 32.27
N ALA F 253 65.24 11.91 32.60
CA ALA F 253 64.39 12.38 33.67
C ALA F 253 65.02 12.01 35.02
N ARG F 254 65.62 10.82 35.08
CA ARG F 254 66.23 10.30 36.30
C ARG F 254 67.64 10.79 36.59
N ASP F 255 68.34 11.30 35.59
CA ASP F 255 69.71 11.77 35.79
C ASP F 255 69.96 13.26 35.56
N HIS F 256 69.06 13.91 34.84
CA HIS F 256 69.20 15.32 34.54
C HIS F 256 67.89 16.14 34.56
N GLY F 257 66.96 15.77 35.45
CA GLY F 257 65.69 16.48 35.57
C GLY F 257 65.06 16.98 34.29
N LEU F 258 65.11 16.14 33.25
CA LEU F 258 64.56 16.46 31.94
C LEU F 258 63.33 15.63 31.60
N LEU F 259 62.15 16.22 31.73
CA LEU F 259 60.93 15.51 31.40
C LEU F 259 60.64 15.62 29.90
N ILE F 260 61.15 14.66 29.13
CA ILE F 260 60.96 14.68 27.68
C ILE F 260 60.07 13.58 27.11
N GLY F 261 59.33 13.92 26.06
CA GLY F 261 58.47 12.95 25.42
C GLY F 261 59.28 11.97 24.57
N SER F 262 58.58 10.97 24.04
CA SER F 262 59.19 9.93 23.23
C SER F 262 59.98 10.51 22.07
N SER F 263 59.32 11.34 21.26
CA SER F 263 59.97 11.98 20.09
C SER F 263 61.35 12.49 20.45
N SER F 264 61.41 13.29 21.50
CA SER F 264 62.66 13.85 22.00
C SER F 264 63.69 12.78 22.37
N GLY F 265 63.21 11.69 22.98
CA GLY F 265 64.10 10.62 23.36
C GLY F 265 64.72 9.94 22.15
N ALA F 266 63.91 9.78 21.09
CA ALA F 266 64.39 9.17 19.87
C ALA F 266 65.37 10.15 19.21
N ALA F 267 65.07 11.43 19.36
CA ALA F 267 65.94 12.46 18.82
C ALA F 267 67.30 12.31 19.47
N LEU F 268 67.32 12.31 20.81
CA LEU F 268 68.56 12.19 21.55
C LEU F 268 69.32 10.92 21.18
N ALA F 269 68.60 9.81 21.13
CA ALA F 269 69.17 8.51 20.80
C ALA F 269 69.93 8.60 19.47
N ALA F 270 69.25 9.15 18.46
CA ALA F 270 69.85 9.32 17.14
C ALA F 270 71.03 10.28 17.24
N SER F 271 70.86 11.35 17.99
CA SER F 271 71.93 12.33 18.14
C SER F 271 73.22 11.68 18.64
N LEU F 272 73.09 10.85 19.67
CA LEU F 272 74.23 10.17 20.27
C LEU F 272 74.86 9.20 19.28
N GLN F 273 73.99 8.53 18.53
CA GLN F 273 74.43 7.56 17.53
C GLN F 273 75.29 8.22 16.45
N LEU F 274 74.90 9.43 16.04
CA LEU F 274 75.63 10.17 15.01
C LEU F 274 76.98 10.57 15.56
N ALA F 275 76.97 10.91 16.84
CA ALA F 275 78.17 11.33 17.54
C ALA F 275 79.34 10.37 17.29
N THR F 276 79.05 9.10 17.09
CA THR F 276 80.12 8.13 16.89
C THR F 276 80.80 8.11 15.51
N ASN F 277 80.09 8.43 14.42
CA ASN F 277 80.73 8.46 13.10
C ASN F 277 80.99 9.92 12.72
N LEU F 278 81.20 10.75 13.74
CA LEU F 278 81.47 12.17 13.55
C LEU F 278 82.77 12.54 14.23
N PRO F 279 83.52 13.49 13.63
CA PRO F 279 84.81 13.94 14.19
C PRO F 279 84.73 14.22 15.69
N ALA F 280 85.91 14.19 16.33
CA ALA F 280 86.04 14.45 17.74
C ALA F 280 85.69 15.90 18.02
N ASN F 281 85.29 16.20 19.24
CA ASN F 281 84.94 17.57 19.64
C ASN F 281 83.91 18.24 18.71
N SER F 282 83.07 17.45 18.07
CA SER F 282 82.04 17.97 17.16
C SER F 282 80.91 18.65 17.95
N HIS F 283 80.01 19.33 17.24
CA HIS F 283 78.87 19.98 17.89
C HIS F 283 77.59 19.60 17.16
N ILE F 284 76.69 18.91 17.86
CA ILE F 284 75.42 18.43 17.30
C ILE F 284 74.21 19.14 17.92
N VAL F 285 73.23 19.51 17.10
CA VAL F 285 72.04 20.15 17.62
C VAL F 285 70.81 19.34 17.30
N THR F 286 69.88 19.30 18.26
CA THR F 286 68.65 18.55 18.07
C THR F 286 67.51 19.31 18.72
N ILE F 287 66.32 18.75 18.66
CA ILE F 287 65.16 19.42 19.20
C ILE F 287 64.31 18.48 20.05
N PHE F 288 63.86 18.96 21.22
CA PHE F 288 62.98 18.15 22.07
C PHE F 288 61.58 18.80 21.98
N PRO F 289 60.77 18.32 21.01
CA PRO F 289 59.41 18.82 20.76
C PRO F 289 58.42 18.96 21.90
N ASP F 290 58.46 18.09 22.92
CA ASP F 290 57.50 18.21 24.01
C ASP F 290 57.79 17.40 25.27
N SER F 291 57.10 17.74 26.36
CA SER F 291 57.26 17.08 27.66
C SER F 291 56.73 15.63 27.77
N SER F 292 57.25 14.88 28.73
CA SER F 292 56.82 13.51 28.95
C SER F 292 55.51 13.52 29.71
N GLU F 293 55.21 14.65 30.35
CA GLU F 293 54.00 14.82 31.12
C GLU F 293 52.78 14.67 30.24
N ARG F 294 53.02 14.82 28.94
CA ARG F 294 52.00 14.76 27.90
C ARG F 294 51.68 13.33 27.47
N TYR F 295 52.47 12.38 27.96
CA TYR F 295 52.26 10.98 27.63
C TYR F 295 52.21 10.16 28.91
N LEU F 296 51.74 10.77 29.98
CA LEU F 296 51.66 10.07 31.24
C LEU F 296 50.58 9.01 31.17
N SER F 297 49.54 9.30 30.40
CA SER F 297 48.45 8.34 30.28
C SER F 297 48.91 7.07 29.57
N GLN F 298 50.10 7.09 28.98
CA GLN F 298 50.62 5.93 28.26
C GLN F 298 51.81 5.26 28.93
N LYS F 299 51.96 5.48 30.24
CA LYS F 299 53.06 4.88 30.99
C LYS F 299 54.39 5.05 30.27
N ILE F 300 54.70 6.29 29.91
CA ILE F 300 55.93 6.59 29.21
C ILE F 300 57.17 6.17 29.98
N TYR F 301 57.12 6.35 31.29
CA TYR F 301 58.27 6.04 32.15
C TYR F 301 58.44 4.57 32.55
N THR F 302 57.41 3.77 32.24
CA THR F 302 57.37 2.32 32.52
C THR F 302 58.22 1.58 31.48
N LYS F 303 58.63 0.35 31.79
CA LYS F 303 59.46 -0.46 30.89
C LYS F 303 58.70 -1.55 30.12
N MET G 1 -42.11 -5.12 -8.16
CA MET G 1 -41.37 -4.65 -6.95
C MET G 1 -42.10 -3.51 -6.20
N LEU G 2 -42.35 -3.70 -4.91
CA LEU G 2 -43.02 -2.67 -4.12
C LEU G 2 -42.06 -1.85 -3.29
N ILE G 3 -42.04 -0.55 -3.54
CA ILE G 3 -41.18 0.39 -2.83
C ILE G 3 -41.97 1.51 -2.11
N GLN G 4 -41.39 2.04 -1.04
CA GLN G 4 -42.01 3.11 -0.24
C GLN G 4 -41.55 4.51 -0.69
N HIS G 5 -40.24 4.67 -0.83
CA HIS G 5 -39.63 5.93 -1.24
C HIS G 5 -38.75 5.71 -2.45
N VAL G 6 -38.59 6.77 -3.24
CA VAL G 6 -37.77 6.73 -4.45
C VAL G 6 -36.31 6.31 -4.19
N GLN G 7 -35.85 6.49 -2.95
CA GLN G 7 -34.49 6.13 -2.58
C GLN G 7 -34.19 4.65 -2.74
N GLU G 8 -35.22 3.82 -2.66
CA GLU G 8 -35.04 2.37 -2.80
C GLU G 8 -34.72 1.91 -4.23
N LEU G 9 -34.83 2.82 -5.20
CA LEU G 9 -34.56 2.47 -6.59
C LEU G 9 -33.14 2.84 -7.03
N ILE G 10 -32.35 3.32 -6.08
CA ILE G 10 -30.98 3.70 -6.36
C ILE G 10 -30.16 2.42 -6.39
N GLY G 11 -29.34 2.27 -7.41
CA GLY G 11 -28.51 1.09 -7.50
C GLY G 11 -29.22 -0.10 -8.09
N HIS G 12 -28.55 -1.25 -8.07
CA HIS G 12 -29.10 -2.48 -8.60
C HIS G 12 -29.51 -2.27 -10.06
N THR G 13 -28.67 -1.51 -10.77
CA THR G 13 -28.86 -1.18 -12.17
C THR G 13 -28.47 -2.35 -13.06
N PRO G 14 -29.00 -2.37 -14.30
CA PRO G 14 -28.66 -3.47 -15.20
C PRO G 14 -27.26 -3.38 -15.80
N LEU G 15 -26.68 -4.56 -16.04
CA LEU G 15 -25.37 -4.69 -16.66
C LEU G 15 -25.71 -5.25 -18.05
N MET G 16 -25.37 -4.51 -19.10
CA MET G 16 -25.72 -4.94 -20.44
C MET G 16 -24.59 -5.34 -21.35
N ALA G 17 -24.66 -6.55 -21.89
CA ALA G 17 -23.63 -7.03 -22.79
C ALA G 17 -23.91 -6.46 -24.17
N LEU G 18 -23.42 -5.25 -24.40
CA LEU G 18 -23.62 -4.55 -25.67
C LEU G 18 -23.54 -5.45 -26.92
N PRO G 19 -24.66 -5.63 -27.63
CA PRO G 19 -24.70 -6.45 -28.84
C PRO G 19 -24.06 -5.74 -30.02
N ILE G 20 -22.79 -5.36 -29.90
CA ILE G 20 -22.10 -4.66 -30.98
C ILE G 20 -20.87 -5.41 -31.50
N GLU G 21 -20.16 -4.78 -32.44
CA GLU G 21 -18.96 -5.39 -33.01
C GLU G 21 -17.73 -5.02 -32.19
N VAL G 22 -17.11 -6.03 -31.58
CA VAL G 22 -15.92 -5.81 -30.74
C VAL G 22 -14.65 -6.44 -31.30
N PRO G 23 -13.56 -5.64 -31.40
CA PRO G 23 -12.28 -6.15 -31.92
C PRO G 23 -11.78 -7.40 -31.18
N ASN G 24 -11.07 -8.26 -31.89
CA ASN G 24 -10.53 -9.50 -31.32
C ASN G 24 -11.61 -10.37 -30.70
N HIS G 25 -12.83 -10.24 -31.20
CA HIS G 25 -13.96 -11.02 -30.73
C HIS G 25 -14.03 -11.09 -29.21
N SER G 26 -14.03 -9.92 -28.57
CA SER G 26 -14.13 -9.81 -27.11
C SER G 26 -15.48 -9.19 -26.78
N HIS G 27 -15.83 -9.09 -25.50
CA HIS G 27 -17.12 -8.52 -25.10
C HIS G 27 -17.03 -7.33 -24.17
N ILE G 28 -17.89 -6.33 -24.41
CA ILE G 28 -17.93 -5.14 -23.55
C ILE G 28 -19.25 -5.07 -22.79
N TYR G 29 -19.16 -4.98 -21.47
CA TYR G 29 -20.32 -4.91 -20.60
C TYR G 29 -20.45 -3.50 -20.02
N ALA G 30 -21.64 -2.92 -20.14
CA ALA G 30 -21.87 -1.57 -19.64
C ALA G 30 -22.95 -1.52 -18.57
N LYS G 31 -22.65 -0.85 -17.46
CA LYS G 31 -23.62 -0.71 -16.37
C LYS G 31 -24.47 0.51 -16.70
N LEU G 32 -25.75 0.30 -16.97
CA LEU G 32 -26.66 1.39 -17.30
C LEU G 32 -27.13 2.10 -16.04
N GLU G 33 -26.37 3.11 -15.65
CA GLU G 33 -26.62 3.90 -14.44
C GLU G 33 -27.69 4.97 -14.56
N MET G 34 -28.11 5.26 -15.79
CA MET G 34 -29.15 6.26 -15.99
C MET G 34 -30.46 5.75 -15.41
N PHE G 35 -30.53 4.45 -15.14
CA PHE G 35 -31.75 3.89 -14.59
C PHE G 35 -31.91 4.11 -13.10
N ASN G 36 -31.26 5.16 -12.62
CA ASN G 36 -31.34 5.51 -11.22
C ASN G 36 -32.48 6.49 -11.08
N PRO G 37 -32.98 6.69 -9.85
CA PRO G 37 -34.08 7.64 -9.68
C PRO G 37 -33.78 8.99 -10.31
N GLY G 38 -32.60 9.53 -10.02
CA GLY G 38 -32.17 10.81 -10.54
C GLY G 38 -31.67 10.77 -11.97
N GLY G 39 -31.55 9.58 -12.55
CA GLY G 39 -31.10 9.46 -13.92
C GLY G 39 -29.61 9.42 -14.17
N SER G 40 -28.81 9.17 -13.12
CA SER G 40 -27.35 9.11 -13.25
C SER G 40 -26.74 8.34 -12.09
N ILE G 41 -25.54 7.80 -12.31
CA ILE G 41 -24.84 7.03 -11.31
C ILE G 41 -24.70 7.82 -10.01
N ALA G 42 -24.62 9.14 -10.17
CA ALA G 42 -24.45 10.05 -9.05
C ALA G 42 -25.37 9.82 -7.86
N ASP G 43 -26.60 9.43 -8.12
CA ASP G 43 -27.56 9.22 -7.04
C ASP G 43 -26.90 8.44 -5.92
N ARG G 44 -26.07 7.48 -6.30
CA ARG G 44 -25.37 6.65 -5.33
C ARG G 44 -24.54 7.53 -4.40
N LEU G 45 -23.64 8.28 -5.04
CA LEU G 45 -22.73 9.20 -4.36
C LEU G 45 -23.50 10.11 -3.44
N GLY G 46 -24.54 10.74 -3.98
CA GLY G 46 -25.35 11.64 -3.21
C GLY G 46 -25.79 11.06 -1.88
N ALA G 47 -26.44 9.91 -1.95
CA ALA G 47 -26.93 9.27 -0.73
C ALA G 47 -25.80 8.98 0.25
N TYR G 48 -24.74 8.35 -0.26
CA TYR G 48 -23.61 7.97 0.56
C TYR G 48 -22.90 9.14 1.21
N LEU G 49 -22.71 10.21 0.43
CA LEU G 49 -22.03 11.40 0.93
C LEU G 49 -22.77 11.95 2.13
N ILE G 50 -24.10 12.08 1.97
CA ILE G 50 -24.96 12.59 3.03
C ILE G 50 -24.92 11.63 4.21
N GLU G 51 -24.82 10.34 3.91
CA GLU G 51 -24.75 9.34 4.97
C GLU G 51 -23.48 9.60 5.79
N ASP G 52 -22.35 9.60 5.07
CA ASP G 52 -21.04 9.84 5.68
C ASP G 52 -21.10 11.11 6.51
N GLY G 53 -21.64 12.18 5.92
CA GLY G 53 -21.72 13.44 6.61
C GLY G 53 -22.44 13.32 7.95
N LEU G 54 -23.44 12.47 8.00
CA LEU G 54 -24.21 12.29 9.21
C LEU G 54 -23.46 11.46 10.22
N GLN G 55 -23.03 10.27 9.77
CA GLN G 55 -22.29 9.35 10.61
C GLN G 55 -21.05 9.98 11.24
N ARG G 56 -20.40 10.87 10.50
CA ARG G 56 -19.20 11.54 11.00
C ARG G 56 -19.55 12.75 11.88
N GLY G 57 -20.84 12.93 12.18
CA GLY G 57 -21.27 14.06 13.01
C GLY G 57 -20.94 15.43 12.45
N ARG G 58 -20.86 15.53 11.12
CA ARG G 58 -20.55 16.78 10.44
C ARG G 58 -21.79 17.44 9.82
N VAL G 59 -22.94 16.80 9.99
CA VAL G 59 -24.19 17.30 9.45
C VAL G 59 -25.28 17.11 10.49
N ASN G 60 -26.16 18.09 10.60
CA ASN G 60 -27.27 17.96 11.51
C ASN G 60 -28.53 18.55 10.90
N ALA G 61 -29.62 18.45 11.65
CA ALA G 61 -30.93 18.92 11.22
C ALA G 61 -30.95 20.23 10.43
N LYS G 62 -30.30 21.23 11.01
CA LYS G 62 -30.28 22.57 10.44
C LYS G 62 -29.05 22.95 9.60
N THR G 63 -28.19 21.97 9.33
CA THR G 63 -27.01 22.24 8.52
C THR G 63 -27.41 22.56 7.09
N THR G 64 -26.56 23.33 6.42
CA THR G 64 -26.81 23.67 5.03
C THR G 64 -25.75 22.91 4.27
N ILE G 65 -26.19 22.05 3.34
CA ILE G 65 -25.25 21.29 2.52
C ILE G 65 -24.84 22.19 1.33
N ILE G 66 -23.52 22.37 1.18
CA ILE G 66 -23.00 23.18 0.09
C ILE G 66 -22.07 22.26 -0.67
N GLU G 67 -22.17 22.26 -2.00
CA GLU G 67 -21.34 21.40 -2.82
C GLU G 67 -21.18 21.81 -4.28
N PRO G 68 -19.94 21.82 -4.78
CA PRO G 68 -19.73 22.21 -6.18
C PRO G 68 -20.02 20.98 -7.05
N THR G 69 -20.78 21.15 -8.12
CA THR G 69 -21.11 20.01 -8.97
C THR G 69 -21.38 20.43 -10.39
N ALA G 70 -21.34 19.47 -11.31
CA ALA G 70 -21.60 19.75 -12.71
C ALA G 70 -23.07 19.50 -13.00
N GLY G 71 -23.79 19.04 -11.98
CA GLY G 71 -25.21 18.75 -12.12
C GLY G 71 -25.67 17.42 -11.56
N ASN G 72 -25.15 16.33 -12.13
CA ASN G 72 -25.54 14.99 -11.69
C ASN G 72 -25.35 14.77 -10.19
N THR G 73 -24.14 15.02 -9.68
CA THR G 73 -23.92 14.85 -8.25
C THR G 73 -24.94 15.72 -7.55
N GLY G 74 -25.15 16.91 -8.10
CA GLY G 74 -26.11 17.84 -7.53
C GLY G 74 -27.44 17.15 -7.33
N ILE G 75 -27.96 16.58 -8.41
CA ILE G 75 -29.24 15.87 -8.38
C ILE G 75 -29.28 14.75 -7.34
N GLY G 76 -28.27 13.88 -7.39
CA GLY G 76 -28.21 12.80 -6.44
C GLY G 76 -28.19 13.38 -5.03
N LEU G 77 -27.38 14.42 -4.84
CA LEU G 77 -27.24 15.05 -3.55
C LEU G 77 -28.56 15.66 -3.06
N ALA G 78 -29.27 16.34 -3.98
CA ALA G 78 -30.55 16.99 -3.69
C ALA G 78 -31.57 15.97 -3.24
N LEU G 79 -31.59 14.82 -3.90
CA LEU G 79 -32.50 13.73 -3.60
C LEU G 79 -32.31 13.31 -2.14
N ALA G 80 -31.06 12.97 -1.82
CA ALA G 80 -30.68 12.52 -0.49
C ALA G 80 -30.95 13.54 0.60
N THR G 81 -30.50 14.78 0.38
CA THR G 81 -30.71 15.86 1.37
C THR G 81 -32.19 16.08 1.55
N GLN G 82 -32.90 16.01 0.43
CA GLN G 82 -34.35 16.18 0.42
C GLN G 82 -34.94 15.18 1.39
N ALA G 83 -34.53 13.94 1.23
CA ALA G 83 -34.98 12.86 2.10
C ALA G 83 -34.74 13.13 3.58
N HIS G 84 -33.79 13.99 3.92
CA HIS G 84 -33.52 14.26 5.35
C HIS G 84 -33.90 15.65 5.79
N HIS G 85 -34.54 16.39 4.90
CA HIS G 85 -34.95 17.77 5.20
C HIS G 85 -33.70 18.59 5.51
N LEU G 86 -32.78 18.62 4.56
CA LEU G 86 -31.54 19.35 4.69
C LEU G 86 -31.49 20.42 3.61
N ARG G 87 -31.15 21.63 4.02
CA ARG G 87 -31.05 22.75 3.09
C ARG G 87 -29.86 22.51 2.14
N THR G 88 -30.10 22.66 0.84
CA THR G 88 -29.05 22.41 -0.14
C THR G 88 -28.71 23.53 -1.11
N ILE G 89 -27.42 23.87 -1.18
CA ILE G 89 -26.94 24.90 -2.10
C ILE G 89 -25.93 24.18 -2.99
N LEU G 90 -26.10 24.30 -4.31
CA LEU G 90 -25.19 23.63 -5.23
C LEU G 90 -24.48 24.62 -6.13
N VAL G 91 -23.16 24.71 -6.00
CA VAL G 91 -22.37 25.63 -6.81
C VAL G 91 -22.02 24.93 -8.12
N VAL G 92 -22.58 25.42 -9.23
CA VAL G 92 -22.33 24.80 -10.52
C VAL G 92 -21.91 25.78 -11.63
N PRO G 93 -20.82 25.45 -12.35
CA PRO G 93 -20.31 26.29 -13.45
C PRO G 93 -21.40 26.63 -14.46
N GLU G 94 -21.29 27.82 -15.05
CA GLU G 94 -22.28 28.32 -15.99
C GLU G 94 -22.69 27.53 -17.23
N LYS G 95 -21.75 26.98 -17.98
CA LYS G 95 -22.15 26.29 -19.22
C LYS G 95 -22.62 24.82 -19.21
N PHE G 96 -22.94 24.27 -18.05
CA PHE G 96 -23.39 22.89 -18.00
C PHE G 96 -24.89 22.71 -18.29
N SER G 97 -25.24 21.53 -18.79
CA SER G 97 -26.60 21.15 -19.16
C SER G 97 -27.72 21.86 -18.41
N MET G 98 -28.58 22.53 -19.17
CA MET G 98 -29.71 23.25 -18.59
C MET G 98 -30.59 22.31 -17.75
N GLU G 99 -30.92 21.15 -18.30
CA GLU G 99 -31.79 20.19 -17.63
C GLU G 99 -31.33 19.81 -16.23
N LYS G 100 -30.03 19.56 -16.09
CA LYS G 100 -29.47 19.19 -14.79
C LYS G 100 -29.83 20.24 -13.75
N GLN G 101 -29.68 21.50 -14.13
CA GLN G 101 -29.98 22.60 -13.23
C GLN G 101 -31.45 22.64 -12.88
N VAL G 102 -32.31 22.62 -13.89
CA VAL G 102 -33.75 22.66 -13.64
C VAL G 102 -34.14 21.56 -12.67
N LEU G 103 -33.66 20.35 -12.94
CA LEU G 103 -33.96 19.21 -12.10
C LEU G 103 -33.47 19.43 -10.67
N MET G 104 -32.31 20.07 -10.53
CA MET G 104 -31.69 20.38 -9.24
C MET G 104 -32.58 21.26 -8.37
N GLN G 105 -33.07 22.36 -8.95
CA GLN G 105 -33.95 23.27 -8.23
C GLN G 105 -35.29 22.58 -7.99
N ALA G 106 -35.79 21.89 -9.02
CA ALA G 106 -37.05 21.18 -8.94
C ALA G 106 -37.06 20.21 -7.75
N LEU G 107 -35.87 19.78 -7.37
CA LEU G 107 -35.69 18.85 -6.27
C LEU G 107 -35.58 19.55 -4.92
N GLY G 108 -35.58 20.87 -4.93
CA GLY G 108 -35.49 21.65 -3.71
C GLY G 108 -34.12 22.26 -3.43
N ALA G 109 -33.23 22.23 -4.42
CA ALA G 109 -31.90 22.78 -4.24
C ALA G 109 -31.78 24.21 -4.75
N GLU G 110 -30.83 24.93 -4.17
CA GLU G 110 -30.59 26.31 -4.55
C GLU G 110 -29.24 26.35 -5.27
N ILE G 111 -29.26 26.88 -6.48
CA ILE G 111 -28.05 26.96 -7.30
C ILE G 111 -27.31 28.31 -7.20
N VAL G 112 -26.00 28.26 -7.39
CA VAL G 112 -25.14 29.42 -7.37
C VAL G 112 -24.26 29.20 -8.59
N HIS G 113 -24.34 30.10 -9.57
CA HIS G 113 -23.58 29.95 -10.81
C HIS G 113 -22.20 30.61 -10.84
N THR G 114 -21.18 29.83 -11.14
CA THR G 114 -19.83 30.36 -11.24
C THR G 114 -19.48 30.46 -12.73
N PRO G 115 -18.57 31.38 -13.11
CA PRO G 115 -18.15 31.58 -14.50
C PRO G 115 -17.68 30.29 -15.19
N SER G 116 -18.21 30.06 -16.38
CA SER G 116 -17.89 28.89 -17.19
C SER G 116 -16.39 28.63 -17.32
N GLU G 117 -15.63 29.67 -17.65
CA GLU G 117 -14.19 29.55 -17.82
C GLU G 117 -13.47 29.09 -16.56
N GLU G 118 -14.04 29.35 -15.39
CA GLU G 118 -13.40 28.94 -14.15
C GLU G 118 -13.61 27.45 -13.91
N GLY G 119 -14.65 26.91 -14.52
CA GLY G 119 -14.95 25.49 -14.39
C GLY G 119 -15.16 25.01 -12.97
N ILE G 120 -14.88 23.73 -12.75
CA ILE G 120 -15.03 23.11 -11.45
C ILE G 120 -14.16 23.82 -10.42
N LYS G 121 -12.97 24.24 -10.85
CA LYS G 121 -12.05 24.92 -9.94
C LYS G 121 -12.75 26.14 -9.35
N GLY G 122 -13.53 26.81 -10.19
CA GLY G 122 -14.27 27.99 -9.76
C GLY G 122 -15.40 27.65 -8.80
N ALA G 123 -16.17 26.63 -9.14
CA ALA G 123 -17.28 26.20 -8.29
C ALA G 123 -16.78 25.73 -6.94
N ILE G 124 -15.66 25.02 -6.94
CA ILE G 124 -15.08 24.52 -5.70
C ILE G 124 -14.70 25.69 -4.81
N ARG G 125 -14.08 26.69 -5.43
CA ARG G 125 -13.64 27.91 -4.75
C ARG G 125 -14.85 28.67 -4.20
N LYS G 126 -15.87 28.79 -5.03
CA LYS G 126 -17.11 29.48 -4.63
C LYS G 126 -17.86 28.72 -3.55
N ALA G 127 -17.82 27.39 -3.64
CA ALA G 127 -18.49 26.58 -2.64
C ALA G 127 -17.84 26.81 -1.28
N GLU G 128 -16.52 26.63 -1.23
CA GLU G 128 -15.77 26.81 0.01
C GLU G 128 -15.92 28.20 0.60
N ALA G 129 -16.15 29.18 -0.26
CA ALA G 129 -16.32 30.56 0.18
C ALA G 129 -17.64 30.70 0.90
N LEU G 130 -18.71 30.21 0.28
CA LEU G 130 -20.03 30.27 0.90
C LEU G 130 -20.03 29.52 2.21
N ALA G 131 -19.36 28.36 2.20
CA ALA G 131 -19.25 27.49 3.37
C ALA G 131 -18.68 28.23 4.57
N ALA G 132 -17.90 29.26 4.30
CA ALA G 132 -17.27 30.06 5.35
C ALA G 132 -18.17 31.17 5.81
N THR G 133 -19.18 31.50 5.01
CA THR G 133 -20.12 32.56 5.36
C THR G 133 -21.37 32.01 6.03
N ILE G 134 -21.48 30.69 6.07
CA ILE G 134 -22.61 30.02 6.71
C ILE G 134 -22.04 29.19 7.87
N SER G 135 -22.39 29.55 9.10
CA SER G 135 -21.85 28.85 10.27
C SER G 135 -22.11 27.36 10.32
N ASN G 136 -23.37 26.98 10.16
CA ASN G 136 -23.77 25.57 10.19
C ASN G 136 -23.85 25.02 8.76
N SER G 137 -22.71 24.59 8.23
CA SER G 137 -22.68 24.07 6.88
C SER G 137 -21.68 22.93 6.73
N TYR G 138 -21.92 22.06 5.75
CA TYR G 138 -21.03 20.96 5.48
C TYR G 138 -20.85 20.82 3.98
N VAL G 139 -19.60 20.84 3.55
CA VAL G 139 -19.29 20.71 2.13
C VAL G 139 -18.70 19.33 1.89
N PRO G 140 -19.52 18.42 1.36
CA PRO G 140 -19.13 17.04 1.06
C PRO G 140 -17.78 16.95 0.34
N MET G 141 -17.58 17.85 -0.62
CA MET G 141 -16.35 17.89 -1.42
C MET G 141 -16.07 16.57 -2.14
N GLN G 142 -16.89 16.29 -3.15
CA GLN G 142 -16.78 15.07 -3.92
C GLN G 142 -15.45 14.91 -4.62
N PHE G 143 -14.70 16.00 -4.74
CA PHE G 143 -13.42 15.93 -5.42
C PHE G 143 -12.27 15.57 -4.51
N LYS G 144 -12.52 15.52 -3.21
CA LYS G 144 -11.47 15.19 -2.27
C LYS G 144 -11.90 14.15 -1.25
N ASN G 145 -13.17 14.20 -0.85
CA ASN G 145 -13.68 13.25 0.15
C ASN G 145 -13.52 11.80 -0.27
N PRO G 146 -12.82 10.99 0.55
CA PRO G 146 -12.63 9.57 0.21
C PRO G 146 -13.94 8.76 0.25
N ALA G 147 -14.97 9.33 0.89
CA ALA G 147 -16.27 8.68 0.99
C ALA G 147 -16.89 8.60 -0.40
N ASN G 148 -16.25 9.24 -1.37
CA ASN G 148 -16.71 9.22 -2.74
C ASN G 148 -16.44 7.87 -3.38
N PRO G 149 -15.16 7.47 -3.53
CA PRO G 149 -14.89 6.16 -4.13
C PRO G 149 -15.51 5.09 -3.25
N ALA G 150 -15.42 5.30 -1.94
CA ALA G 150 -15.98 4.38 -0.97
C ALA G 150 -17.43 4.08 -1.34
N ALA G 151 -18.11 5.12 -1.82
CA ALA G 151 -19.49 4.98 -2.23
C ALA G 151 -19.67 3.87 -3.25
N TYR G 152 -18.93 3.93 -4.36
CA TYR G 152 -19.05 2.91 -5.40
C TYR G 152 -18.33 1.59 -5.08
N TYR G 153 -17.54 1.60 -4.01
CA TYR G 153 -16.80 0.42 -3.58
C TYR G 153 -17.74 -0.68 -3.11
N HIS G 154 -18.66 -0.32 -2.22
CA HIS G 154 -19.58 -1.27 -1.66
C HIS G 154 -20.90 -1.46 -2.42
N THR G 155 -21.19 -0.57 -3.37
CA THR G 155 -22.42 -0.71 -4.16
C THR G 155 -22.11 -1.19 -5.56
N LEU G 156 -21.72 -0.25 -6.41
CA LEU G 156 -21.41 -0.56 -7.80
C LEU G 156 -20.55 -1.81 -8.04
N ALA G 157 -19.29 -1.77 -7.58
CA ALA G 157 -18.37 -2.89 -7.77
C ALA G 157 -19.00 -4.26 -7.51
N PRO G 158 -19.46 -4.54 -6.27
CA PRO G 158 -20.08 -5.83 -5.94
C PRO G 158 -21.14 -6.26 -6.94
N GLU G 159 -21.90 -5.30 -7.43
CA GLU G 159 -22.96 -5.51 -8.41
C GLU G 159 -22.39 -5.95 -9.76
N ILE G 160 -21.27 -5.35 -10.17
CA ILE G 160 -20.66 -5.70 -11.45
C ILE G 160 -20.18 -7.13 -11.38
N LEU G 161 -19.68 -7.53 -10.22
CA LEU G 161 -19.20 -8.88 -10.08
C LEU G 161 -20.34 -9.88 -10.14
N ALA G 162 -21.34 -9.68 -9.29
CA ALA G 162 -22.49 -10.59 -9.22
C ALA G 162 -23.20 -10.87 -10.55
N ASP G 163 -22.99 -10.03 -11.56
CA ASP G 163 -23.65 -10.24 -12.86
C ASP G 163 -22.70 -10.77 -13.93
N MET G 164 -21.47 -10.27 -13.92
CA MET G 164 -20.47 -10.68 -14.89
C MET G 164 -20.41 -12.20 -15.02
N PRO G 165 -20.56 -12.70 -16.26
CA PRO G 165 -20.54 -14.15 -16.56
C PRO G 165 -19.14 -14.77 -16.71
N ALA G 166 -18.10 -13.94 -16.58
CA ALA G 166 -16.72 -14.39 -16.73
C ALA G 166 -15.77 -13.40 -16.06
N PRO G 167 -14.50 -13.79 -15.86
CA PRO G 167 -13.53 -12.89 -15.23
C PRO G 167 -13.37 -11.57 -16.00
N ILE G 168 -13.31 -10.46 -15.26
CA ILE G 168 -13.18 -9.13 -15.86
C ILE G 168 -11.78 -8.83 -16.36
N THR G 169 -11.55 -8.99 -17.66
CA THR G 169 -10.24 -8.73 -18.22
C THR G 169 -9.78 -7.31 -17.90
N ALA G 170 -10.63 -6.33 -18.22
CA ALA G 170 -10.31 -4.93 -17.97
C ALA G 170 -11.55 -4.17 -17.49
N PHE G 171 -11.34 -2.94 -17.01
CA PHE G 171 -12.44 -2.09 -16.54
C PHE G 171 -12.23 -0.63 -16.94
N VAL G 172 -12.86 -0.22 -18.02
CA VAL G 172 -12.75 1.15 -18.49
C VAL G 172 -13.80 1.99 -17.78
N ALA G 173 -13.47 3.23 -17.45
CA ALA G 173 -14.39 4.12 -16.75
C ALA G 173 -14.01 5.58 -16.92
N GLY G 174 -15.00 6.43 -17.10
CA GLY G 174 -14.74 7.84 -17.28
C GLY G 174 -14.45 8.48 -15.93
N ALA G 175 -13.77 9.62 -15.94
CA ALA G 175 -13.45 10.31 -14.69
C ALA G 175 -13.80 11.81 -14.72
N GLY G 176 -14.47 12.26 -13.67
CA GLY G 176 -14.85 13.66 -13.59
C GLY G 176 -14.31 14.14 -12.26
N SER G 177 -14.60 13.35 -11.23
CA SER G 177 -14.13 13.62 -9.88
C SER G 177 -13.15 12.47 -9.64
N GLY G 178 -13.31 11.42 -10.44
CA GLY G 178 -12.46 10.25 -10.36
C GLY G 178 -13.12 9.16 -9.54
N GLY G 179 -13.89 9.58 -8.53
CA GLY G 179 -14.58 8.66 -7.64
C GLY G 179 -15.03 7.31 -8.16
N THR G 180 -15.86 7.31 -9.21
CA THR G 180 -16.39 6.09 -9.82
C THR G 180 -15.30 5.11 -10.21
N PHE G 181 -14.35 5.59 -10.99
CA PHE G 181 -13.26 4.75 -11.44
C PHE G 181 -12.45 4.19 -10.28
N ALA G 182 -11.94 5.07 -9.45
CA ALA G 182 -11.14 4.69 -8.29
C ALA G 182 -11.81 3.62 -7.44
N GLY G 183 -12.96 3.94 -6.87
CA GLY G 183 -13.67 3.00 -6.02
C GLY G 183 -14.05 1.64 -6.58
N VAL G 184 -14.35 1.58 -7.88
CA VAL G 184 -14.71 0.32 -8.52
C VAL G 184 -13.45 -0.47 -8.87
N ALA G 185 -12.52 0.19 -9.56
CA ALA G 185 -11.27 -0.47 -9.93
C ALA G 185 -10.65 -1.04 -8.65
N ALA G 186 -10.50 -0.19 -7.64
CA ALA G 186 -9.93 -0.60 -6.36
C ALA G 186 -10.52 -1.93 -5.91
N TYR G 187 -11.83 -2.00 -5.80
CA TYR G 187 -12.51 -3.21 -5.36
C TYR G 187 -12.24 -4.38 -6.29
N LEU G 188 -12.28 -4.12 -7.59
CA LEU G 188 -12.05 -5.19 -8.56
C LEU G 188 -10.61 -5.70 -8.55
N GLN G 189 -9.65 -4.77 -8.61
CA GLN G 189 -8.24 -5.14 -8.60
C GLN G 189 -7.91 -5.86 -7.29
N ALA G 190 -8.76 -5.66 -6.29
CA ALA G 190 -8.57 -6.30 -5.01
C ALA G 190 -9.41 -7.57 -4.94
N GLN G 191 -9.78 -8.09 -6.10
CA GLN G 191 -10.57 -9.32 -6.18
C GLN G 191 -9.99 -10.17 -7.31
N ASP G 192 -9.10 -9.53 -8.06
CA ASP G 192 -8.42 -10.17 -9.17
C ASP G 192 -7.39 -9.17 -9.65
N SER G 193 -6.14 -9.37 -9.25
CA SER G 193 -5.09 -8.47 -9.65
C SER G 193 -5.05 -8.28 -11.17
N ALA G 194 -5.33 -9.38 -11.87
CA ALA G 194 -5.32 -9.41 -13.32
C ALA G 194 -6.13 -8.30 -13.97
N THR G 195 -7.29 -8.01 -13.37
CA THR G 195 -8.17 -6.98 -13.88
C THR G 195 -7.46 -5.64 -14.06
N LYS G 196 -7.20 -5.28 -15.31
CA LYS G 196 -6.53 -4.03 -15.62
C LYS G 196 -7.53 -2.89 -15.44
N ALA G 197 -7.04 -1.74 -14.98
CA ALA G 197 -7.90 -0.58 -14.78
C ALA G 197 -7.55 0.48 -15.80
N VAL G 198 -8.55 1.03 -16.46
CA VAL G 198 -8.30 2.07 -17.47
C VAL G 198 -9.21 3.28 -17.22
N VAL G 199 -8.63 4.47 -17.21
CA VAL G 199 -9.40 5.69 -17.03
C VAL G 199 -9.64 6.32 -18.39
N VAL G 200 -10.68 7.14 -18.49
CA VAL G 200 -10.98 7.80 -19.75
C VAL G 200 -11.24 9.27 -19.46
N GLU G 201 -10.80 10.12 -20.39
CA GLU G 201 -10.97 11.57 -20.25
C GLU G 201 -11.15 12.19 -21.62
N PRO G 202 -11.98 13.23 -21.74
CA PRO G 202 -12.20 13.88 -23.03
C PRO G 202 -11.00 14.74 -23.41
N GLU G 203 -10.88 15.11 -24.69
CA GLU G 203 -9.77 15.96 -25.13
C GLU G 203 -9.94 17.31 -24.49
N GLY G 204 -8.89 17.77 -23.81
CA GLY G 204 -8.93 19.04 -23.13
C GLY G 204 -8.85 18.78 -21.64
N SER G 205 -8.57 17.53 -21.29
CA SER G 205 -8.44 17.13 -19.90
C SER G 205 -6.97 16.94 -19.58
N ILE G 206 -6.60 17.24 -18.34
CA ILE G 206 -5.22 17.17 -17.90
C ILE G 206 -4.60 15.79 -17.63
N LEU G 207 -5.41 14.79 -17.37
CA LEU G 207 -4.88 13.45 -17.08
C LEU G 207 -3.73 12.99 -17.98
N ASN G 208 -3.64 13.53 -19.19
CA ASN G 208 -2.57 13.13 -20.10
C ASN G 208 -1.66 14.26 -20.50
N GLY G 209 -1.45 15.21 -19.58
CA GLY G 209 -0.58 16.33 -19.86
C GLY G 209 -1.04 17.27 -20.97
N GLY G 210 -2.01 16.84 -21.77
CA GLY G 210 -2.52 17.67 -22.86
C GLY G 210 -2.90 19.08 -22.44
N PRO G 211 -3.28 19.96 -23.39
CA PRO G 211 -3.66 21.33 -23.01
C PRO G 211 -5.07 21.41 -22.41
N ALA G 212 -5.20 22.17 -21.32
CA ALA G 212 -6.48 22.34 -20.63
C ALA G 212 -7.44 23.25 -21.37
N HIS G 213 -8.46 22.66 -21.98
CA HIS G 213 -9.47 23.42 -22.71
C HIS G 213 -10.86 22.82 -22.54
N ALA G 214 -11.87 23.56 -22.98
CA ALA G 214 -13.27 23.14 -22.89
C ALA G 214 -13.59 22.02 -23.89
N HIS G 215 -14.31 21.00 -23.43
CA HIS G 215 -14.68 19.87 -24.27
C HIS G 215 -16.19 19.72 -24.38
N ARG G 216 -16.66 19.17 -25.50
CA ARG G 216 -18.09 18.97 -25.72
C ARG G 216 -18.63 17.81 -24.89
N THR G 217 -17.80 16.80 -24.65
CA THR G 217 -18.22 15.66 -23.84
C THR G 217 -18.46 16.23 -22.45
N GLU G 218 -19.59 15.89 -21.84
CA GLU G 218 -19.89 16.41 -20.51
C GLU G 218 -20.03 15.35 -19.42
N GLY G 219 -19.56 15.68 -18.23
CA GLY G 219 -19.63 14.77 -17.11
C GLY G 219 -18.25 14.39 -16.62
N ILE G 220 -17.41 13.97 -17.57
CA ILE G 220 -16.03 13.57 -17.29
C ILE G 220 -15.11 14.75 -17.60
N GLY G 221 -13.83 14.57 -17.31
CA GLY G 221 -12.87 15.64 -17.56
C GLY G 221 -12.34 16.09 -16.22
N VAL G 222 -11.04 16.37 -16.15
CA VAL G 222 -10.44 16.79 -14.89
C VAL G 222 -9.55 18.04 -15.06
N GLU G 223 -9.52 18.88 -14.02
CA GLU G 223 -8.74 20.12 -14.01
C GLU G 223 -7.57 20.04 -13.02
N PHE G 224 -7.30 18.83 -12.55
CA PHE G 224 -6.22 18.55 -11.62
C PHE G 224 -6.31 17.05 -11.40
N ILE G 225 -5.19 16.40 -11.16
CA ILE G 225 -5.21 14.95 -10.96
C ILE G 225 -5.93 14.51 -9.66
N PRO G 226 -7.03 13.75 -9.80
CA PRO G 226 -7.83 13.24 -8.66
C PRO G 226 -7.00 12.47 -7.63
N PRO G 227 -7.13 12.85 -6.35
CA PRO G 227 -6.39 12.19 -5.27
C PRO G 227 -6.74 10.72 -5.02
N PHE G 228 -7.93 10.29 -5.44
CA PHE G 228 -8.37 8.91 -5.20
C PHE G 228 -7.63 7.87 -6.04
N PHE G 229 -6.73 8.31 -6.92
CA PHE G 229 -5.99 7.41 -7.81
C PHE G 229 -4.87 6.52 -7.24
N ASP G 230 -4.34 6.82 -6.05
CA ASP G 230 -3.28 6.00 -5.49
C ASP G 230 -3.85 4.69 -4.92
N GLN G 231 -5.16 4.49 -5.06
CA GLN G 231 -5.81 3.26 -4.56
C GLN G 231 -5.96 2.27 -5.69
N VAL G 232 -5.63 2.70 -6.90
CA VAL G 232 -5.76 1.86 -8.08
C VAL G 232 -4.50 1.88 -8.94
N ARG G 233 -4.22 0.72 -9.53
CA ARG G 233 -3.06 0.54 -10.40
C ARG G 233 -3.50 0.89 -11.81
N ILE G 234 -3.49 2.18 -12.12
CA ILE G 234 -3.91 2.64 -13.44
C ILE G 234 -3.06 2.03 -14.55
N ASP G 235 -3.60 1.02 -15.22
CA ASP G 235 -2.91 0.34 -16.32
C ASP G 235 -2.80 1.16 -17.60
N GLN G 236 -3.60 2.20 -17.73
CA GLN G 236 -3.56 3.04 -18.92
C GLN G 236 -4.52 4.24 -18.80
N THR G 237 -4.19 5.33 -19.48
CA THR G 237 -5.02 6.53 -19.45
C THR G 237 -5.28 7.02 -20.88
N LEU G 238 -6.48 6.74 -21.38
CA LEU G 238 -6.88 7.12 -22.73
C LEU G 238 -7.62 8.44 -22.85
N THR G 239 -7.29 9.19 -23.89
CA THR G 239 -7.92 10.48 -24.13
C THR G 239 -8.77 10.40 -25.39
N ILE G 240 -10.09 10.30 -25.21
CA ILE G 240 -11.01 10.18 -26.34
C ILE G 240 -11.43 11.52 -26.97
N ALA G 241 -11.41 11.57 -28.30
CA ALA G 241 -11.80 12.78 -29.01
C ALA G 241 -13.31 13.02 -28.86
N ASP G 242 -13.71 14.28 -28.99
CA ASP G 242 -15.12 14.65 -28.85
C ASP G 242 -16.00 13.93 -29.85
N ASN G 243 -15.62 13.99 -31.12
CA ASN G 243 -16.37 13.36 -32.21
C ASN G 243 -16.53 11.86 -32.00
N ASP G 244 -15.51 11.24 -31.44
CA ASP G 244 -15.54 9.82 -31.17
C ASP G 244 -16.69 9.51 -30.25
N ALA G 245 -16.65 10.10 -29.06
CA ALA G 245 -17.67 9.92 -28.05
C ALA G 245 -19.07 10.15 -28.60
N PHE G 246 -19.27 11.31 -29.21
CA PHE G 246 -20.58 11.65 -29.75
C PHE G 246 -21.00 10.70 -30.86
N ALA G 247 -20.04 10.29 -31.68
CA ALA G 247 -20.31 9.38 -32.77
C ALA G 247 -20.95 8.12 -32.20
N GLN G 248 -20.45 7.69 -31.04
CA GLN G 248 -20.96 6.51 -30.38
C GLN G 248 -22.36 6.75 -29.79
N VAL G 249 -22.60 7.96 -29.29
CA VAL G 249 -23.90 8.28 -28.71
C VAL G 249 -24.96 8.14 -29.79
N ARG G 250 -24.59 8.52 -31.00
CA ARG G 250 -25.48 8.46 -32.16
C ARG G 250 -25.76 7.02 -32.58
N HIS G 251 -24.69 6.25 -32.80
CA HIS G 251 -24.81 4.86 -33.21
C HIS G 251 -25.65 4.01 -32.27
N LEU G 252 -25.26 3.96 -31.00
CA LEU G 252 -25.96 3.17 -30.00
C LEU G 252 -27.44 3.49 -29.92
N ALA G 253 -27.81 4.72 -30.28
CA ALA G 253 -29.20 5.13 -30.23
C ALA G 253 -29.97 4.76 -31.50
N ARG G 254 -29.25 4.73 -32.63
CA ARG G 254 -29.85 4.39 -33.92
C ARG G 254 -29.76 2.92 -34.30
N ASP G 255 -28.91 2.16 -33.60
CA ASP G 255 -28.75 0.75 -33.94
C ASP G 255 -29.13 -0.25 -32.85
N HIS G 256 -29.23 0.20 -31.60
CA HIS G 256 -29.58 -0.73 -30.53
C HIS G 256 -30.44 -0.10 -29.44
N GLY G 257 -31.13 0.98 -29.79
CA GLY G 257 -32.01 1.66 -28.84
C GLY G 257 -31.40 2.05 -27.51
N LEU G 258 -30.21 2.64 -27.56
CA LEU G 258 -29.52 3.06 -26.35
C LEU G 258 -29.36 4.58 -26.28
N LEU G 259 -30.00 5.18 -25.28
CA LEU G 259 -29.93 6.62 -25.09
C LEU G 259 -28.86 6.89 -24.03
N ILE G 260 -27.63 7.12 -24.48
CA ILE G 260 -26.51 7.37 -23.57
C ILE G 260 -25.91 8.77 -23.65
N GLY G 261 -25.44 9.28 -22.51
CA GLY G 261 -24.84 10.60 -22.50
C GLY G 261 -23.48 10.58 -23.16
N SER G 262 -22.88 11.75 -23.37
CA SER G 262 -21.57 11.84 -24.02
C SER G 262 -20.49 11.11 -23.22
N SER G 263 -20.57 11.20 -21.89
CA SER G 263 -19.60 10.51 -21.02
C SER G 263 -19.64 9.03 -21.32
N SER G 264 -20.85 8.50 -21.49
CA SER G 264 -21.06 7.09 -21.79
C SER G 264 -20.50 6.75 -23.17
N GLY G 265 -20.60 7.70 -24.10
CA GLY G 265 -20.08 7.49 -25.44
C GLY G 265 -18.57 7.42 -25.41
N ALA G 266 -17.94 8.36 -24.73
CA ALA G 266 -16.48 8.39 -24.62
C ALA G 266 -16.00 7.08 -24.02
N ALA G 267 -16.76 6.58 -23.04
CA ALA G 267 -16.41 5.34 -22.39
C ALA G 267 -16.39 4.20 -23.41
N LEU G 268 -17.48 4.06 -24.16
CA LEU G 268 -17.55 3.00 -25.17
C LEU G 268 -16.40 3.15 -26.14
N ALA G 269 -16.23 4.36 -26.66
CA ALA G 269 -15.15 4.64 -27.59
C ALA G 269 -13.87 4.04 -27.04
N ALA G 270 -13.53 4.43 -25.81
CA ALA G 270 -12.33 3.96 -25.12
C ALA G 270 -12.35 2.44 -24.92
N SER G 271 -13.48 1.93 -24.46
CA SER G 271 -13.61 0.50 -24.23
C SER G 271 -13.28 -0.29 -25.50
N LEU G 272 -13.78 0.20 -26.65
CA LEU G 272 -13.55 -0.44 -27.94
C LEU G 272 -12.10 -0.32 -28.39
N GLN G 273 -11.48 0.82 -28.09
CA GLN G 273 -10.09 1.06 -28.45
C GLN G 273 -9.18 0.07 -27.71
N LEU G 274 -9.50 -0.17 -26.44
CA LEU G 274 -8.73 -1.08 -25.60
C LEU G 274 -8.89 -2.54 -26.01
N ALA G 275 -9.95 -2.84 -26.74
CA ALA G 275 -10.19 -4.20 -27.18
C ALA G 275 -9.16 -4.63 -28.21
N THR G 276 -8.60 -3.67 -28.95
CA THR G 276 -7.61 -3.99 -29.97
C THR G 276 -6.24 -4.40 -29.39
N ASN G 277 -5.84 -3.82 -28.26
CA ASN G 277 -4.56 -4.20 -27.64
C ASN G 277 -4.85 -5.14 -26.48
N LEU G 278 -5.90 -5.94 -26.61
CA LEU G 278 -6.25 -6.90 -25.57
C LEU G 278 -6.49 -8.28 -26.14
N PRO G 279 -6.06 -9.34 -25.42
CA PRO G 279 -6.24 -10.73 -25.86
C PRO G 279 -7.61 -11.00 -26.47
N ALA G 280 -7.67 -12.00 -27.34
CA ALA G 280 -8.91 -12.38 -27.98
C ALA G 280 -9.85 -12.91 -26.92
N ASN G 281 -11.14 -12.95 -27.24
CA ASN G 281 -12.19 -13.42 -26.34
C ASN G 281 -12.02 -12.90 -24.90
N SER G 282 -11.72 -11.61 -24.80
CA SER G 282 -11.54 -10.97 -23.49
C SER G 282 -12.89 -10.48 -22.95
N HIS G 283 -12.87 -9.92 -21.74
CA HIS G 283 -14.07 -9.40 -21.09
C HIS G 283 -13.90 -8.02 -20.42
N ILE G 284 -14.30 -6.97 -21.15
CA ILE G 284 -14.19 -5.58 -20.68
C ILE G 284 -15.47 -5.07 -20.05
N VAL G 285 -15.35 -4.29 -18.98
CA VAL G 285 -16.52 -3.73 -18.30
C VAL G 285 -16.39 -2.22 -18.22
N THR G 286 -17.49 -1.53 -18.48
CA THR G 286 -17.49 -0.07 -18.45
C THR G 286 -18.78 0.49 -17.82
N ILE G 287 -18.89 1.81 -17.73
CA ILE G 287 -20.06 2.41 -17.11
C ILE G 287 -20.67 3.59 -17.86
N PHE G 288 -21.96 3.46 -18.17
CA PHE G 288 -22.72 4.51 -18.86
C PHE G 288 -23.45 5.25 -17.74
N PRO G 289 -22.87 6.38 -17.29
CA PRO G 289 -23.36 7.25 -16.21
C PRO G 289 -24.77 7.86 -16.34
N ASP G 290 -25.12 8.31 -17.53
CA ASP G 290 -26.44 8.91 -17.71
C ASP G 290 -26.99 8.90 -19.14
N SER G 291 -28.28 9.20 -19.26
CA SER G 291 -29.00 9.22 -20.54
C SER G 291 -28.67 10.42 -21.44
N SER G 292 -28.89 10.26 -22.74
CA SER G 292 -28.63 11.34 -23.69
C SER G 292 -29.77 12.35 -23.63
N GLU G 293 -30.88 11.92 -23.04
CA GLU G 293 -32.07 12.77 -22.89
C GLU G 293 -31.70 13.95 -22.00
N ARG G 294 -30.66 13.77 -21.20
CA ARG G 294 -30.17 14.78 -20.29
C ARG G 294 -29.36 15.85 -21.00
N TYR G 295 -29.07 15.63 -22.27
CA TYR G 295 -28.29 16.59 -23.05
C TYR G 295 -29.00 16.91 -24.35
N LEU G 296 -30.34 16.92 -24.31
CA LEU G 296 -31.14 17.22 -25.49
C LEU G 296 -31.04 18.71 -25.81
N SER G 297 -30.96 19.52 -24.76
CA SER G 297 -30.84 20.97 -24.90
C SER G 297 -29.56 21.38 -25.61
N GLN G 298 -28.56 20.52 -25.63
CA GLN G 298 -27.29 20.85 -26.28
C GLN G 298 -27.16 20.21 -27.66
N LYS G 299 -28.27 19.71 -28.20
CA LYS G 299 -28.26 19.07 -29.52
C LYS G 299 -27.18 17.97 -29.55
N ILE G 300 -27.27 17.05 -28.58
CA ILE G 300 -26.31 15.95 -28.45
C ILE G 300 -26.31 15.01 -29.66
N TYR G 301 -27.49 14.74 -30.22
CA TYR G 301 -27.58 13.83 -31.35
C TYR G 301 -27.25 14.48 -32.69
N THR G 302 -26.94 15.76 -32.68
CA THR G 302 -26.59 16.48 -33.92
C THR G 302 -25.11 16.30 -34.23
N LYS G 303 -24.72 16.51 -35.48
CA LYS G 303 -23.33 16.34 -35.91
C LYS G 303 -22.44 17.61 -35.92
N MET H 1 -28.39 -7.98 -12.48
CA MET H 1 -29.10 -8.41 -13.72
C MET H 1 -28.27 -8.17 -15.00
N LEU H 2 -28.08 -9.22 -15.78
CA LEU H 2 -27.32 -9.11 -17.03
C LEU H 2 -28.29 -9.19 -18.19
N ILE H 3 -28.23 -8.23 -19.09
CA ILE H 3 -29.12 -8.19 -20.24
C ILE H 3 -28.39 -8.11 -21.59
N GLN H 4 -29.01 -8.61 -22.64
CA GLN H 4 -28.40 -8.63 -23.97
C GLN H 4 -28.86 -7.50 -24.89
N HIS H 5 -30.15 -7.17 -24.81
CA HIS H 5 -30.75 -6.10 -25.61
C HIS H 5 -31.65 -5.28 -24.70
N VAL H 6 -31.80 -4.00 -25.04
CA VAL H 6 -32.60 -3.07 -24.24
C VAL H 6 -34.05 -3.55 -23.95
N GLN H 7 -34.60 -4.31 -24.91
CA GLN H 7 -35.96 -4.83 -24.79
C GLN H 7 -36.21 -5.58 -23.49
N GLU H 8 -35.17 -6.19 -22.95
CA GLU H 8 -35.33 -6.97 -21.74
C GLU H 8 -35.62 -6.11 -20.52
N LEU H 9 -35.56 -4.80 -20.68
CA LEU H 9 -35.81 -3.91 -19.55
C LEU H 9 -37.26 -3.39 -19.49
N ILE H 10 -38.01 -3.62 -20.56
CA ILE H 10 -39.41 -3.20 -20.63
C ILE H 10 -40.24 -3.90 -19.55
N GLY H 11 -41.04 -3.15 -18.83
CA GLY H 11 -41.86 -3.76 -17.81
C GLY H 11 -41.14 -4.17 -16.54
N HIS H 12 -41.88 -4.81 -15.65
CA HIS H 12 -41.40 -5.26 -14.35
C HIS H 12 -40.98 -4.03 -13.55
N THR H 13 -41.66 -2.91 -13.85
CA THR H 13 -41.44 -1.60 -13.21
C THR H 13 -41.80 -1.67 -11.74
N PRO H 14 -41.34 -0.70 -10.93
CA PRO H 14 -41.65 -0.73 -9.50
C PRO H 14 -43.04 -0.23 -9.10
N LEU H 15 -43.50 -0.71 -7.95
CA LEU H 15 -44.78 -0.32 -7.39
C LEU H 15 -44.45 0.39 -6.10
N MET H 16 -44.78 1.68 -6.03
CA MET H 16 -44.48 2.49 -4.86
C MET H 16 -45.66 2.98 -4.03
N ALA H 17 -45.67 2.57 -2.77
CA ALA H 17 -46.68 2.98 -1.81
C ALA H 17 -46.30 4.40 -1.42
N LEU H 18 -46.72 5.37 -2.23
CA LEU H 18 -46.42 6.79 -2.01
C LEU H 18 -46.46 7.16 -0.52
N PRO H 19 -45.36 7.73 0.00
CA PRO H 19 -45.28 8.15 1.40
C PRO H 19 -45.89 9.53 1.62
N ILE H 20 -47.15 9.68 1.21
CA ILE H 20 -47.85 10.95 1.35
C ILE H 20 -49.10 10.89 2.22
N GLU H 21 -49.72 12.05 2.40
CA GLU H 21 -50.93 12.16 3.21
C GLU H 21 -52.12 11.74 2.37
N VAL H 22 -52.83 10.71 2.83
CA VAL H 22 -54.00 10.20 2.12
C VAL H 22 -55.25 10.29 3.00
N PRO H 23 -56.37 10.77 2.42
CA PRO H 23 -57.64 10.90 3.16
C PRO H 23 -58.15 9.56 3.69
N ASN H 24 -58.69 9.60 4.91
CA ASN H 24 -59.25 8.43 5.56
C ASN H 24 -58.21 7.36 5.90
N HIS H 25 -56.95 7.78 6.03
CA HIS H 25 -55.87 6.87 6.36
C HIS H 25 -55.82 5.63 5.46
N SER H 26 -55.98 5.88 4.17
CA SER H 26 -55.94 4.84 3.14
C SER H 26 -54.54 4.90 2.49
N HIS H 27 -54.31 4.11 1.46
CA HIS H 27 -53.00 4.13 0.80
C HIS H 27 -53.16 4.14 -0.72
N ILE H 28 -52.27 4.87 -1.40
CA ILE H 28 -52.28 4.92 -2.86
C ILE H 28 -50.95 4.37 -3.39
N TYR H 29 -51.04 3.37 -4.28
CA TYR H 29 -49.85 2.75 -4.85
C TYR H 29 -49.69 3.14 -6.32
N ALA H 30 -48.49 3.56 -6.70
CA ALA H 30 -48.24 3.97 -8.07
C ALA H 30 -47.12 3.19 -8.78
N LYS H 31 -47.44 2.69 -9.97
CA LYS H 31 -46.49 1.95 -10.78
C LYS H 31 -45.70 3.00 -11.55
N LEU H 32 -44.41 3.10 -11.23
CA LEU H 32 -43.52 4.08 -11.85
C LEU H 32 -43.02 3.59 -13.21
N GLU H 33 -43.81 3.87 -14.24
CA GLU H 33 -43.51 3.43 -15.60
C GLU H 33 -42.49 4.24 -16.39
N MET H 34 -41.83 5.21 -15.76
CA MET H 34 -40.83 6.02 -16.46
C MET H 34 -39.51 5.28 -16.51
N PHE H 35 -39.47 4.15 -15.79
CA PHE H 35 -38.28 3.31 -15.71
C PHE H 35 -38.16 2.28 -16.83
N ASN H 36 -38.94 2.46 -17.90
CA ASN H 36 -38.88 1.54 -19.03
C ASN H 36 -37.77 2.08 -19.91
N PRO H 37 -37.21 1.25 -20.80
CA PRO H 37 -36.12 1.68 -21.70
C PRO H 37 -36.37 3.03 -22.37
N GLY H 38 -37.60 3.21 -22.85
CA GLY H 38 -37.98 4.44 -23.52
C GLY H 38 -38.48 5.51 -22.56
N GLY H 39 -38.57 5.15 -21.28
CA GLY H 39 -39.01 6.10 -20.26
C GLY H 39 -40.51 6.23 -20.06
N SER H 40 -41.30 5.41 -20.74
CA SER H 40 -42.75 5.48 -20.61
C SER H 40 -43.38 4.10 -20.61
N ILE H 41 -44.61 4.01 -20.12
CA ILE H 41 -45.35 2.74 -20.10
C ILE H 41 -45.60 2.37 -21.55
N ALA H 42 -45.45 3.36 -22.43
CA ALA H 42 -45.64 3.20 -23.87
C ALA H 42 -44.73 2.14 -24.48
N ASP H 43 -43.57 1.92 -23.88
CA ASP H 43 -42.65 0.90 -24.38
C ASP H 43 -43.40 -0.43 -24.49
N ARG H 44 -44.09 -0.79 -23.41
CA ARG H 44 -44.87 -2.02 -23.34
C ARG H 44 -45.70 -2.14 -24.61
N LEU H 45 -46.55 -1.14 -24.84
CA LEU H 45 -47.43 -1.09 -26.01
C LEU H 45 -46.68 -1.24 -27.35
N GLY H 46 -45.71 -0.37 -27.59
CA GLY H 46 -44.96 -0.42 -28.84
C GLY H 46 -44.55 -1.82 -29.24
N ALA H 47 -43.99 -2.56 -28.30
CA ALA H 47 -43.54 -3.93 -28.58
C ALA H 47 -44.72 -4.84 -28.91
N TYR H 48 -45.65 -4.98 -27.97
CA TYR H 48 -46.84 -5.83 -28.12
C TYR H 48 -47.63 -5.56 -29.38
N LEU H 49 -47.55 -4.33 -29.87
CA LEU H 49 -48.26 -3.96 -31.07
C LEU H 49 -47.52 -4.53 -32.28
N ILE H 50 -46.20 -4.40 -32.29
CA ILE H 50 -45.42 -4.95 -33.39
C ILE H 50 -45.43 -6.48 -33.33
N GLU H 51 -45.59 -7.02 -32.12
CA GLU H 51 -45.66 -8.46 -31.91
C GLU H 51 -46.94 -8.94 -32.61
N ASP H 52 -48.09 -8.43 -32.16
CA ASP H 52 -49.40 -8.76 -32.72
C ASP H 52 -49.43 -8.53 -34.23
N GLY H 53 -48.80 -7.44 -34.69
CA GLY H 53 -48.76 -7.13 -36.11
C GLY H 53 -48.02 -8.16 -36.94
N LEU H 54 -47.16 -8.94 -36.29
CA LEU H 54 -46.42 -9.98 -37.01
C LEU H 54 -47.16 -11.30 -36.94
N GLN H 55 -47.63 -11.65 -35.75
CA GLN H 55 -48.39 -12.90 -35.54
C GLN H 55 -49.63 -12.94 -36.41
N ARG H 56 -50.21 -11.77 -36.68
CA ARG H 56 -51.41 -11.68 -37.51
C ARG H 56 -50.97 -11.48 -38.95
N GLY H 57 -49.71 -11.83 -39.23
CA GLY H 57 -49.16 -11.72 -40.56
C GLY H 57 -49.47 -10.42 -41.30
N ARG H 58 -49.66 -9.34 -40.57
CA ARG H 58 -49.94 -8.06 -41.21
C ARG H 58 -48.63 -7.27 -41.41
N VAL H 59 -47.55 -7.76 -40.81
CA VAL H 59 -46.24 -7.12 -40.89
C VAL H 59 -45.15 -8.09 -41.37
N ASN H 60 -44.33 -7.62 -42.32
CA ASN H 60 -43.24 -8.42 -42.86
C ASN H 60 -41.97 -7.60 -43.03
N ALA H 61 -40.92 -8.25 -43.52
CA ALA H 61 -39.60 -7.64 -43.73
C ALA H 61 -39.56 -6.21 -44.23
N LYS H 62 -40.26 -5.93 -45.33
CA LYS H 62 -40.24 -4.58 -45.90
C LYS H 62 -41.44 -3.68 -45.59
N THR H 63 -42.29 -4.12 -44.64
CA THR H 63 -43.47 -3.36 -44.23
C THR H 63 -43.02 -2.00 -43.68
N THR H 64 -43.87 -0.98 -43.84
CA THR H 64 -43.57 0.35 -43.32
C THR H 64 -44.62 0.67 -42.27
N ILE H 65 -44.21 0.64 -41.01
CA ILE H 65 -45.13 0.92 -39.91
C ILE H 65 -45.52 2.40 -39.89
N ILE H 66 -46.83 2.64 -39.74
CA ILE H 66 -47.34 4.01 -39.69
C ILE H 66 -48.34 4.06 -38.54
N GLU H 67 -48.26 5.12 -37.75
CA GLU H 67 -49.14 5.25 -36.61
C GLU H 67 -49.21 6.63 -35.99
N PRO H 68 -50.39 7.01 -35.47
CA PRO H 68 -50.64 8.29 -34.81
C PRO H 68 -50.25 8.17 -33.34
N THR H 69 -49.39 9.06 -32.85
CA THR H 69 -48.97 9.02 -31.46
C THR H 69 -48.64 10.38 -30.88
N ALA H 70 -48.79 10.50 -29.56
CA ALA H 70 -48.51 11.73 -28.88
C ALA H 70 -47.00 11.81 -28.63
N GLY H 71 -46.31 10.71 -28.91
CA GLY H 71 -44.87 10.68 -28.72
C GLY H 71 -44.36 9.44 -28.00
N ASN H 72 -44.86 9.20 -26.80
CA ASN H 72 -44.45 8.05 -25.98
C ASN H 72 -44.69 6.72 -26.72
N THR H 73 -45.84 6.58 -27.34
CA THR H 73 -46.16 5.37 -28.10
C THR H 73 -45.26 5.37 -29.34
N GLY H 74 -44.93 6.56 -29.83
CA GLY H 74 -44.06 6.67 -30.99
C GLY H 74 -42.67 6.18 -30.62
N ILE H 75 -42.30 6.40 -29.36
CA ILE H 75 -40.99 5.98 -28.85
C ILE H 75 -41.03 4.46 -28.61
N GLY H 76 -41.93 4.00 -27.75
CA GLY H 76 -42.04 2.58 -27.46
C GLY H 76 -42.13 1.73 -28.71
N LEU H 77 -42.67 2.31 -29.78
CA LEU H 77 -42.81 1.65 -31.06
C LEU H 77 -41.53 1.77 -31.88
N ALA H 78 -40.91 2.94 -31.89
CA ALA H 78 -39.66 3.13 -32.63
C ALA H 78 -38.56 2.21 -32.11
N LEU H 79 -38.72 1.77 -30.86
CA LEU H 79 -37.79 0.87 -30.19
C LEU H 79 -37.99 -0.54 -30.73
N ALA H 80 -39.22 -1.04 -30.60
CA ALA H 80 -39.58 -2.37 -31.07
C ALA H 80 -39.30 -2.57 -32.57
N THR H 81 -39.69 -1.60 -33.41
CA THR H 81 -39.46 -1.69 -34.87
C THR H 81 -37.99 -1.61 -35.21
N GLN H 82 -37.26 -0.82 -34.43
CA GLN H 82 -35.84 -0.69 -34.64
C GLN H 82 -35.22 -2.07 -34.52
N ALA H 83 -35.74 -2.83 -33.56
CA ALA H 83 -35.29 -4.20 -33.28
C ALA H 83 -35.47 -5.17 -34.45
N HIS H 84 -36.58 -5.06 -35.19
CA HIS H 84 -36.85 -5.95 -36.31
C HIS H 84 -36.40 -5.37 -37.66
N HIS H 85 -35.79 -4.17 -37.63
CA HIS H 85 -35.32 -3.48 -38.84
C HIS H 85 -36.45 -2.95 -39.72
N LEU H 86 -37.56 -2.54 -39.10
CA LEU H 86 -38.72 -2.03 -39.83
C LEU H 86 -38.73 -0.51 -39.96
N ARG H 87 -39.07 -0.02 -41.16
CA ARG H 87 -39.14 1.42 -41.44
C ARG H 87 -40.32 1.99 -40.68
N THR H 88 -40.10 3.08 -39.96
CA THR H 88 -41.18 3.68 -39.18
C THR H 88 -41.51 5.13 -39.53
N ILE H 89 -42.82 5.41 -39.53
CA ILE H 89 -43.37 6.74 -39.82
C ILE H 89 -44.44 7.06 -38.77
N LEU H 90 -44.08 7.87 -37.78
CA LEU H 90 -45.00 8.25 -36.71
C LEU H 90 -45.69 9.58 -36.96
N VAL H 91 -47.02 9.57 -36.87
CA VAL H 91 -47.80 10.77 -37.07
C VAL H 91 -48.07 11.40 -35.71
N VAL H 92 -47.48 12.57 -35.44
CA VAL H 92 -47.67 13.26 -34.16
C VAL H 92 -48.06 14.76 -34.25
N PRO H 93 -49.10 15.18 -33.50
CA PRO H 93 -49.60 16.56 -33.47
C PRO H 93 -48.55 17.59 -33.01
N GLU H 94 -48.45 18.67 -33.79
CA GLU H 94 -47.51 19.78 -33.60
C GLU H 94 -47.09 20.29 -32.21
N LYS H 95 -48.06 20.51 -31.33
CA LYS H 95 -47.76 21.06 -30.00
C LYS H 95 -47.38 20.09 -28.89
N PHE H 96 -46.90 18.90 -29.25
CA PHE H 96 -46.51 17.93 -28.24
C PHE H 96 -45.01 17.97 -27.97
N SER H 97 -44.66 17.70 -26.70
CA SER H 97 -43.30 17.68 -26.20
C SER H 97 -42.20 17.56 -27.28
N MET H 98 -41.26 18.51 -27.30
CA MET H 98 -40.16 18.50 -28.28
C MET H 98 -39.23 17.31 -28.09
N GLU H 99 -38.84 17.05 -26.84
CA GLU H 99 -37.95 15.94 -26.53
C GLU H 99 -38.51 14.64 -27.13
N LYS H 100 -39.78 14.33 -26.86
CA LYS H 100 -40.44 13.14 -27.36
C LYS H 100 -40.14 12.96 -28.86
N GLN H 101 -40.23 14.06 -29.59
CA GLN H 101 -39.98 14.05 -31.03
C GLN H 101 -38.51 13.76 -31.34
N VAL H 102 -37.61 14.48 -30.69
CA VAL H 102 -36.18 14.27 -30.92
C VAL H 102 -35.79 12.81 -30.64
N LEU H 103 -36.28 12.29 -29.52
CA LEU H 103 -36.00 10.91 -29.13
C LEU H 103 -36.50 9.99 -30.24
N MET H 104 -37.76 10.17 -30.66
CA MET H 104 -38.34 9.37 -31.73
C MET H 104 -37.46 9.38 -32.99
N GLN H 105 -36.88 10.53 -33.35
CA GLN H 105 -36.03 10.62 -34.53
C GLN H 105 -34.68 9.97 -34.30
N ALA H 106 -34.17 10.16 -33.11
CA ALA H 106 -32.88 9.59 -32.74
C ALA H 106 -32.93 8.07 -32.85
N LEU H 107 -34.05 7.48 -32.43
CA LEU H 107 -34.24 6.03 -32.47
C LEU H 107 -34.39 5.54 -33.92
N GLY H 108 -34.28 6.47 -34.87
CA GLY H 108 -34.39 6.14 -36.28
C GLY H 108 -35.70 6.38 -37.02
N ALA H 109 -36.78 6.71 -36.30
CA ALA H 109 -38.10 6.94 -36.90
C ALA H 109 -38.22 8.17 -37.80
N GLU H 110 -39.35 8.27 -38.51
CA GLU H 110 -39.65 9.40 -39.38
C GLU H 110 -40.95 10.03 -38.87
N ILE H 111 -40.92 11.34 -38.61
CA ILE H 111 -42.08 12.04 -38.09
C ILE H 111 -42.87 12.88 -39.09
N VAL H 112 -44.19 12.85 -38.95
CA VAL H 112 -45.10 13.61 -39.78
C VAL H 112 -45.91 14.46 -38.79
N HIS H 113 -45.97 15.77 -39.05
CA HIS H 113 -46.68 16.71 -38.18
C HIS H 113 -48.03 17.23 -38.70
N THR H 114 -49.11 16.92 -37.98
CA THR H 114 -50.47 17.36 -38.32
C THR H 114 -50.82 18.56 -37.43
N PRO H 115 -51.67 19.50 -37.93
CA PRO H 115 -52.07 20.69 -37.16
C PRO H 115 -52.42 20.42 -35.69
N SER H 116 -51.88 21.27 -34.81
CA SER H 116 -52.07 21.17 -33.35
C SER H 116 -53.54 21.16 -32.93
N GLU H 117 -54.33 21.99 -33.59
CA GLU H 117 -55.76 22.13 -33.35
C GLU H 117 -56.55 20.85 -33.70
N GLU H 118 -56.03 20.10 -34.68
CA GLU H 118 -56.66 18.85 -35.11
C GLU H 118 -56.42 17.76 -34.07
N GLY H 119 -55.30 17.89 -33.35
CA GLY H 119 -54.95 16.94 -32.33
C GLY H 119 -54.75 15.53 -32.82
N ILE H 120 -55.16 14.57 -31.99
CA ILE H 120 -55.06 13.14 -32.29
C ILE H 120 -55.90 12.73 -33.51
N LYS H 121 -57.12 13.28 -33.62
CA LYS H 121 -57.99 12.96 -34.76
C LYS H 121 -57.34 13.39 -36.09
N GLY H 122 -56.65 14.54 -36.09
CA GLY H 122 -55.99 15.03 -37.29
C GLY H 122 -54.76 14.20 -37.62
N ALA H 123 -54.19 13.60 -36.59
CA ALA H 123 -53.03 12.74 -36.76
C ALA H 123 -53.49 11.38 -37.28
N ILE H 124 -54.56 10.83 -36.69
CA ILE H 124 -55.12 9.53 -37.08
C ILE H 124 -55.57 9.56 -38.55
N ARG H 125 -56.21 10.66 -38.95
CA ARG H 125 -56.65 10.80 -40.33
C ARG H 125 -55.42 10.82 -41.25
N LYS H 126 -54.43 11.65 -40.92
CA LYS H 126 -53.21 11.79 -41.71
C LYS H 126 -52.44 10.48 -41.79
N ALA H 127 -52.58 9.66 -40.75
CA ALA H 127 -51.90 8.37 -40.68
C ALA H 127 -52.56 7.37 -41.65
N GLU H 128 -53.88 7.29 -41.60
CA GLU H 128 -54.61 6.37 -42.48
C GLU H 128 -54.44 6.80 -43.92
N ALA H 129 -54.31 8.11 -44.12
CA ALA H 129 -54.13 8.69 -45.44
C ALA H 129 -52.82 8.23 -46.05
N LEU H 130 -51.74 8.35 -45.27
CA LEU H 130 -50.43 7.93 -45.73
C LEU H 130 -50.36 6.40 -45.86
N ALA H 131 -51.17 5.71 -45.06
CA ALA H 131 -51.25 4.24 -45.05
C ALA H 131 -51.83 3.68 -46.35
N ALA H 132 -52.53 4.54 -47.09
CA ALA H 132 -53.13 4.17 -48.36
C ALA H 132 -52.17 4.48 -49.52
N THR H 133 -51.19 5.36 -49.28
CA THR H 133 -50.21 5.76 -50.29
C THR H 133 -48.96 4.89 -50.29
N ILE H 134 -48.93 3.93 -49.36
CA ILE H 134 -47.81 2.99 -49.25
C ILE H 134 -48.43 1.59 -49.30
N SER H 135 -48.12 0.86 -50.37
CA SER H 135 -48.66 -0.49 -50.56
C SER H 135 -48.39 -1.39 -49.36
N ASN H 136 -47.10 -1.53 -49.00
CA ASN H 136 -46.70 -2.35 -47.87
C ASN H 136 -46.63 -1.49 -46.61
N SER H 137 -47.70 -1.50 -45.82
CA SER H 137 -47.77 -0.71 -44.59
C SER H 137 -48.82 -1.25 -43.62
N TYR H 138 -48.58 -1.02 -42.33
CA TYR H 138 -49.49 -1.47 -41.28
C TYR H 138 -49.64 -0.41 -40.21
N VAL H 139 -50.86 0.08 -40.03
CA VAL H 139 -51.12 1.08 -39.01
C VAL H 139 -51.71 0.39 -37.79
N PRO H 140 -50.87 0.14 -36.77
CA PRO H 140 -51.34 -0.52 -35.55
C PRO H 140 -52.67 0.01 -34.99
N MET H 141 -52.88 1.33 -35.11
CA MET H 141 -54.07 2.01 -34.59
C MET H 141 -54.31 1.61 -33.13
N GLN H 142 -53.53 2.22 -32.24
CA GLN H 142 -53.60 1.96 -30.80
C GLN H 142 -54.92 2.39 -30.18
N PHE H 143 -55.61 3.32 -30.84
CA PHE H 143 -56.89 3.84 -30.35
C PHE H 143 -58.08 2.91 -30.63
N LYS H 144 -57.87 1.97 -31.53
CA LYS H 144 -58.92 1.02 -31.88
C LYS H 144 -58.48 -0.44 -31.70
N ASN H 145 -57.24 -0.75 -32.10
CA ASN H 145 -56.68 -2.11 -31.99
C ASN H 145 -56.78 -2.68 -30.57
N PRO H 146 -57.50 -3.83 -30.40
CA PRO H 146 -57.70 -4.50 -29.11
C PRO H 146 -56.43 -5.09 -28.50
N ALA H 147 -55.34 -5.07 -29.26
CA ALA H 147 -54.04 -5.58 -28.82
C ALA H 147 -53.48 -4.59 -27.81
N ASN H 148 -54.02 -3.38 -27.85
CA ASN H 148 -53.61 -2.33 -26.95
C ASN H 148 -53.88 -2.75 -25.50
N PRO H 149 -55.16 -2.88 -25.11
CA PRO H 149 -55.50 -3.29 -23.72
C PRO H 149 -55.01 -4.67 -23.32
N ALA H 150 -54.88 -5.56 -24.29
CA ALA H 150 -54.40 -6.91 -24.04
C ALA H 150 -52.91 -6.82 -23.71
N ALA H 151 -52.27 -5.76 -24.21
CA ALA H 151 -50.85 -5.51 -24.00
C ALA H 151 -50.52 -5.37 -22.52
N TYR H 152 -51.30 -4.57 -21.81
CA TYR H 152 -51.08 -4.37 -20.38
C TYR H 152 -51.80 -5.43 -19.56
N TYR H 153 -52.65 -6.19 -20.24
CA TYR H 153 -53.45 -7.24 -19.62
C TYR H 153 -52.64 -8.39 -18.99
N HIS H 154 -51.66 -8.89 -19.73
CA HIS H 154 -50.82 -10.00 -19.26
C HIS H 154 -49.52 -9.56 -18.56
N THR H 155 -49.16 -8.30 -18.72
CA THR H 155 -47.94 -7.76 -18.11
C THR H 155 -48.27 -6.91 -16.89
N LEU H 156 -48.50 -5.63 -17.16
CA LEU H 156 -48.83 -4.66 -16.12
C LEU H 156 -49.74 -5.20 -15.03
N ALA H 157 -50.93 -5.62 -15.44
CA ALA H 157 -51.96 -6.13 -14.54
C ALA H 157 -51.49 -7.15 -13.50
N PRO H 158 -50.94 -8.30 -13.96
CA PRO H 158 -50.46 -9.33 -13.03
C PRO H 158 -49.37 -8.80 -12.11
N GLU H 159 -48.57 -7.88 -12.64
CA GLU H 159 -47.48 -7.27 -11.89
C GLU H 159 -48.05 -6.55 -10.66
N ILE H 160 -49.06 -5.72 -10.90
CA ILE H 160 -49.69 -4.95 -9.82
C ILE H 160 -50.13 -5.85 -8.68
N LEU H 161 -50.71 -6.98 -9.04
CA LEU H 161 -51.21 -7.98 -8.08
C LEU H 161 -50.09 -8.69 -7.34
N ALA H 162 -48.98 -8.92 -8.04
CA ALA H 162 -47.84 -9.61 -7.44
C ALA H 162 -47.24 -8.83 -6.27
N ASP H 163 -47.14 -7.52 -6.42
CA ASP H 163 -46.55 -6.68 -5.38
C ASP H 163 -47.53 -6.20 -4.32
N MET H 164 -48.77 -5.90 -4.72
CA MET H 164 -49.81 -5.42 -3.80
C MET H 164 -49.85 -6.25 -2.50
N PRO H 165 -49.71 -5.57 -1.33
CA PRO H 165 -49.72 -6.26 -0.04
C PRO H 165 -51.10 -6.47 0.56
N ALA H 166 -52.14 -6.08 -0.18
CA ALA H 166 -53.52 -6.21 0.28
C ALA H 166 -54.50 -6.06 -0.89
N PRO H 167 -55.77 -6.45 -0.68
CA PRO H 167 -56.81 -6.36 -1.73
C PRO H 167 -57.00 -4.97 -2.35
N ILE H 168 -56.85 -4.90 -3.67
CA ILE H 168 -57.01 -3.65 -4.40
C ILE H 168 -58.44 -3.15 -4.30
N THR H 169 -58.66 -2.09 -3.51
CA THR H 169 -59.99 -1.50 -3.33
C THR H 169 -60.50 -0.77 -4.60
N ALA H 170 -59.63 -0.03 -5.26
CA ALA H 170 -60.00 0.69 -6.46
C ALA H 170 -58.77 0.91 -7.33
N PHE H 171 -58.96 1.03 -8.63
CA PHE H 171 -57.85 1.26 -9.54
C PHE H 171 -58.04 2.55 -10.36
N VAL H 172 -57.20 3.54 -10.08
CA VAL H 172 -57.24 4.83 -10.78
C VAL H 172 -56.19 4.85 -11.87
N ALA H 173 -56.60 5.25 -13.08
CA ALA H 173 -55.67 5.31 -14.20
C ALA H 173 -56.05 6.46 -15.12
N GLY H 174 -55.06 6.97 -15.83
CA GLY H 174 -55.32 8.05 -16.76
C GLY H 174 -55.69 7.43 -18.09
N ALA H 175 -56.16 8.23 -19.02
CA ALA H 175 -56.53 7.68 -20.32
C ALA H 175 -56.10 8.59 -21.46
N GLY H 176 -55.36 8.00 -22.40
CA GLY H 176 -54.90 8.73 -23.57
C GLY H 176 -55.54 8.05 -24.76
N SER H 177 -55.36 6.73 -24.83
CA SER H 177 -55.95 5.91 -25.88
C SER H 177 -57.00 5.10 -25.14
N GLY H 178 -56.80 4.95 -23.82
CA GLY H 178 -57.72 4.20 -22.97
C GLY H 178 -57.24 2.80 -22.69
N GLY H 179 -56.36 2.30 -23.56
CA GLY H 179 -55.82 0.96 -23.42
C GLY H 179 -55.40 0.54 -22.03
N THR H 180 -54.46 1.27 -21.44
CA THR H 180 -53.93 0.96 -20.10
C THR H 180 -55.04 0.67 -19.09
N PHE H 181 -55.88 1.66 -18.85
CA PHE H 181 -56.99 1.52 -17.92
C PHE H 181 -57.86 0.31 -18.28
N ALA H 182 -58.30 0.26 -19.54
CA ALA H 182 -59.15 -0.84 -20.03
C ALA H 182 -58.55 -2.20 -19.74
N GLY H 183 -57.35 -2.43 -20.25
CA GLY H 183 -56.68 -3.70 -20.07
C GLY H 183 -56.44 -4.09 -18.62
N VAL H 184 -55.96 -3.14 -17.80
CA VAL H 184 -55.67 -3.40 -16.39
C VAL H 184 -56.92 -3.60 -15.54
N ALA H 185 -57.86 -2.67 -15.62
CA ALA H 185 -59.09 -2.78 -14.85
C ALA H 185 -59.85 -4.02 -15.30
N ALA H 186 -59.79 -4.31 -16.60
CA ALA H 186 -60.46 -5.48 -17.15
C ALA H 186 -59.97 -6.70 -16.39
N TYR H 187 -58.65 -6.82 -16.28
CA TYR H 187 -58.00 -7.93 -15.60
C TYR H 187 -58.28 -7.97 -14.09
N LEU H 188 -58.09 -6.83 -13.43
CA LEU H 188 -58.31 -6.70 -11.99
C LEU H 188 -59.76 -6.94 -11.55
N GLN H 189 -60.71 -6.39 -12.30
CA GLN H 189 -62.13 -6.55 -11.98
C GLN H 189 -62.53 -7.98 -12.23
N ALA H 190 -61.78 -8.65 -13.08
CA ALA H 190 -62.05 -10.04 -13.38
C ALA H 190 -61.30 -10.95 -12.39
N GLN H 191 -60.67 -10.35 -11.38
CA GLN H 191 -59.91 -11.09 -10.35
C GLN H 191 -60.52 -10.82 -8.97
N ASP H 192 -61.36 -9.79 -8.94
CA ASP H 192 -62.07 -9.33 -7.76
C ASP H 192 -63.10 -8.32 -8.27
N SER H 193 -64.39 -8.65 -8.12
CA SER H 193 -65.48 -7.79 -8.57
C SER H 193 -65.52 -6.50 -7.75
N ALA H 194 -64.98 -6.56 -6.53
CA ALA H 194 -64.94 -5.43 -5.61
C ALA H 194 -64.01 -4.28 -6.07
N THR H 195 -63.00 -4.61 -6.88
CA THR H 195 -62.06 -3.58 -7.38
C THR H 195 -62.77 -2.60 -8.32
N LYS H 196 -62.98 -1.39 -7.81
CA LYS H 196 -63.63 -0.33 -8.57
C LYS H 196 -62.67 0.26 -9.60
N ALA H 197 -63.16 0.44 -10.83
CA ALA H 197 -62.37 0.99 -11.91
C ALA H 197 -62.68 2.47 -12.12
N VAL H 198 -61.66 3.31 -12.02
CA VAL H 198 -61.83 4.76 -12.18
C VAL H 198 -60.96 5.29 -13.30
N VAL H 199 -61.55 6.06 -14.22
CA VAL H 199 -60.79 6.65 -15.32
C VAL H 199 -60.50 8.11 -14.98
N VAL H 200 -59.38 8.64 -15.50
CA VAL H 200 -58.99 10.03 -15.24
C VAL H 200 -58.65 10.76 -16.56
N GLU H 201 -59.19 11.96 -16.71
CA GLU H 201 -58.95 12.74 -17.91
C GLU H 201 -58.75 14.19 -17.51
N PRO H 202 -58.04 14.96 -18.34
CA PRO H 202 -57.79 16.38 -18.04
C PRO H 202 -59.01 17.25 -18.30
N GLU H 203 -58.98 18.48 -17.83
CA GLU H 203 -60.07 19.39 -18.13
C GLU H 203 -59.81 19.69 -19.62
N GLY H 204 -60.84 19.53 -20.45
CA GLY H 204 -60.68 19.78 -21.87
C GLY H 204 -60.85 18.49 -22.65
N SER H 205 -61.26 17.46 -21.92
CA SER H 205 -61.48 16.14 -22.47
C SER H 205 -62.98 15.92 -22.60
N ILE H 206 -63.36 15.01 -23.49
CA ILE H 206 -64.76 14.70 -23.77
C ILE H 206 -65.41 13.64 -22.87
N LEU H 207 -64.61 12.81 -22.19
CA LEU H 207 -65.10 11.73 -21.32
C LEU H 207 -66.17 12.08 -20.27
N ASN H 208 -66.33 13.36 -19.96
CA ASN H 208 -67.36 13.80 -19.00
C ASN H 208 -68.29 14.85 -19.60
N GLY H 209 -68.35 14.87 -20.94
CA GLY H 209 -69.21 15.80 -21.64
C GLY H 209 -68.66 17.21 -21.73
N GLY H 210 -67.62 17.51 -20.96
CA GLY H 210 -67.04 18.84 -20.99
C GLY H 210 -66.77 19.31 -22.41
N PRO H 211 -66.61 20.62 -22.62
CA PRO H 211 -66.35 21.11 -23.98
C PRO H 211 -64.98 20.60 -24.42
N ALA H 212 -64.77 20.50 -25.73
CA ALA H 212 -63.48 20.02 -26.22
C ALA H 212 -62.48 21.15 -26.43
N HIS H 213 -61.42 21.16 -25.62
CA HIS H 213 -60.37 22.18 -25.71
C HIS H 213 -59.01 21.62 -25.33
N ALA H 214 -57.96 22.35 -25.70
CA ALA H 214 -56.59 21.94 -25.41
C ALA H 214 -56.30 22.06 -23.91
N HIS H 215 -55.52 21.10 -23.39
CA HIS H 215 -55.15 21.11 -21.97
C HIS H 215 -53.61 21.10 -21.85
N ARG H 216 -53.09 21.62 -20.74
CA ARG H 216 -51.66 21.66 -20.50
C ARG H 216 -51.12 20.27 -20.15
N THR H 217 -51.85 19.54 -19.31
CA THR H 217 -51.46 18.19 -18.90
C THR H 217 -51.27 17.41 -20.21
N GLU H 218 -50.19 16.62 -20.30
CA GLU H 218 -49.92 15.86 -21.52
C GLU H 218 -49.80 14.35 -21.35
N GLY H 219 -50.34 13.63 -22.33
CA GLY H 219 -50.33 12.19 -22.32
C GLY H 219 -51.74 11.63 -22.36
N ILE H 220 -52.58 12.08 -21.43
CA ILE H 220 -53.97 11.62 -21.38
C ILE H 220 -54.89 12.65 -22.08
N GLY H 221 -56.20 12.42 -22.00
CA GLY H 221 -57.15 13.30 -22.65
C GLY H 221 -57.74 12.56 -23.84
N VAL H 222 -59.06 12.67 -24.06
CA VAL H 222 -59.73 11.97 -25.16
C VAL H 222 -60.56 12.88 -26.09
N GLU H 223 -60.53 12.57 -27.39
CA GLU H 223 -61.29 13.33 -28.37
C GLU H 223 -62.47 12.54 -28.93
N PHE H 224 -62.73 11.40 -28.30
CA PHE H 224 -63.84 10.50 -28.66
C PHE H 224 -63.74 9.39 -27.63
N ILE H 225 -64.89 8.92 -27.15
CA ILE H 225 -64.91 7.86 -26.14
C ILE H 225 -64.23 6.56 -26.64
N PRO H 226 -63.08 6.18 -26.02
CA PRO H 226 -62.34 4.96 -26.39
C PRO H 226 -63.17 3.67 -26.48
N PRO H 227 -63.04 2.94 -27.60
CA PRO H 227 -63.80 1.69 -27.78
C PRO H 227 -63.62 0.60 -26.72
N PHE H 228 -62.40 0.44 -26.23
CA PHE H 228 -62.07 -0.59 -25.23
C PHE H 228 -62.78 -0.50 -23.86
N PHE H 229 -63.60 0.53 -23.65
CA PHE H 229 -64.27 0.71 -22.36
C PHE H 229 -65.41 -0.23 -22.02
N ASP H 230 -65.76 -1.10 -22.96
CA ASP H 230 -66.84 -2.06 -22.77
C ASP H 230 -66.40 -3.35 -22.08
N GLN H 231 -65.11 -3.44 -21.75
CA GLN H 231 -64.57 -4.61 -21.07
C GLN H 231 -64.35 -4.32 -19.58
N VAL H 232 -64.66 -3.09 -19.17
CA VAL H 232 -64.51 -2.66 -17.78
C VAL H 232 -65.73 -1.89 -17.25
N ARG H 233 -66.09 -2.19 -16.01
CA ARG H 233 -67.22 -1.58 -15.33
C ARG H 233 -66.75 -0.23 -14.77
N ILE H 234 -66.86 0.83 -15.57
CA ILE H 234 -66.44 2.17 -15.16
C ILE H 234 -67.24 2.63 -13.94
N ASP H 235 -66.63 2.55 -12.75
CA ASP H 235 -67.27 2.94 -11.49
C ASP H 235 -67.33 4.45 -11.25
N GLN H 236 -66.61 5.21 -12.07
CA GLN H 236 -66.57 6.67 -11.95
C GLN H 236 -65.62 7.31 -12.94
N THR H 237 -65.97 8.48 -13.45
CA THR H 237 -65.13 9.18 -14.40
C THR H 237 -64.83 10.58 -13.83
N LEU H 238 -63.58 10.76 -13.39
CA LEU H 238 -63.08 12.00 -12.80
C LEU H 238 -62.28 12.92 -13.75
N THR H 239 -62.61 14.20 -13.75
CA THR H 239 -61.88 15.14 -14.58
C THR H 239 -61.06 16.03 -13.62
N ILE H 240 -59.74 15.94 -13.76
CA ILE H 240 -58.80 16.70 -12.92
C ILE H 240 -58.37 18.02 -13.59
N ALA H 241 -58.30 19.08 -12.79
CA ALA H 241 -57.90 20.41 -13.28
C ALA H 241 -56.39 20.48 -13.57
N ASP H 242 -56.00 21.27 -14.56
CA ASP H 242 -54.58 21.43 -14.93
C ASP H 242 -53.68 21.76 -13.74
N ASN H 243 -54.11 22.75 -12.96
CA ASN H 243 -53.38 23.20 -11.77
C ASN H 243 -53.25 22.09 -10.74
N ASP H 244 -54.28 21.26 -10.64
CA ASP H 244 -54.28 20.14 -9.69
C ASP H 244 -53.16 19.13 -9.97
N ALA H 245 -53.01 18.77 -11.24
CA ALA H 245 -51.98 17.80 -11.67
C ALA H 245 -50.56 18.37 -11.54
N PHE H 246 -50.32 19.55 -12.12
CA PHE H 246 -49.00 20.17 -12.06
C PHE H 246 -48.55 20.48 -10.63
N ALA H 247 -49.52 20.78 -9.78
CA ALA H 247 -49.24 21.07 -8.39
C ALA H 247 -48.68 19.81 -7.75
N GLN H 248 -49.21 18.66 -8.17
CA GLN H 248 -48.76 17.37 -7.65
C GLN H 248 -47.37 17.07 -8.21
N VAL H 249 -47.14 17.50 -9.45
CA VAL H 249 -45.85 17.28 -10.11
C VAL H 249 -44.77 17.95 -9.27
N ARG H 250 -45.01 19.21 -8.97
CA ARG H 250 -44.08 19.98 -8.17
C ARG H 250 -43.91 19.35 -6.80
N HIS H 251 -45.01 19.11 -6.08
CA HIS H 251 -45.00 18.54 -4.72
C HIS H 251 -44.20 17.25 -4.54
N LEU H 252 -44.48 16.27 -5.38
CA LEU H 252 -43.79 15.00 -5.29
C LEU H 252 -42.30 15.17 -5.52
N ALA H 253 -41.96 16.05 -6.46
CA ALA H 253 -40.56 16.33 -6.80
C ALA H 253 -39.77 17.10 -5.71
N ARG H 254 -40.44 18.01 -5.00
CA ARG H 254 -39.77 18.77 -3.95
C ARG H 254 -39.95 18.18 -2.55
N ASP H 255 -40.76 17.14 -2.42
CA ASP H 255 -41.00 16.54 -1.11
C ASP H 255 -40.70 15.04 -1.02
N HIS H 256 -40.76 14.34 -2.14
CA HIS H 256 -40.49 12.90 -2.13
C HIS H 256 -39.66 12.39 -3.32
N GLY H 257 -38.86 13.29 -3.89
CA GLY H 257 -37.97 12.96 -4.99
C GLY H 257 -38.57 12.24 -6.18
N LEU H 258 -39.84 12.50 -6.48
CA LEU H 258 -40.44 11.84 -7.62
C LEU H 258 -40.58 12.77 -8.80
N LEU H 259 -39.92 12.40 -9.89
CA LEU H 259 -39.98 13.19 -11.11
C LEU H 259 -41.02 12.62 -12.05
N ILE H 260 -42.27 13.03 -11.86
CA ILE H 260 -43.41 12.56 -12.67
C ILE H 260 -43.92 13.59 -13.66
N GLY H 261 -44.45 13.11 -14.79
CA GLY H 261 -44.99 14.01 -15.80
C GLY H 261 -46.43 14.41 -15.45
N SER H 262 -46.96 15.39 -16.19
CA SER H 262 -48.31 15.91 -15.99
C SER H 262 -49.35 14.80 -15.76
N SER H 263 -49.33 13.84 -16.68
CA SER H 263 -50.21 12.71 -16.64
C SER H 263 -50.24 12.03 -15.27
N SER H 264 -49.05 11.74 -14.74
CA SER H 264 -48.93 11.07 -13.43
C SER H 264 -49.48 11.91 -12.28
N GLY H 265 -49.46 13.23 -12.46
CA GLY H 265 -49.98 14.10 -11.42
C GLY H 265 -51.49 14.06 -11.45
N ALA H 266 -52.03 14.19 -12.66
CA ALA H 266 -53.47 14.16 -12.87
C ALA H 266 -54.00 12.89 -12.21
N ALA H 267 -53.26 11.80 -12.37
CA ALA H 267 -53.63 10.53 -11.79
C ALA H 267 -53.65 10.59 -10.26
N LEU H 268 -52.58 11.13 -9.66
CA LEU H 268 -52.49 11.25 -8.20
C LEU H 268 -53.61 12.12 -7.67
N ALA H 269 -53.78 13.29 -8.29
CA ALA H 269 -54.84 14.23 -7.89
C ALA H 269 -56.14 13.45 -7.79
N ALA H 270 -56.47 12.74 -8.87
CA ALA H 270 -57.67 11.94 -8.97
C ALA H 270 -57.70 10.87 -7.91
N SER H 271 -56.54 10.25 -7.68
CA SER H 271 -56.42 9.18 -6.69
C SER H 271 -56.73 9.66 -5.25
N LEU H 272 -56.11 10.76 -4.84
CA LEU H 272 -56.32 11.32 -3.49
C LEU H 272 -57.77 11.81 -3.32
N GLN H 273 -58.37 12.23 -4.44
CA GLN H 273 -59.74 12.73 -4.49
C GLN H 273 -60.75 11.63 -4.20
N LEU H 274 -60.48 10.45 -4.73
CA LEU H 274 -61.34 9.30 -4.52
C LEU H 274 -61.17 8.73 -3.11
N ALA H 275 -60.01 8.96 -2.49
CA ALA H 275 -59.73 8.44 -1.14
C ALA H 275 -60.66 9.04 -0.09
N THR H 276 -61.40 10.09 -0.45
CA THR H 276 -62.33 10.73 0.47
C THR H 276 -63.73 10.08 0.43
N ASN H 277 -64.14 9.56 -0.74
CA ASN H 277 -65.43 8.89 -0.89
C ASN H 277 -65.21 7.36 -0.90
N LEU H 278 -64.18 6.93 -0.19
CA LEU H 278 -63.84 5.51 -0.10
C LEU H 278 -63.62 5.16 1.35
N PRO H 279 -63.96 3.92 1.74
CA PRO H 279 -63.79 3.49 3.13
C PRO H 279 -62.41 3.81 3.71
N ALA H 280 -62.31 3.73 5.05
CA ALA H 280 -61.07 3.98 5.76
C ALA H 280 -60.13 2.80 5.52
N ASN H 281 -58.83 3.04 5.64
CA ASN H 281 -57.82 2.01 5.43
C ASN H 281 -58.02 1.23 4.12
N SER H 282 -58.40 1.97 3.07
CA SER H 282 -58.62 1.43 1.74
C SER H 282 -57.27 1.26 1.06
N HIS H 283 -57.27 0.69 -0.14
CA HIS H 283 -56.03 0.51 -0.88
C HIS H 283 -56.26 0.85 -2.35
N ILE H 284 -55.77 2.02 -2.78
CA ILE H 284 -55.93 2.48 -4.16
C ILE H 284 -54.63 2.34 -4.98
N VAL H 285 -54.77 1.90 -6.22
CA VAL H 285 -53.63 1.71 -7.12
C VAL H 285 -53.80 2.64 -8.33
N THR H 286 -52.70 3.16 -8.85
CA THR H 286 -52.74 4.03 -10.00
C THR H 286 -51.43 3.92 -10.79
N ILE H 287 -51.37 4.59 -11.94
CA ILE H 287 -50.17 4.49 -12.77
C ILE H 287 -49.53 5.81 -13.18
N PHE H 288 -48.23 5.97 -12.88
CA PHE H 288 -47.46 7.17 -13.25
C PHE H 288 -46.74 6.83 -14.58
N PRO H 289 -47.35 7.18 -15.71
CA PRO H 289 -46.84 6.93 -17.06
C PRO H 289 -45.44 7.36 -17.41
N ASP H 290 -45.02 8.55 -17.02
CA ASP H 290 -43.66 8.96 -17.36
C ASP H 290 -42.99 10.03 -16.48
N SER H 291 -41.70 10.25 -16.71
CA SER H 291 -40.92 11.23 -15.95
C SER H 291 -41.15 12.67 -16.42
N SER H 292 -41.00 13.60 -15.48
CA SER H 292 -41.18 15.01 -15.73
C SER H 292 -40.01 15.57 -16.53
N GLU H 293 -38.98 14.75 -16.67
CA GLU H 293 -37.79 15.15 -17.41
C GLU H 293 -38.15 15.21 -18.89
N ARG H 294 -39.24 14.55 -19.24
CA ARG H 294 -39.71 14.50 -20.63
C ARG H 294 -40.45 15.78 -21.00
N TYR H 295 -40.78 16.58 -19.99
CA TYR H 295 -41.50 17.84 -20.19
C TYR H 295 -40.73 19.02 -19.61
N LEU H 296 -39.43 19.05 -19.87
CA LEU H 296 -38.57 20.12 -19.38
C LEU H 296 -38.48 21.29 -20.35
N SER H 297 -38.85 21.07 -21.61
CA SER H 297 -38.83 22.16 -22.57
C SER H 297 -40.11 23.01 -22.39
N GLN H 298 -41.09 22.45 -21.68
CA GLN H 298 -42.35 23.13 -21.43
C GLN H 298 -42.43 23.69 -20.00
N LYS H 299 -41.28 23.78 -19.34
CA LYS H 299 -41.20 24.28 -17.97
C LYS H 299 -42.25 23.63 -17.08
N ILE H 300 -42.33 22.31 -17.12
CA ILE H 300 -43.29 21.55 -16.33
C ILE H 300 -43.27 21.89 -14.84
N TYR H 301 -42.15 22.41 -14.35
CA TYR H 301 -42.05 22.71 -12.94
C TYR H 301 -42.41 24.16 -12.53
N THR H 302 -42.65 25.01 -13.54
CA THR H 302 -43.04 26.41 -13.30
C THR H 302 -44.51 26.48 -12.86
N LYS H 303 -44.98 27.68 -12.52
CA LYS H 303 -46.37 27.85 -12.08
C LYS H 303 -47.22 28.67 -13.06
#